data_2PDE
# 
_entry.id   2PDE 
# 
_audit_conform.dict_name       mmcif_pdbx.dic 
_audit_conform.dict_version    5.391 
_audit_conform.dict_location   http://mmcif.pdb.org/dictionaries/ascii/mmcif_pdbx.dic 
# 
loop_
_database_2.database_id 
_database_2.database_code 
_database_2.pdbx_database_accession 
_database_2.pdbx_DOI 
PDB   2PDE         pdb_00002pde 10.2210/pdb2pde/pdb 
WWPDB D_1000178453 ?            ?                   
# 
loop_
_pdbx_audit_revision_history.ordinal 
_pdbx_audit_revision_history.data_content_type 
_pdbx_audit_revision_history.major_revision 
_pdbx_audit_revision_history.minor_revision 
_pdbx_audit_revision_history.revision_date 
1 'Structure model' 1 0 1994-12-20 
2 'Structure model' 1 1 2008-03-24 
3 'Structure model' 1 2 2011-07-13 
4 'Structure model' 1 3 2011-11-09 
5 'Structure model' 1 4 2017-11-29 
6 'Structure model' 1 5 2024-05-01 
# 
_pdbx_audit_revision_details.ordinal             1 
_pdbx_audit_revision_details.revision_ordinal    1 
_pdbx_audit_revision_details.data_content_type   'Structure model' 
_pdbx_audit_revision_details.provider            repository 
_pdbx_audit_revision_details.type                'Initial release' 
_pdbx_audit_revision_details.description         ? 
_pdbx_audit_revision_details.details             ? 
# 
loop_
_pdbx_audit_revision_group.ordinal 
_pdbx_audit_revision_group.revision_ordinal 
_pdbx_audit_revision_group.data_content_type 
_pdbx_audit_revision_group.group 
1 2 'Structure model' 'Version format compliance' 
2 3 'Structure model' 'Version format compliance' 
3 4 'Structure model' Advisory                    
4 5 'Structure model' 'Derived calculations'      
5 5 'Structure model' Other                       
6 6 'Structure model' 'Data collection'           
7 6 'Structure model' 'Database references'       
# 
loop_
_pdbx_audit_revision_category.ordinal 
_pdbx_audit_revision_category.revision_ordinal 
_pdbx_audit_revision_category.data_content_type 
_pdbx_audit_revision_category.category 
1 5 'Structure model' pdbx_database_status 
2 5 'Structure model' struct_conf          
3 5 'Structure model' struct_conf_type     
4 6 'Structure model' chem_comp_atom       
5 6 'Structure model' chem_comp_bond       
6 6 'Structure model' database_2           
# 
loop_
_pdbx_audit_revision_item.ordinal 
_pdbx_audit_revision_item.revision_ordinal 
_pdbx_audit_revision_item.data_content_type 
_pdbx_audit_revision_item.item 
1 5 'Structure model' '_pdbx_database_status.process_site'  
2 6 'Structure model' '_database_2.pdbx_DOI'                
3 6 'Structure model' '_database_2.pdbx_database_accession' 
# 
_database_PDB_caveat.id     1 
_database_PDB_caveat.text   'THE ENTRY CONTAINS MULTIPLE GEOMETRY VIOLATIONS' 
# 
_pdbx_database_status.status_code                     REL 
_pdbx_database_status.entry_id                        2PDE 
_pdbx_database_status.recvd_initial_deposition_date   1992-11-25 
_pdbx_database_status.deposit_site                    ? 
_pdbx_database_status.process_site                    BNL 
_pdbx_database_status.SG_entry                        . 
_pdbx_database_status.status_code_sf                  ? 
_pdbx_database_status.status_code_mr                  ? 
_pdbx_database_status.status_code_cs                  ? 
_pdbx_database_status.pdb_format_compatible           Y 
_pdbx_database_status.methods_development_category    ? 
_pdbx_database_status.status_code_nmr_data            ? 
# 
_pdbx_database_related.db_name        PDB 
_pdbx_database_related.db_id          2PDD 
_pdbx_database_related.details        . 
_pdbx_database_related.content_type   ensemble 
# 
loop_
_audit_author.name 
_audit_author.pdbx_ordinal 
'Kalia, Y.N.'        1 
'Brocklehurst, S.M.' 2 
'Hipps, D.S.'        3 
'Appella, E.'        4 
'Sakaguchi, K.'      5 
'Perham, R.N.'       6 
# 
_citation.id                        primary 
_citation.title                     
;The high-resolution structure of the peripheral subunit-binding domain of dihydrolipoamide acetyltransferase from the pyruvate dehydrogenase multienzyme complex of Bacillus stearothermophilus.
;
_citation.journal_abbrev            J.Mol.Biol. 
_citation.journal_volume            230 
_citation.page_first                323 
_citation.page_last                 341 
_citation.year                      1993 
_citation.journal_id_ASTM           JMOBAK 
_citation.country                   UK 
_citation.journal_id_ISSN           0022-2836 
_citation.journal_id_CSD            0070 
_citation.book_publisher            ? 
_citation.pdbx_database_id_PubMed   8450544 
_citation.pdbx_database_id_DOI      10.1006/jmbi.1993.1145 
# 
loop_
_citation_author.citation_id 
_citation_author.name 
_citation_author.ordinal 
_citation_author.identifier_ORCID 
primary 'Kalia, Y.N.'        1 ? 
primary 'Brocklehurst, S.M.' 2 ? 
primary 'Hipps, D.S.'        3 ? 
primary 'Appella, E.'        4 ? 
primary 'Sakaguchi, K.'      5 ? 
primary 'Perham, R.N.'       6 ? 
# 
_entity.id                         1 
_entity.type                       polymer 
_entity.src_method                 man 
_entity.pdbx_description           'DIHYDROLIPOAMIDE ACETYLTRANSFERASE' 
_entity.formula_weight             4608.372 
_entity.pdbx_number_of_molecules   1 
_entity.pdbx_ec                    1.8.1.4 
_entity.pdbx_mutation              ? 
_entity.pdbx_fragment              ? 
_entity.details                    ? 
# 
_entity_poly.entity_id                      1 
_entity_poly.type                           'polypeptide(L)' 
_entity_poly.nstd_linkage                   no 
_entity_poly.nstd_monomer                   no 
_entity_poly.pdbx_seq_one_letter_code       VIAMPSVRKYAREKGVDIRLVQGTGKNGRVLKEDIDAFLAGGA 
_entity_poly.pdbx_seq_one_letter_code_can   VIAMPSVRKYAREKGVDIRLVQGTGKNGRVLKEDIDAFLAGGA 
_entity_poly.pdbx_strand_id                 A 
_entity_poly.pdbx_target_identifier         ? 
# 
loop_
_entity_poly_seq.entity_id 
_entity_poly_seq.num 
_entity_poly_seq.mon_id 
_entity_poly_seq.hetero 
1 1  VAL n 
1 2  ILE n 
1 3  ALA n 
1 4  MET n 
1 5  PRO n 
1 6  SER n 
1 7  VAL n 
1 8  ARG n 
1 9  LYS n 
1 10 TYR n 
1 11 ALA n 
1 12 ARG n 
1 13 GLU n 
1 14 LYS n 
1 15 GLY n 
1 16 VAL n 
1 17 ASP n 
1 18 ILE n 
1 19 ARG n 
1 20 LEU n 
1 21 VAL n 
1 22 GLN n 
1 23 GLY n 
1 24 THR n 
1 25 GLY n 
1 26 LYS n 
1 27 ASN n 
1 28 GLY n 
1 29 ARG n 
1 30 VAL n 
1 31 LEU n 
1 32 LYS n 
1 33 GLU n 
1 34 ASP n 
1 35 ILE n 
1 36 ASP n 
1 37 ALA n 
1 38 PHE n 
1 39 LEU n 
1 40 ALA n 
1 41 GLY n 
1 42 GLY n 
1 43 ALA n 
# 
loop_
_chem_comp.id 
_chem_comp.type 
_chem_comp.mon_nstd_flag 
_chem_comp.name 
_chem_comp.pdbx_synonyms 
_chem_comp.formula 
_chem_comp.formula_weight 
ALA 'L-peptide linking' y ALANINE         ? 'C3 H7 N O2'     89.093  
ARG 'L-peptide linking' y ARGININE        ? 'C6 H15 N4 O2 1' 175.209 
ASN 'L-peptide linking' y ASPARAGINE      ? 'C4 H8 N2 O3'    132.118 
ASP 'L-peptide linking' y 'ASPARTIC ACID' ? 'C4 H7 N O4'     133.103 
GLN 'L-peptide linking' y GLUTAMINE       ? 'C5 H10 N2 O3'   146.144 
GLU 'L-peptide linking' y 'GLUTAMIC ACID' ? 'C5 H9 N O4'     147.129 
GLY 'peptide linking'   y GLYCINE         ? 'C2 H5 N O2'     75.067  
ILE 'L-peptide linking' y ISOLEUCINE      ? 'C6 H13 N O2'    131.173 
LEU 'L-peptide linking' y LEUCINE         ? 'C6 H13 N O2'    131.173 
LYS 'L-peptide linking' y LYSINE          ? 'C6 H15 N2 O2 1' 147.195 
MET 'L-peptide linking' y METHIONINE      ? 'C5 H11 N O2 S'  149.211 
PHE 'L-peptide linking' y PHENYLALANINE   ? 'C9 H11 N O2'    165.189 
PRO 'L-peptide linking' y PROLINE         ? 'C5 H9 N O2'     115.130 
SER 'L-peptide linking' y SERINE          ? 'C3 H7 N O3'     105.093 
THR 'L-peptide linking' y THREONINE       ? 'C4 H9 N O3'     119.119 
TYR 'L-peptide linking' y TYROSINE        ? 'C9 H11 N O3'    181.189 
VAL 'L-peptide linking' y VALINE          ? 'C5 H11 N O2'    117.146 
# 
loop_
_pdbx_poly_seq_scheme.asym_id 
_pdbx_poly_seq_scheme.entity_id 
_pdbx_poly_seq_scheme.seq_id 
_pdbx_poly_seq_scheme.mon_id 
_pdbx_poly_seq_scheme.ndb_seq_num 
_pdbx_poly_seq_scheme.pdb_seq_num 
_pdbx_poly_seq_scheme.auth_seq_num 
_pdbx_poly_seq_scheme.pdb_mon_id 
_pdbx_poly_seq_scheme.auth_mon_id 
_pdbx_poly_seq_scheme.pdb_strand_id 
_pdbx_poly_seq_scheme.pdb_ins_code 
_pdbx_poly_seq_scheme.hetero 
A 1 1  VAL 1  1  1  VAL VAL A . n 
A 1 2  ILE 2  2  2  ILE ILE A . n 
A 1 3  ALA 3  3  3  ALA ALA A . n 
A 1 4  MET 4  4  4  MET MET A . n 
A 1 5  PRO 5  5  5  PRO PRO A . n 
A 1 6  SER 6  6  6  SER SER A . n 
A 1 7  VAL 7  7  7  VAL VAL A . n 
A 1 8  ARG 8  8  8  ARG ARG A . n 
A 1 9  LYS 9  9  9  LYS LYS A . n 
A 1 10 TYR 10 10 10 TYR TYR A . n 
A 1 11 ALA 11 11 11 ALA ALA A . n 
A 1 12 ARG 12 12 12 ARG ARG A . n 
A 1 13 GLU 13 13 13 GLU GLU A . n 
A 1 14 LYS 14 14 14 LYS LYS A . n 
A 1 15 GLY 15 15 15 GLY GLY A . n 
A 1 16 VAL 16 16 16 VAL VAL A . n 
A 1 17 ASP 17 17 17 ASP ASP A . n 
A 1 18 ILE 18 18 18 ILE ILE A . n 
A 1 19 ARG 19 19 19 ARG ARG A . n 
A 1 20 LEU 20 20 20 LEU LEU A . n 
A 1 21 VAL 21 21 21 VAL VAL A . n 
A 1 22 GLN 22 22 22 GLN GLN A . n 
A 1 23 GLY 23 23 23 GLY GLY A . n 
A 1 24 THR 24 24 24 THR THR A . n 
A 1 25 GLY 25 25 25 GLY GLY A . n 
A 1 26 LYS 26 26 26 LYS LYS A . n 
A 1 27 ASN 27 27 27 ASN ASN A . n 
A 1 28 GLY 28 28 28 GLY GLY A . n 
A 1 29 ARG 29 29 29 ARG ARG A . n 
A 1 30 VAL 30 30 30 VAL VAL A . n 
A 1 31 LEU 31 31 31 LEU LEU A . n 
A 1 32 LYS 32 32 32 LYS LYS A . n 
A 1 33 GLU 33 33 33 GLU GLU A . n 
A 1 34 ASP 34 34 34 ASP ASP A . n 
A 1 35 ILE 35 35 35 ILE ILE A . n 
A 1 36 ASP 36 36 36 ASP ASP A . n 
A 1 37 ALA 37 37 37 ALA ALA A . n 
A 1 38 PHE 38 38 38 PHE PHE A . n 
A 1 39 LEU 39 39 39 LEU LEU A . n 
A 1 40 ALA 40 40 40 ALA ALA A . n 
A 1 41 GLY 41 41 41 GLY GLY A . n 
A 1 42 GLY 42 42 42 GLY GLY A . n 
A 1 43 ALA 43 43 43 ALA ALA A . n 
# 
_pdbx_unobs_or_zero_occ_atoms.id               1 
_pdbx_unobs_or_zero_occ_atoms.PDB_model_num    1 
_pdbx_unobs_or_zero_occ_atoms.polymer_flag     Y 
_pdbx_unobs_or_zero_occ_atoms.occupancy_flag   1 
_pdbx_unobs_or_zero_occ_atoms.auth_asym_id     A 
_pdbx_unobs_or_zero_occ_atoms.auth_comp_id     ALA 
_pdbx_unobs_or_zero_occ_atoms.auth_seq_id      43 
_pdbx_unobs_or_zero_occ_atoms.PDB_ins_code     ? 
_pdbx_unobs_or_zero_occ_atoms.auth_atom_id     O 
_pdbx_unobs_or_zero_occ_atoms.label_alt_id     ? 
_pdbx_unobs_or_zero_occ_atoms.label_asym_id    A 
_pdbx_unobs_or_zero_occ_atoms.label_comp_id    ALA 
_pdbx_unobs_or_zero_occ_atoms.label_seq_id     43 
_pdbx_unobs_or_zero_occ_atoms.label_atom_id    O 
# 
_cell.entry_id           2PDE 
_cell.length_a           1.000 
_cell.length_b           1.000 
_cell.length_c           1.000 
_cell.angle_alpha        90.00 
_cell.angle_beta         90.00 
_cell.angle_gamma        90.00 
_cell.Z_PDB              1 
_cell.pdbx_unique_axis   ? 
# 
_symmetry.entry_id                         2PDE 
_symmetry.space_group_name_H-M             'P 1' 
_symmetry.pdbx_full_space_group_name_H-M   ? 
_symmetry.cell_setting                     ? 
_symmetry.Int_Tables_number                1 
# 
_exptl.entry_id          2PDE 
_exptl.method            'SOLUTION NMR' 
_exptl.crystals_number   ? 
# 
_struct.entry_id                  2PDE 
_struct.title                     
;THE HIGH RESOLUTION STRUCTURE OF THE PERIPHERAL SUBUNIT-BINDING DOMAIN OF DIHYDROLIPOAMIDE ACETYLTRANSFERASE FROM THE PYRUVATE DEHYDROGENASE MULTIENZYME COMPLEX OF BACILLUS STEAROTHERMOPHILUS
;
_struct.pdbx_model_details        ? 
_struct.pdbx_CASP_flag            ? 
_struct.pdbx_model_type_details   ? 
# 
_struct_keywords.entry_id        2PDE 
_struct_keywords.pdbx_keywords   TRANSFERASE 
_struct_keywords.text            'OXIDO-REDUCTASE, ACYLTRANSFERASE, TRANSFERASE' 
# 
_struct_asym.id                            A 
_struct_asym.pdbx_blank_PDB_chainid_flag   Y 
_struct_asym.pdbx_modified                 N 
_struct_asym.entity_id                     1 
_struct_asym.details                       ? 
# 
_struct_ref.id                         1 
_struct_ref.db_name                    UNP 
_struct_ref.db_code                    ODP2_BACST 
_struct_ref.entity_id                  1 
_struct_ref.pdbx_db_accession          P11961 
_struct_ref.pdbx_align_begin           1 
_struct_ref.pdbx_seq_one_letter_code   
;AFEFKLPDIGEGIHEGEIVKWFVKPGDEVNEDDVLCEVQNDKAVVEIPSPVKGKVLEILVPEGTVATVGQTLITLDAPGY
ENMTFKGQEQEEAKKEEKTETVSKEEKVDAVAPNAPAAEAEAGPNRRVIAMPSVRKYAREKGVDIRLVQGTGKNGRVLKE
DIDAFLAGGAKPAPAAAEEKAAPAAAKPATTEGEFPETREKMSGIRRAIAKAMVHSKHTAPHVTLMDEADVTKLVAHRKK
FKAIAAEKGIKLTFLPYVVKALVSALREYPVLNTSIDDETEEIIQKHYYNIGIAADTDRGLLVPVIKHADRKPIFALAQE
INELAEKARDGKLTPGEMKGASCTITNIGSAGGQWFTPVINHPEVAILGIGRIAEKPIVRDGEIVAAPMLALSLSFDHRM
IDGATAQKALNHIKRLLSDPELLLMEA
;
_struct_ref.pdbx_db_isoform            ? 
# 
_struct_ref_seq.align_id                      1 
_struct_ref_seq.ref_id                        1 
_struct_ref_seq.pdbx_PDB_id_code              2PDE 
_struct_ref_seq.pdbx_strand_id                A 
_struct_ref_seq.seq_align_beg                 1 
_struct_ref_seq.pdbx_seq_align_beg_ins_code   ? 
_struct_ref_seq.seq_align_end                 43 
_struct_ref_seq.pdbx_seq_align_end_ins_code   ? 
_struct_ref_seq.pdbx_db_accession             P11961 
_struct_ref_seq.db_align_beg                  128 
_struct_ref_seq.pdbx_db_align_beg_ins_code    ? 
_struct_ref_seq.db_align_end                  170 
_struct_ref_seq.pdbx_db_align_end_ins_code    ? 
_struct_ref_seq.pdbx_auth_seq_align_beg       1 
_struct_ref_seq.pdbx_auth_seq_align_end       43 
# 
_pdbx_struct_assembly.id                   1 
_pdbx_struct_assembly.details              author_defined_assembly 
_pdbx_struct_assembly.method_details       ? 
_pdbx_struct_assembly.oligomeric_details   monomeric 
_pdbx_struct_assembly.oligomeric_count     1 
# 
_pdbx_struct_assembly_gen.assembly_id       1 
_pdbx_struct_assembly_gen.oper_expression   1 
_pdbx_struct_assembly_gen.asym_id_list      A 
# 
_pdbx_struct_oper_list.id                   1 
_pdbx_struct_oper_list.type                 'identity operation' 
_pdbx_struct_oper_list.name                 1_555 
_pdbx_struct_oper_list.symmetry_operation   x,y,z 
_pdbx_struct_oper_list.matrix[1][1]         1.0000000000 
_pdbx_struct_oper_list.matrix[1][2]         0.0000000000 
_pdbx_struct_oper_list.matrix[1][3]         0.0000000000 
_pdbx_struct_oper_list.vector[1]            0.0000000000 
_pdbx_struct_oper_list.matrix[2][1]         0.0000000000 
_pdbx_struct_oper_list.matrix[2][2]         1.0000000000 
_pdbx_struct_oper_list.matrix[2][3]         0.0000000000 
_pdbx_struct_oper_list.vector[2]            0.0000000000 
_pdbx_struct_oper_list.matrix[3][1]         0.0000000000 
_pdbx_struct_oper_list.matrix[3][2]         0.0000000000 
_pdbx_struct_oper_list.matrix[3][3]         1.0000000000 
_pdbx_struct_oper_list.vector[3]            0.0000000000 
# 
_struct_biol.id        1 
_struct_biol.details   ? 
# 
loop_
_struct_conf.conf_type_id 
_struct_conf.id 
_struct_conf.pdbx_PDB_helix_id 
_struct_conf.beg_label_comp_id 
_struct_conf.beg_label_asym_id 
_struct_conf.beg_label_seq_id 
_struct_conf.pdbx_beg_PDB_ins_code 
_struct_conf.end_label_comp_id 
_struct_conf.end_label_asym_id 
_struct_conf.end_label_seq_id 
_struct_conf.pdbx_end_PDB_ins_code 
_struct_conf.beg_auth_comp_id 
_struct_conf.beg_auth_asym_id 
_struct_conf.beg_auth_seq_id 
_struct_conf.end_auth_comp_id 
_struct_conf.end_auth_asym_id 
_struct_conf.end_auth_seq_id 
_struct_conf.pdbx_PDB_helix_class 
_struct_conf.details 
_struct_conf.pdbx_PDB_helix_length 
HELX_P HELX_P1 H1 VAL A 7  ? GLY A 15 ? VAL A 7  GLY A 15 1 ? 9 
HELX_P HELX_P2 H2 ASP A 17 ? VAL A 21 ? ASP A 17 VAL A 21 5 ? 5 
HELX_P HELX_P3 H3 LYS A 32 ? LEU A 39 ? LYS A 32 LEU A 39 1 ? 8 
# 
_struct_conf_type.id          HELX_P 
_struct_conf_type.criteria    ? 
_struct_conf_type.reference   ? 
# 
loop_
_struct_mon_prot_cis.pdbx_id 
_struct_mon_prot_cis.label_comp_id 
_struct_mon_prot_cis.label_seq_id 
_struct_mon_prot_cis.label_asym_id 
_struct_mon_prot_cis.label_alt_id 
_struct_mon_prot_cis.pdbx_PDB_ins_code 
_struct_mon_prot_cis.auth_comp_id 
_struct_mon_prot_cis.auth_seq_id 
_struct_mon_prot_cis.auth_asym_id 
_struct_mon_prot_cis.pdbx_label_comp_id_2 
_struct_mon_prot_cis.pdbx_label_seq_id_2 
_struct_mon_prot_cis.pdbx_label_asym_id_2 
_struct_mon_prot_cis.pdbx_PDB_ins_code_2 
_struct_mon_prot_cis.pdbx_auth_comp_id_2 
_struct_mon_prot_cis.pdbx_auth_seq_id_2 
_struct_mon_prot_cis.pdbx_auth_asym_id_2 
_struct_mon_prot_cis.pdbx_PDB_model_num 
_struct_mon_prot_cis.pdbx_omega_angle 
1 MET 4  A . ? MET 4  A PRO 5  A ? PRO 5  A 1 19.59  
2 LYS 14 A . ? LYS 14 A GLY 15 A ? GLY 15 A 1 -11.12 
3 ASP 34 A . ? ASP 34 A ILE 35 A ? ILE 35 A 1 -10.26 
# 
loop_
_pdbx_validate_close_contact.id 
_pdbx_validate_close_contact.PDB_model_num 
_pdbx_validate_close_contact.auth_atom_id_1 
_pdbx_validate_close_contact.auth_asym_id_1 
_pdbx_validate_close_contact.auth_comp_id_1 
_pdbx_validate_close_contact.auth_seq_id_1 
_pdbx_validate_close_contact.PDB_ins_code_1 
_pdbx_validate_close_contact.label_alt_id_1 
_pdbx_validate_close_contact.auth_atom_id_2 
_pdbx_validate_close_contact.auth_asym_id_2 
_pdbx_validate_close_contact.auth_comp_id_2 
_pdbx_validate_close_contact.auth_seq_id_2 
_pdbx_validate_close_contact.PDB_ins_code_2 
_pdbx_validate_close_contact.label_alt_id_2 
_pdbx_validate_close_contact.dist 
1   1 CB   A VAL 30 ? ? HG22 A ILE 35 ? ? 0.38 
2   1 O    A LYS 32 ? ? CE2  A PHE 38 ? ? 0.41 
3   1 HE   A ARG 29 ? ? OD1  A ASP 34 ? ? 0.44 
4   1 HA   A VAL 30 ? ? HG12 A ILE 35 ? ? 0.48 
5   1 HA   A LYS 32 ? ? CE1  A PHE 38 ? ? 0.50 
6   1 N    A GLU 33 ? ? CD2  A PHE 38 ? ? 0.51 
7   1 CB   A LYS 32 ? ? HE1  A PHE 38 ? ? 0.52 
8   1 HA3  A GLY 28 ? ? HB3  A ALA 37 ? ? 0.55 
9   1 H    A LEU 31 ? ? H    A LEU 39 ? ? 0.58 
10  1 CD2  A LEU 31 ? ? C    A PHE 38 ? ? 0.59 
11  1 HZ3  A LYS 32 ? ? CZ   A PHE 38 ? ? 0.60 
12  1 HZ1  A LYS 9  ? ? HD22 A LEU 39 ? ? 0.60 
13  1 HB   A VAL 30 ? ? HG21 A ILE 35 ? ? 0.61 
14  1 N    A ASN 27 ? ? CB   A ASP 36 ? ? 0.62 
15  1 HG   A LEU 31 ? ? C    A PHE 38 ? ? 0.63 
16  1 HG21 A VAL 30 ? ? CD1  A ILE 35 ? ? 0.65 
17  1 NE   A ARG 29 ? ? HA   A ASP 34 ? ? 0.69 
18  1 HB2  A ARG 29 ? ? HB2  A ALA 37 ? ? 0.70 
19  1 HD21 A LEU 31 ? ? HA   A PHE 38 ? ? 0.72 
20  1 HA   A LEU 31 ? ? C    A ALA 37 ? ? 0.72 
21  1 HD21 A LEU 31 ? ? CA   A PHE 38 ? ? 0.73 
22  1 C    A LYS 26 ? ? HB2  A ASP 36 ? ? 0.75 
23  1 HG23 A VAL 30 ? ? CB   A PHE 38 ? ? 0.76 
24  1 HB3  A LEU 31 ? ? H    A ALA 40 ? ? 0.78 
25  1 HA2  A GLY 28 ? ? HB3  A ALA 37 ? ? 0.79 
26  1 HG12 A VAL 30 ? ? CG1  A ILE 35 ? ? 0.80 
27  1 HH12 A ARG 29 ? ? HA   A ILE 35 ? ? 0.82 
28  1 H    A LYS 32 ? ? CD1  A PHE 38 ? ? 0.82 
29  1 HB3  A LEU 31 ? ? N    A ALA 40 ? ? 0.82 
30  1 HG12 A VAL 30 ? ? CD1  A ILE 35 ? ? 0.84 
31  1 H    A VAL 30 ? ? CG1  A ILE 35 ? ? 0.84 
32  1 N    A GLU 33 ? ? CE2  A PHE 38 ? ? 0.88 
33  1 HG23 A VAL 30 ? ? HB3  A PHE 38 ? ? 0.88 
34  1 HA   A LYS 32 ? ? CD1  A PHE 38 ? ? 0.89 
35  1 HG21 A VAL 30 ? ? HD13 A ILE 35 ? ? 0.89 
36  1 H    A VAL 30 ? ? HG12 A ILE 35 ? ? 0.89 
37  1 HG1  A THR 24 ? ? HB3  A ASP 34 ? ? 0.90 
38  1 O    A LYS 26 ? ? HB2  A ASP 36 ? ? 0.92 
39  1 CA   A GLY 28 ? ? N    A ALA 37 ? ? 0.93 
40  1 HD3  A PRO 5  ? ? HG23 A ILE 35 ? ? 0.94 
41  1 H    A GLU 33 ? ? HE2  A PHE 38 ? ? 0.95 
42  1 O    A GLY 23 ? ? N    A THR 24 ? ? 0.98 
43  1 CB   A LEU 31 ? ? O    A ASP 36 ? ? 0.98 
44  1 O    A ASN 27 ? ? N    A GLY 28 ? ? 0.98 
45  1 O    A VAL 21 ? ? N    A GLN 22 ? ? 0.98 
46  1 O    A LYS 32 ? ? N    A GLU 33 ? ? 0.99 
47  1 N    A ASN 27 ? ? HB2  A ASP 36 ? ? 1.00 
48  1 CB   A LYS 32 ? ? CE1  A PHE 38 ? ? 1.00 
49  1 CA   A LYS 32 ? ? HD1  A PHE 38 ? ? 1.01 
50  1 HG   A LEU 31 ? ? CA   A PHE 38 ? ? 1.01 
51  1 HG1  A THR 24 ? ? CB   A ASP 34 ? ? 1.02 
52  1 CD2  A LEU 31 ? ? O    A PHE 38 ? ? 1.03 
53  1 HB   A VAL 30 ? ? CG2  A ILE 35 ? ? 1.03 
54  1 HH11 A ARG 29 ? ? N    A ILE 35 ? ? 1.04 
55  1 HZ3  A LYS 9  ? ? N    A TYR 10 ? ? 1.04 
56  1 HG22 A VAL 30 ? ? HB2  A PHE 38 ? ? 1.05 
57  1 CB   A LEU 31 ? ? C    A ASP 36 ? ? 1.05 
58  1 HG21 A VAL 30 ? ? HD11 A ILE 35 ? ? 1.06 
59  1 H    A LYS 32 ? ? HD1  A PHE 38 ? ? 1.07 
60  1 HD22 A LEU 31 ? ? N    A PHE 38 ? ? 1.07 
61  1 O    A ALA 11 ? ? N    A ARG 12 ? ? 1.08 
62  1 O    A ALA 11 ? ? H    A ARG 12 ? ? 1.08 
63  1 O    A TYR 10 ? ? N    A ALA 11 ? ? 1.08 
64  1 O    A TYR 10 ? ? CA   A ALA 11 ? ? 1.08 
65  1 C    A SER 6  ? ? H    A VAL 7  ? ? 1.08 
66  1 O    A GLY 28 ? ? H    A ARG 29 ? ? 1.08 
67  1 O    A TYR 10 ? ? H    A ALA 11 ? ? 1.08 
68  1 OE1  A GLU 33 ? ? N    A ASP 34 ? ? 1.08 
69  1 C    A LYS 14 ? ? H    A GLY 15 ? ? 1.08 
70  1 O    A GLY 28 ? ? N    A ARG 29 ? ? 1.08 
71  1 CG2  A VAL 30 ? ? HD12 A ILE 35 ? ? 1.08 
72  1 O    A ARG 29 ? ? N    A VAL 30 ? ? 1.09 
73  1 O    A VAL 30 ? ? O    A ILE 35 ? ? 1.11 
74  1 O    A LYS 9  ? ? HD21 A LEU 39 ? ? 1.12 
75  1 HG11 A VAL 30 ? ? HG22 A ILE 35 ? ? 1.12 
76  1 C    A ASN 27 ? ? N    A ASP 36 ? ? 1.12 
77  1 CB   A VAL 30 ? ? CG2  A ILE 35 ? ? 1.12 
78  1 HG22 A VAL 30 ? ? HB3  A PHE 38 ? ? 1.13 
79  1 NH1  A ARG 29 ? ? HA   A ILE 35 ? ? 1.13 
80  1 HB3  A ARG 29 ? ? HB2  A ALA 37 ? ? 1.15 
81  1 N    A ASN 27 ? ? CG   A ASP 36 ? ? 1.16 
82  1 HD23 A LEU 31 ? ? HA   A PHE 38 ? ? 1.16 
83  1 C    A LYS 32 ? ? HZ   A PHE 38 ? ? 1.18 
84  1 CG2  A VAL 30 ? ? HG13 A ILE 35 ? ? 1.19 
85  1 N    A VAL 30 ? ? CB   A ILE 35 ? ? 1.20 
86  1 HH11 A ARG 29 ? ? C    A ASP 34 ? ? 1.20 
87  1 CA   A VAL 30 ? ? H    A ILE 35 ? ? 1.20 
88  1 CG   A LEU 31 ? ? HB3  A ALA 40 ? ? 1.20 
89  1 CZ   A ARG 29 ? ? OD1  A ASP 34 ? ? 1.21 
90  1 O    A ASP 17 ? ? N    A ILE 18 ? ? 1.21 
91  1 O    A VAL 16 ? ? N    A ASP 17 ? ? 1.21 
92  1 O    A GLY 15 ? ? N    A VAL 16 ? ? 1.21 
93  1 HD22 A LEU 31 ? ? CA   A PHE 38 ? ? 1.21 
94  1 HG22 A VAL 30 ? ? CB   A PHE 38 ? ? 1.21 
95  1 O    A THR 24 ? ? N    A GLY 25 ? ? 1.21 
96  1 O    A LEU 31 ? ? N    A LYS 32 ? ? 1.21 
97  1 O    A ARG 29 ? ? HG22 A ILE 35 ? ? 1.22 
98  1 HZ3  A LYS 32 ? ? CE1  A PHE 38 ? ? 1.22 
99  1 HD22 A LEU 31 ? ? HA   A PHE 38 ? ? 1.22 
100 1 HG1  A THR 24 ? ? HB2  A ASP 34 ? ? 1.22 
101 1 CA   A GLY 28 ? ? CA   A ALA 37 ? ? 1.22 
102 1 CG2  A VAL 30 ? ? CD1  A ILE 35 ? ? 1.23 
103 1 HB2  A LEU 31 ? ? H    A ALA 40 ? ? 1.24 
104 1 C    A VAL 30 ? ? O    A ILE 35 ? ? 1.24 
105 1 CG   A ARG 29 ? ? O    A ASP 34 ? ? 1.25 
106 1 CG1  A VAL 30 ? ? HG22 A ILE 35 ? ? 1.26 
107 1 CD2  A LEU 31 ? ? N    A LEU 39 ? ? 1.26 
108 1 O    A LYS 32 ? ? HE2  A PHE 38 ? ? 1.26 
109 1 O    A VAL 30 ? ? H    A PHE 38 ? ? 1.28 
110 1 N    A LEU 31 ? ? H    A LEU 39 ? ? 1.28 
111 1 HG13 A VAL 30 ? ? HD11 A ILE 35 ? ? 1.28 
112 1 CA   A VAL 30 ? ? N    A ILE 35 ? ? 1.29 
113 1 CA   A GLY 28 ? ? H    A ALA 37 ? ? 1.29 
114 1 O    A GLY 15 ? ? H    A VAL 16 ? ? 1.29 
115 1 CA   A LYS 32 ? ? CD1  A PHE 38 ? ? 1.29 
116 1 HA3  A GLY 28 ? ? CB   A ALA 37 ? ? 1.30 
117 1 H    A VAL 30 ? ? CB   A ILE 35 ? ? 1.30 
118 1 HE22 A GLN 22 ? ? H    A GLY 23 ? ? 1.31 
119 1 O    A ASP 17 ? ? H    A ILE 18 ? ? 1.31 
120 1 N    A VAL 30 ? ? CA   A ILE 35 ? ? 1.31 
121 1 O    A ARG 29 ? ? HA   A ILE 35 ? ? 1.31 
122 1 HG3  A ARG 29 ? ? O    A ASP 34 ? ? 1.31 
123 1 O    A LEU 31 ? ? H    A LYS 32 ? ? 1.32 
124 1 O    A ARG 29 ? ? CB   A ILE 35 ? ? 1.32 
125 1 CG2  A VAL 30 ? ? CG1  A ILE 35 ? ? 1.32 
126 1 O    A VAL 16 ? ? H    A ASP 17 ? ? 1.32 
127 1 O    A ARG 29 ? ? CG2  A ILE 35 ? ? 1.32 
128 1 O    A THR 24 ? ? H    A GLY 25 ? ? 1.32 
129 1 O    A LYS 32 ? ? CZ   A PHE 38 ? ? 1.33 
130 1 HA   A LEU 31 ? ? CA   A ALA 37 ? ? 1.33 
131 1 CA   A VAL 30 ? ? HG13 A ILE 35 ? ? 1.34 
132 1 NH2  A ARG 29 ? ? CG   A ASP 34 ? ? 1.34 
133 1 ND2  A ASN 27 ? ? OD2  A ASP 36 ? ? 1.34 
134 1 HH11 A ARG 29 ? ? CA   A ILE 35 ? ? 1.35 
135 1 C    A VAL 30 ? ? H    A PHE 38 ? ? 1.37 
136 1 N    A GLU 33 ? ? HD2  A PHE 38 ? ? 1.37 
137 1 H    A LEU 31 ? ? N    A LEU 39 ? ? 1.37 
138 1 HE   A ARG 29 ? ? CG   A ASP 34 ? ? 1.38 
139 1 CG   A LEU 31 ? ? CB   A ALA 40 ? ? 1.38 
140 1 HD2  A PRO 5  ? ? N    A SER 6  ? ? 1.38 
141 1 C    A LYS 32 ? ? CZ   A PHE 38 ? ? 1.38 
142 1 HB3  A LEU 31 ? ? C    A LEU 39 ? ? 1.39 
143 1 C    A ASN 27 ? ? H    A ASP 36 ? ? 1.40 
144 1 O    A VAL 30 ? ? C    A ILE 35 ? ? 1.41 
145 1 N    A VAL 30 ? ? CG2  A ILE 35 ? ? 1.42 
146 1 NH2  A ARG 29 ? ? OD2  A ASP 34 ? ? 1.42 
147 1 HG23 A VAL 30 ? ? CG   A PHE 38 ? ? 1.42 
148 1 CA   A VAL 30 ? ? CG1  A ILE 35 ? ? 1.42 
149 1 CA   A GLU 33 ? ? HE2  A PHE 38 ? ? 1.43 
150 1 C    A ASN 27 ? ? H    A ALA 37 ? ? 1.43 
151 1 O    A LYS 32 ? ? CD2  A PHE 38 ? ? 1.43 
152 1 C    A LYS 26 ? ? CB   A ASP 36 ? ? 1.43 
153 1 HZ1  A LYS 9  ? ? CD2  A LEU 39 ? ? 1.45 
154 1 NH2  A ARG 29 ? ? OD1  A ASP 34 ? ? 1.45 
155 1 O    A ARG 29 ? ? CA   A ILE 35 ? ? 1.47 
156 1 O    A LYS 32 ? ? H    A GLU 33 ? ? 1.47 
157 1 N    A VAL 30 ? ? HG23 A ILE 35 ? ? 1.47 
158 1 O    A ASN 27 ? ? H    A GLY 28 ? ? 1.48 
159 1 HD2  A ARG 29 ? ? OD1  A ASP 34 ? ? 1.48 
160 1 HH21 A ARG 29 ? ? O    A ASP 34 ? ? 1.48 
161 1 HG13 A VAL 30 ? ? CD1  A ILE 35 ? ? 1.49 
162 1 O    A GLY 23 ? ? H    A THR 24 ? ? 1.49 
163 1 HA   A VAL 30 ? ? CG1  A ILE 35 ? ? 1.49 
164 1 C    A LYS 9  ? ? HD23 A LEU 39 ? ? 1.49 
165 1 O    A VAL 21 ? ? H    A GLN 22 ? ? 1.50 
166 1 HG   A LEU 31 ? ? N    A LEU 39 ? ? 1.50 
167 1 OE2  A GLU 13 ? ? N    A LYS 14 ? ? 1.51 
168 1 C    A VAL 7  ? ? H    A ARG 8  ? ? 1.51 
169 1 HZ3  A LYS 32 ? ? CE2  A PHE 38 ? ? 1.51 
170 1 HH11 A ARG 29 ? ? O    A ASP 34 ? ? 1.51 
171 1 OG   A SER 6  ? ? CA   A VAL 7  ? ? 1.51 
172 1 N    A ASN 27 ? ? HB3  A ASP 36 ? ? 1.52 
173 1 HD22 A LEU 20 ? ? CG2  A VAL 21 ? ? 1.52 
174 1 HD3  A ARG 29 ? ? CB   A ASP 34 ? ? 1.52 
175 1 N    A ILE 2  ? ? H    A ALA 3  ? ? 1.52 
176 1 CG2  A VAL 7  ? ? CD   A ARG 8  ? ? 1.52 
177 1 CE   A LYS 14 ? ? O    A GLY 15 ? ? 1.53 
178 1 N    A PRO 5  ? ? HA   A SER 6  ? ? 1.53 
179 1 C    A LEU 20 ? ? H    A VAL 21 ? ? 1.53 
180 1 O    A ARG 29 ? ? H    A VAL 30 ? ? 1.53 
181 1 HG3  A ARG 12 ? ? N    A GLU 13 ? ? 1.53 
182 1 CE1  A TYR 10 ? ? HA   A ALA 11 ? ? 1.53 
183 1 CB   A GLU 13 ? ? HG2  A LYS 14 ? ? 1.53 
184 1 HB2  A LEU 31 ? ? N    A ALA 40 ? ? 1.53 
185 1 O    A GLY 28 ? ? CA   A ARG 29 ? ? 1.53 
186 1 O    A ALA 11 ? ? CA   A ARG 12 ? ? 1.53 
187 1 C    A ILE 18 ? ? CA   A ARG 19 ? ? 1.54 
188 1 HA   A ASP 17 ? ? CB   A ILE 18 ? ? 1.54 
189 1 C    A LYS 26 ? ? H    A ASN 27 ? ? 1.54 
190 1 H    A LYS 32 ? ? CG   A PHE 38 ? ? 1.54 
191 1 C    A ARG 19 ? ? H    A LEU 20 ? ? 1.54 
192 1 C    A GLY 25 ? ? H    A LYS 26 ? ? 1.55 
193 1 O    A ARG 29 ? ? CB   A VAL 30 ? ? 1.55 
194 1 HZ2  A LYS 14 ? ? CA   A GLY 15 ? ? 1.55 
195 1 HA   A LEU 31 ? ? O    A ALA 37 ? ? 1.55 
196 1 CA   A VAL 30 ? ? CA   A ILE 35 ? ? 1.55 
197 1 CA   A GLY 25 ? ? HB3  A ASP 34 ? ? 1.55 
198 1 H    A GLU 33 ? ? CE2  A PHE 38 ? ? 1.56 
199 1 CA   A LYS 32 ? ? CG   A PHE 38 ? ? 1.56 
200 1 HB3  A ALA 3  ? ? N    A MET 4  ? ? 1.56 
201 1 CB   A VAL 30 ? ? HG21 A ILE 35 ? ? 1.56 
202 1 HG13 A VAL 30 ? ? CB   A ILE 35 ? ? 1.57 
203 1 H    A GLY 28 ? ? CB   A ALA 37 ? ? 1.58 
204 1 HD21 A LEU 31 ? ? N    A PHE 38 ? ? 1.58 
205 1 CA   A VAL 30 ? ? CB   A ILE 35 ? ? 1.59 
206 1 HD3  A ARG 29 ? ? C    A ASP 34 ? ? 1.60 
207 1 C    A ASN 27 ? ? CA   A ASP 36 ? ? 1.62 
208 1 NH1  A ARG 29 ? ? O    A ASP 34 ? ? 1.62 
209 1 CB   A ASN 27 ? ? OD2  A ASP 36 ? ? 1.64 
210 1 CG   A ASN 27 ? ? OD2  A ASP 36 ? ? 1.65 
211 1 CA   A THR 24 ? ? OD2  A ASP 34 ? ? 1.66 
212 1 CA   A LEU 31 ? ? C    A ALA 37 ? ? 1.67 
213 1 N    A VAL 30 ? ? C    A ILE 35 ? ? 1.68 
214 1 NE   A ARG 29 ? ? CB   A ASP 34 ? ? 1.68 
215 1 N    A LEU 31 ? ? N    A LEU 39 ? ? 1.68 
216 1 O    A LYS 9  ? ? N    A TYR 10 ? ? 1.70 
217 1 CB   A LEU 31 ? ? N    A ALA 37 ? ? 1.71 
218 1 N    A LEU 31 ? ? N    A PHE 38 ? ? 1.72 
219 1 CA   A LEU 31 ? ? O    A ASP 36 ? ? 1.72 
220 1 CB   A LYS 32 ? ? CD1  A PHE 38 ? ? 1.72 
221 1 N    A GLU 33 ? ? CG   A PHE 38 ? ? 1.73 
222 1 O    A ILE 2  ? ? N    A ALA 3  ? ? 1.73 
223 1 O    A GLN 22 ? ? N    A GLY 23 ? ? 1.73 
224 1 O    A LYS 9  ? ? CD2  A LEU 39 ? ? 1.73 
225 1 CA   A LYS 32 ? ? CB   A PHE 38 ? ? 1.74 
226 1 NH1  A ARG 29 ? ? CA   A ILE 35 ? ? 1.74 
227 1 C    A VAL 30 ? ? N    A PHE 38 ? ? 1.75 
228 1 CD1  A LEU 31 ? ? O    A PHE 38 ? ? 1.76 
229 1 O    A SER 6  ? ? N    A VAL 7  ? ? 1.76 
230 1 O    A GLU 33 ? ? N    A ASP 34 ? ? 1.76 
231 1 O    A LYS 26 ? ? N    A ASN 27 ? ? 1.76 
232 1 O    A ARG 19 ? ? N    A LEU 20 ? ? 1.76 
233 1 O    A GLY 25 ? ? N    A LYS 26 ? ? 1.76 
234 1 O    A LEU 20 ? ? N    A VAL 21 ? ? 1.76 
235 1 O    A LYS 14 ? ? N    A GLY 15 ? ? 1.76 
236 1 O    A GLU 13 ? ? CG   A LYS 14 ? ? 1.76 
237 1 O    A VAL 7  ? ? N    A ARG 8  ? ? 1.77 
238 1 N    A ASN 27 ? ? OD2  A ASP 36 ? ? 1.78 
239 1 CA   A GLY 28 ? ? CB   A ALA 37 ? ? 1.79 
240 1 CG   A LEU 31 ? ? CA   A ALA 40 ? ? 1.82 
241 1 CA   A GLY 25 ? ? CB   A ASP 34 ? ? 1.84 
242 1 CA   A GLY 25 ? ? OD2  A ASP 34 ? ? 1.85 
243 1 CA   A GLY 25 ? ? NE   A ARG 29 ? ? 1.89 
244 1 NE   A ARG 29 ? ? CG   A ASP 34 ? ? 1.89 
245 1 CA   A GLY 25 ? ? CG   A ASP 34 ? ? 1.90 
246 1 N    A LEU 31 ? ? CA   A PHE 38 ? ? 1.91 
247 1 CG   A ARG 29 ? ? C    A ASP 34 ? ? 1.91 
248 1 NH1  A ARG 29 ? ? C    A ASP 34 ? ? 1.92 
249 1 C    A VAL 30 ? ? CB   A PHE 38 ? ? 1.93 
250 1 CG   A LYS 32 ? ? CD1  A PHE 38 ? ? 1.94 
251 1 C    A LYS 32 ? ? CE1  A PHE 38 ? ? 1.95 
252 1 N    A ASN 27 ? ? CA   A ASP 36 ? ? 1.95 
253 1 N    A LEU 31 ? ? C    A PHE 38 ? ? 1.96 
254 1 C    A ASN 27 ? ? N    A ALA 37 ? ? 1.97 
255 1 C    A THR 24 ? ? OD2  A ASP 34 ? ? 1.97 
256 1 O    A LYS 26 ? ? CB   A ASP 36 ? ? 1.97 
257 1 NH1  A ARG 29 ? ? N    A ILE 35 ? ? 1.98 
258 1 C    A LYS 26 ? ? CG   A ASP 36 ? ? 1.99 
259 1 CA   A LEU 31 ? ? N    A PHE 38 ? ? 1.99 
260 1 N    A GLU 33 ? ? CZ   A PHE 38 ? ? 2.00 
261 1 C    A ASN 27 ? ? C    A ILE 35 ? ? 2.01 
262 1 CG   A LEU 31 ? ? N    A ALA 40 ? ? 2.04 
263 1 CA   A ASN 27 ? ? OD2  A ASP 36 ? ? 2.04 
264 1 CD2  A LEU 31 ? ? CA   A LEU 39 ? ? 2.04 
265 1 CA   A GLY 28 ? ? C    A ASP 36 ? ? 2.05 
266 1 O    A VAL 30 ? ? N    A PHE 38 ? ? 2.05 
267 1 N    A VAL 7  ? ? CD1  A ILE 35 ? ? 2.05 
268 1 CD2  A LEU 31 ? ? CA   A PHE 38 ? ? 2.05 
269 1 O    A LEU 31 ? ? CD1  A PHE 38 ? ? 2.06 
270 1 CG1  A VAL 30 ? ? CG2  A ILE 35 ? ? 2.07 
271 1 CA   A LEU 31 ? ? C    A ASP 36 ? ? 2.08 
272 1 N    A VAL 30 ? ? O    A ILE 35 ? ? 2.09 
273 1 C    A VAL 30 ? ? C    A ILE 35 ? ? 2.09 
274 1 NZ   A LYS 9  ? ? CD2  A LEU 39 ? ? 2.10 
275 1 C    A ASN 27 ? ? C    A ASP 36 ? ? 2.10 
276 1 CA   A GLU 33 ? ? CE2  A PHE 38 ? ? 2.10 
277 1 N    A LEU 31 ? ? O    A ILE 35 ? ? 2.13 
278 1 NE   A ARG 29 ? ? OD1  A ASP 34 ? ? 2.16 
279 1 CA   A LEU 31 ? ? CA   A ALA 37 ? ? 2.17 
280 1 O    A ARG 29 ? ? CG1  A ILE 35 ? ? 2.17 
281 1 CA   A LYS 32 ? ? CA   A PHE 38 ? ? 2.18 
282 1 C    A ASN 27 ? ? CB   A ASP 36 ? ? 2.18 
283 1 C    A LYS 26 ? ? OD2  A ASP 36 ? ? 2.18 
284 1 C    A VAL 30 ? ? CA   A PHE 38 ? ? 2.19 
285 1 N    A ASN 27 ? ? OD1  A ASP 36 ? ? 2.19 
286 1 NE   A ARG 29 ? ? C    A ASP 34 ? ? 2.19 
# 
loop_
_pdbx_validate_rmsd_bond.id 
_pdbx_validate_rmsd_bond.PDB_model_num 
_pdbx_validate_rmsd_bond.auth_atom_id_1 
_pdbx_validate_rmsd_bond.auth_asym_id_1 
_pdbx_validate_rmsd_bond.auth_comp_id_1 
_pdbx_validate_rmsd_bond.auth_seq_id_1 
_pdbx_validate_rmsd_bond.PDB_ins_code_1 
_pdbx_validate_rmsd_bond.label_alt_id_1 
_pdbx_validate_rmsd_bond.auth_atom_id_2 
_pdbx_validate_rmsd_bond.auth_asym_id_2 
_pdbx_validate_rmsd_bond.auth_comp_id_2 
_pdbx_validate_rmsd_bond.auth_seq_id_2 
_pdbx_validate_rmsd_bond.PDB_ins_code_2 
_pdbx_validate_rmsd_bond.label_alt_id_2 
_pdbx_validate_rmsd_bond.bond_value 
_pdbx_validate_rmsd_bond.bond_target_value 
_pdbx_validate_rmsd_bond.bond_deviation 
_pdbx_validate_rmsd_bond.bond_standard_deviation 
_pdbx_validate_rmsd_bond.linker_flag 
1   1 N   A VAL 1  ? ? CA  A VAL 1  ? ? 2.451  1.459 0.992  0.020 N 
2   1 CB  A VAL 1  ? ? CG1 A VAL 1  ? ? 2.813  1.524 1.289  0.021 N 
3   1 CB  A VAL 1  ? ? CG2 A VAL 1  ? ? 1.080  1.524 -0.444 0.021 N 
4   1 CA  A VAL 1  ? ? C   A VAL 1  ? ? 2.892  1.525 1.367  0.026 N 
5   1 C   A VAL 1  ? ? O   A VAL 1  ? ? 0.981  1.229 -0.248 0.019 N 
6   1 C   A VAL 1  ? ? N   A ILE 2  ? ? 1.484  1.336 0.148  0.023 Y 
7   1 CA  A ILE 2  ? ? CB  A ILE 2  ? ? 1.079  1.544 -0.465 0.023 N 
8   1 CB  A ILE 2  ? ? CG1 A ILE 2  ? ? 2.473  1.536 0.937  0.028 N 
9   1 CG1 A ILE 2  ? ? CD1 A ILE 2  ? ? 3.855  1.500 2.355  0.069 N 
10  1 CB  A ILE 2  ? ? CG2 A ILE 2  ? ? 3.199  1.524 1.675  0.031 N 
11  1 CA  A ILE 2  ? ? C   A ILE 2  ? ? 5.248  1.525 3.723  0.026 N 
12  1 C   A ILE 2  ? ? O   A ILE 2  ? ? 1.000  1.229 -0.229 0.019 N 
13  1 C   A ILE 2  ? ? N   A ALA 3  ? ? 1.000  1.336 -0.336 0.023 Y 
14  1 N   A ALA 3  ? ? CA  A ALA 3  ? ? 8.152  1.459 6.693  0.020 N 
15  1 CA  A ALA 3  ? ? CB  A ALA 3  ? ? 3.091  1.520 1.571  0.021 N 
16  1 CA  A ALA 3  ? ? C   A ALA 3  ? ? 4.812  1.525 3.287  0.026 N 
17  1 C   A ALA 3  ? ? O   A ALA 3  ? ? 1.761  1.229 0.532  0.019 N 
18  1 N   A MET 4  ? ? CA  A MET 4  ? ? 1.083  1.459 -0.376 0.020 N 
19  1 CA  A MET 4  ? ? CB  A MET 4  ? ? 2.559  1.535 1.024  0.022 N 
20  1 CB  A MET 4  ? ? CG  A MET 4  ? ? 2.425  1.509 0.916  0.032 N 
21  1 CG  A MET 4  ? ? SD  A MET 4  ? ? 2.190  1.807 0.383  0.026 N 
22  1 CA  A MET 4  ? ? C   A MET 4  ? ? 5.140  1.525 3.615  0.026 N 
23  1 C   A MET 4  ? ? O   A MET 4  ? ? 0.980  1.229 -0.249 0.019 N 
24  1 C   A MET 4  ? ? N   A PRO 5  ? ? 1.473  1.338 0.135  0.019 Y 
25  1 N   A PRO 5  ? ? CA  A PRO 5  ? ? 1.079  1.468 -0.389 0.017 N 
26  1 CA  A PRO 5  ? ? CB  A PRO 5  ? ? 3.035  1.533 1.502  0.018 N 
27  1 CB  A PRO 5  ? ? CG  A PRO 5  ? ? 2.644  1.506 1.138  0.039 N 
28  1 CG  A PRO 5  ? ? CD  A PRO 5  ? ? 3.351  1.512 1.839  0.027 N 
29  1 CD  A PRO 5  ? ? N   A PRO 5  ? ? 3.434  1.474 1.960  0.014 N 
30  1 CA  A PRO 5  ? ? C   A PRO 5  ? ? 4.560  1.524 3.036  0.020 N 
31  1 C   A PRO 5  ? ? O   A PRO 5  ? ? 1.079  1.228 -0.149 0.020 N 
32  1 N   A SER 6  ? ? CA  A SER 6  ? ? 1.908  1.459 0.449  0.020 N 
33  1 CA  A SER 6  ? ? CB  A SER 6  ? ? 5.856  1.525 4.331  0.015 N 
34  1 CB  A SER 6  ? ? OG  A SER 6  ? ? 2.718  1.418 1.300  0.013 N 
35  1 CA  A SER 6  ? ? C   A SER 6  ? ? 7.094  1.525 5.569  0.026 N 
36  1 C   A SER 6  ? ? O   A SER 6  ? ? 1.084  1.229 -0.145 0.019 N 
37  1 C   A SER 6  ? ? N   A VAL 7  ? ? 1.077  1.336 -0.259 0.023 Y 
38  1 N   A VAL 7  ? ? CA  A VAL 7  ? ? 3.394  1.459 1.935  0.020 N 
39  1 CA  A VAL 7  ? ? CB  A VAL 7  ? ? 1.290  1.543 -0.253 0.021 N 
40  1 CB  A VAL 7  ? ? CG1 A VAL 7  ? ? 2.664  1.524 1.140  0.021 N 
41  1 CA  A VAL 7  ? ? C   A VAL 7  ? ? 5.572  1.525 4.047  0.026 N 
42  1 C   A VAL 7  ? ? O   A VAL 7  ? ? 1.080  1.229 -0.149 0.019 N 
43  1 C   A VAL 7  ? ? N   A ARG 8  ? ? 1.085  1.336 -0.251 0.023 Y 
44  1 N   A ARG 8  ? ? CA  A ARG 8  ? ? 3.011  1.459 1.552  0.020 N 
45  1 CA  A ARG 8  ? ? CB  A ARG 8  ? ? 3.054  1.535 1.519  0.022 N 
46  1 CB  A ARG 8  ? ? CG  A ARG 8  ? ? 2.281  1.521 0.760  0.027 N 
47  1 CG  A ARG 8  ? ? CD  A ARG 8  ? ? 6.793  1.515 5.278  0.025 N 
48  1 CD  A ARG 8  ? ? NE  A ARG 8  ? ? 1.988  1.460 0.528  0.017 N 
49  1 NE  A ARG 8  ? ? CZ  A ARG 8  ? ? 2.830  1.326 1.504  0.013 N 
50  1 CZ  A ARG 8  ? ? NH1 A ARG 8  ? ? 2.176  1.326 0.850  0.013 N 
51  1 CZ  A ARG 8  ? ? NH2 A ARG 8  ? ? 2.668  1.326 1.342  0.013 N 
52  1 CA  A ARG 8  ? ? C   A ARG 8  ? ? 8.574  1.525 7.049  0.026 N 
53  1 N   A LYS 9  ? ? CA  A LYS 9  ? ? 6.579  1.459 5.120  0.020 N 
54  1 CA  A LYS 9  ? ? CB  A LYS 9  ? ? 3.093  1.535 1.558  0.022 N 
55  1 CB  A LYS 9  ? ? CG  A LYS 9  ? ? 2.621  1.521 1.100  0.027 N 
56  1 CA  A LYS 9  ? ? C   A LYS 9  ? ? 6.339  1.525 4.814  0.026 N 
57  1 C   A LYS 9  ? ? O   A LYS 9  ? ? 1.699  1.229 0.470  0.019 N 
58  1 N   A TYR 10 ? ? CA  A TYR 10 ? ? 7.181  1.459 5.722  0.020 N 
59  1 CA  A TYR 10 ? ? CB  A TYR 10 ? ? 3.089  1.535 1.554  0.022 N 
60  1 CB  A TYR 10 ? ? CG  A TYR 10 ? ? 2.372  1.512 0.860  0.015 N 
61  1 CG  A TYR 10 ? ? CD2 A TYR 10 ? ? 3.012  1.387 1.625  0.013 N 
62  1 CG  A TYR 10 ? ? CD1 A TYR 10 ? ? 2.146  1.387 0.759  0.013 N 
63  1 CD1 A TYR 10 ? ? CE1 A TYR 10 ? ? 2.430  1.389 1.041  0.015 N 
64  1 CE1 A TYR 10 ? ? CZ  A TYR 10 ? ? 2.530  1.381 1.149  0.013 N 
65  1 CZ  A TYR 10 ? ? OH  A TYR 10 ? ? 1.079  1.374 -0.295 0.017 N 
66  1 CZ  A TYR 10 ? ? CE2 A TYR 10 ? ? 1.539  1.381 0.158  0.013 N 
67  1 CE2 A TYR 10 ? ? CD2 A TYR 10 ? ? 2.461  1.389 1.072  0.015 N 
68  1 CA  A TYR 10 ? ? C   A TYR 10 ? ? 6.973  1.525 5.448  0.026 N 
69  1 C   A TYR 10 ? ? O   A TYR 10 ? ? 3.431  1.229 2.202  0.019 N 
70  1 N   A ALA 11 ? ? CA  A ALA 11 ? ? 1.760  1.459 0.301  0.020 N 
71  1 CA  A ALA 11 ? ? CB  A ALA 11 ? ? 5.258  1.520 3.738  0.021 N 
72  1 CA  A ALA 11 ? ? C   A ALA 11 ? ? 7.075  1.525 5.550  0.026 N 
73  1 C   A ALA 11 ? ? O   A ALA 11 ? ? 2.179  1.229 0.950  0.019 N 
74  1 N   A ARG 12 ? ? CA  A ARG 12 ? ? 2.146  1.459 0.687  0.020 N 
75  1 CA  A ARG 12 ? ? CB  A ARG 12 ? ? 1.220  1.535 -0.315 0.022 N 
76  1 CB  A ARG 12 ? ? CG  A ARG 12 ? ? 4.977  1.521 3.456  0.027 N 
77  1 CG  A ARG 12 ? ? CD  A ARG 12 ? ? 2.108  1.515 0.593  0.025 N 
78  1 CD  A ARG 12 ? ? NE  A ARG 12 ? ? 2.685  1.460 1.225  0.017 N 
79  1 NE  A ARG 12 ? ? CZ  A ARG 12 ? ? 1.079  1.326 -0.247 0.013 N 
80  1 CZ  A ARG 12 ? ? NH1 A ARG 12 ? ? 2.612  1.326 1.286  0.013 N 
81  1 CZ  A ARG 12 ? ? NH2 A ARG 12 ? ? 3.580  1.326 2.254  0.013 N 
82  1 CA  A ARG 12 ? ? C   A ARG 12 ? ? 9.024  1.525 7.499  0.026 N 
83  1 C   A ARG 12 ? ? O   A ARG 12 ? ? 1.756  1.229 0.527  0.019 N 
84  1 N   A GLU 13 ? ? CA  A GLU 13 ? ? 1.292  1.459 -0.167 0.020 N 
85  1 CB  A GLU 13 ? ? CG  A GLU 13 ? ? 2.160  1.517 0.643  0.019 N 
86  1 CG  A GLU 13 ? ? CD  A GLU 13 ? ? 3.033  1.515 1.518  0.015 N 
87  1 CD  A GLU 13 ? ? OE1 A GLU 13 ? ? 1.762  1.252 0.510  0.011 N 
88  1 CD  A GLU 13 ? ? OE2 A GLU 13 ? ? 2.153  1.252 0.901  0.011 N 
89  1 CA  A GLU 13 ? ? C   A GLU 13 ? ? 5.109  1.525 3.584  0.026 N 
90  1 C   A GLU 13 ? ? O   A GLU 13 ? ? 1.761  1.229 0.532  0.019 N 
91  1 N   A LYS 14 ? ? CA  A LYS 14 ? ? 1.321  1.459 -0.138 0.020 N 
92  1 CA  A LYS 14 ? ? CB  A LYS 14 ? ? 2.001  1.535 0.466  0.022 N 
93  1 CB  A LYS 14 ? ? CG  A LYS 14 ? ? 4.000  1.521 2.479  0.027 N 
94  1 CG  A LYS 14 ? ? CD  A LYS 14 ? ? 7.277  1.520 5.757  0.034 N 
95  1 CD  A LYS 14 ? ? CE  A LYS 14 ? ? 2.725  1.508 1.217  0.025 N 
96  1 CE  A LYS 14 ? ? NZ  A LYS 14 ? ? 2.158  1.486 0.672  0.025 N 
97  1 CA  A LYS 14 ? ? C   A LYS 14 ? ? 9.569  1.525 8.044  0.026 N 
98  1 C   A LYS 14 ? ? O   A LYS 14 ? ? 1.080  1.229 -0.149 0.019 N 
99  1 C   A LYS 14 ? ? N   A GLY 15 ? ? 1.082  1.336 -0.254 0.023 Y 
100 1 N   A GLY 15 ? ? CA  A GLY 15 ? ? 2.617  1.456 1.161  0.015 N 
101 1 CA  A GLY 15 ? ? C   A GLY 15 ? ? 1.083  1.514 -0.431 0.016 N 
102 1 C   A GLY 15 ? ? O   A GLY 15 ? ? 5.400  1.232 4.168  0.016 N 
103 1 N   A VAL 16 ? ? CA  A VAL 16 ? ? 3.070  1.459 1.611  0.020 N 
104 1 CA  A VAL 16 ? ? CB  A VAL 16 ? ? 2.821  1.543 1.278  0.021 N 
105 1 CB  A VAL 16 ? ? CG1 A VAL 16 ? ? 3.684  1.524 2.160  0.021 N 
106 1 CB  A VAL 16 ? ? CG2 A VAL 16 ? ? 3.040  1.524 1.516  0.021 N 
107 1 CA  A VAL 16 ? ? C   A VAL 16 ? ? 2.876  1.525 1.351  0.026 N 
108 1 C   A VAL 16 ? ? O   A VAL 16 ? ? 4.159  1.229 2.930  0.019 N 
109 1 N   A ASP 17 ? ? CA  A ASP 17 ? ? 3.095  1.459 1.636  0.020 N 
110 1 CA  A ASP 17 ? ? CB  A ASP 17 ? ? 2.991  1.535 1.456  0.022 N 
111 1 CB  A ASP 17 ? ? CG  A ASP 17 ? ? 2.713  1.513 1.200  0.021 N 
112 1 CG  A ASP 17 ? ? OD1 A ASP 17 ? ? 2.152  1.249 0.903  0.023 N 
113 1 CG  A ASP 17 ? ? OD2 A ASP 17 ? ? 2.432  1.249 1.183  0.023 N 
114 1 CA  A ASP 17 ? ? C   A ASP 17 ? ? 4.667  1.525 3.142  0.026 N 
115 1 C   A ASP 17 ? ? O   A ASP 17 ? ? 2.145  1.229 0.916  0.019 N 
116 1 N   A ILE 18 ? ? CA  A ILE 18 ? ? 3.061  1.459 1.602  0.020 N 
117 1 CA  A ILE 18 ? ? CB  A ILE 18 ? ? 5.176  1.544 3.632  0.023 N 
118 1 CB  A ILE 18 ? ? CG1 A ILE 18 ? ? 1.312  1.536 -0.224 0.028 N 
119 1 CG1 A ILE 18 ? ? CD1 A ILE 18 ? ? 3.440  1.500 1.940  0.069 N 
120 1 CB  A ILE 18 ? ? CG2 A ILE 18 ? ? 3.283  1.524 1.759  0.031 N 
121 1 CA  A ILE 18 ? ? C   A ILE 18 ? ? 11.428 1.525 9.903  0.026 N 
122 1 C   A ILE 18 ? ? O   A ILE 18 ? ? 1.082  1.229 -0.147 0.019 N 
123 1 N   A ARG 19 ? ? CA  A ARG 19 ? ? 2.336  1.459 0.877  0.020 N 
124 1 CA  A ARG 19 ? ? CB  A ARG 19 ? ? 1.081  1.535 -0.454 0.022 N 
125 1 CB  A ARG 19 ? ? CG  A ARG 19 ? ? 4.436  1.521 2.915  0.027 N 
126 1 CG  A ARG 19 ? ? CD  A ARG 19 ? ? 2.729  1.515 1.214  0.025 N 
127 1 CZ  A ARG 19 ? ? NH1 A ARG 19 ? ? 0.980  1.326 -0.346 0.013 N 
128 1 CZ  A ARG 19 ? ? NH2 A ARG 19 ? ? 2.458  1.326 1.132  0.013 N 
129 1 CA  A ARG 19 ? ? C   A ARG 19 ? ? 10.503 1.525 8.978  0.026 N 
130 1 C   A ARG 19 ? ? O   A ARG 19 ? ? 1.082  1.229 -0.147 0.019 N 
131 1 C   A ARG 19 ? ? N   A LEU 20 ? ? 1.081  1.336 -0.255 0.023 Y 
132 1 N   A LEU 20 ? ? CA  A LEU 20 ? ? 2.364  1.459 0.905  0.020 N 
133 1 CA  A LEU 20 ? ? CB  A LEU 20 ? ? 2.150  1.533 0.617  0.023 N 
134 1 CG  A LEU 20 ? ? CD1 A LEU 20 ? ? 1.040  1.514 -0.474 0.037 N 
135 1 CG  A LEU 20 ? ? CD2 A LEU 20 ? ? 5.946  1.514 4.432  0.037 N 
136 1 CA  A LEU 20 ? ? C   A LEU 20 ? ? 7.146  1.525 5.621  0.026 N 
137 1 C   A LEU 20 ? ? O   A LEU 20 ? ? 1.080  1.229 -0.149 0.019 N 
138 1 C   A LEU 20 ? ? N   A VAL 21 ? ? 1.079  1.336 -0.257 0.023 Y 
139 1 N   A VAL 21 ? ? CA  A VAL 21 ? ? 3.067  1.459 1.608  0.020 N 
140 1 CA  A VAL 21 ? ? CB  A VAL 21 ? ? 3.057  1.543 1.514  0.021 N 
141 1 CB  A VAL 21 ? ? CG1 A VAL 21 ? ? 5.808  1.524 4.284  0.021 N 
142 1 CB  A VAL 21 ? ? CG2 A VAL 21 ? ? 4.698  1.524 3.174  0.021 N 
143 1 CA  A VAL 21 ? ? C   A VAL 21 ? ? 5.216  1.525 3.691  0.026 N 
144 1 C   A VAL 21 ? ? O   A VAL 21 ? ? 2.229  1.229 1.000  0.019 N 
145 1 N   A GLN 22 ? ? CA  A GLN 22 ? ? 2.990  1.459 1.531  0.020 N 
146 1 CA  A GLN 22 ? ? CB  A GLN 22 ? ? 2.413  1.535 0.878  0.022 N 
147 1 CB  A GLN 22 ? ? CG  A GLN 22 ? ? 2.433  1.521 0.912  0.027 N 
148 1 CG  A GLN 22 ? ? CD  A GLN 22 ? ? 3.015  1.506 1.509  0.023 N 
149 1 CD  A GLN 22 ? ? OE1 A GLN 22 ? ? 1.766  1.235 0.531  0.022 N 
150 1 CD  A GLN 22 ? ? NE2 A GLN 22 ? ? 2.123  1.324 0.799  0.025 N 
151 1 CA  A GLN 22 ? ? C   A GLN 22 ? ? 4.869  1.525 3.344  0.026 N 
152 1 C   A GLN 22 ? ? O   A GLN 22 ? ? 1.000  1.229 -0.229 0.019 N 
153 1 C   A GLN 22 ? ? N   A GLY 23 ? ? 1.000  1.336 -0.336 0.023 Y 
154 1 N   A GLY 23 ? ? CA  A GLY 23 ? ? 3.500  1.456 2.044  0.015 N 
155 1 CA  A GLY 23 ? ? C   A GLY 23 ? ? 8.649  1.514 7.135  0.016 N 
156 1 C   A GLY 23 ? ? O   A GLY 23 ? ? 2.209  1.232 0.977  0.016 N 
157 1 N   A THR 24 ? ? CA  A THR 24 ? ? 2.917  1.459 1.458  0.020 N 
158 1 CA  A THR 24 ? ? CB  A THR 24 ? ? 3.041  1.529 1.512  0.026 N 
159 1 CB  A THR 24 ? ? OG1 A THR 24 ? ? 2.606  1.428 1.178  0.020 N 
160 1 CB  A THR 24 ? ? CG2 A THR 24 ? ? 2.384  1.519 0.865  0.033 N 
161 1 CA  A THR 24 ? ? C   A THR 24 ? ? 2.342  1.525 0.817  0.026 N 
162 1 C   A THR 24 ? ? O   A THR 24 ? ? 3.885  1.229 2.656  0.019 N 
163 1 N   A GLY 25 ? ? CA  A GLY 25 ? ? 3.116  1.456 1.660  0.015 N 
164 1 CA  A GLY 25 ? ? C   A GLY 25 ? ? 2.746  1.514 1.232  0.016 N 
165 1 C   A GLY 25 ? ? O   A GLY 25 ? ? 1.084  1.232 -0.148 0.016 N 
166 1 C   A GLY 25 ? ? N   A LYS 26 ? ? 1.080  1.336 -0.256 0.023 Y 
167 1 N   A LYS 26 ? ? CA  A LYS 26 ? ? 3.042  1.459 1.583  0.020 N 
168 1 CA  A LYS 26 ? ? CB  A LYS 26 ? ? 2.539  1.535 1.004  0.022 N 
169 1 CB  A LYS 26 ? ? CG  A LYS 26 ? ? 3.429  1.521 1.908  0.027 N 
170 1 CG  A LYS 26 ? ? CD  A LYS 26 ? ? 1.081  1.520 -0.439 0.034 N 
171 1 CD  A LYS 26 ? ? CE  A LYS 26 ? ? 4.656  1.508 3.148  0.025 N 
172 1 CE  A LYS 26 ? ? NZ  A LYS 26 ? ? 2.107  1.486 0.621  0.025 N 
173 1 CA  A LYS 26 ? ? C   A LYS 26 ? ? 7.358  1.525 5.833  0.026 N 
174 1 C   A LYS 26 ? ? O   A LYS 26 ? ? 1.080  1.229 -0.149 0.019 N 
175 1 C   A LYS 26 ? ? N   A ASN 27 ? ? 1.080  1.336 -0.256 0.023 Y 
176 1 N   A ASN 27 ? ? CA  A ASN 27 ? ? 2.448  1.459 0.989  0.020 N 
177 1 CA  A ASN 27 ? ? CB  A ASN 27 ? ? 2.170  1.527 0.643  0.026 N 
178 1 CG  A ASN 27 ? ? OD1 A ASN 27 ? ? 1.041  1.235 -0.194 0.022 N 
179 1 CG  A ASN 27 ? ? ND2 A ASN 27 ? ? 1.039  1.324 -0.285 0.025 N 
180 1 CA  A ASN 27 ? ? C   A ASN 27 ? ? 5.082  1.525 3.557  0.026 N 
181 1 C   A ASN 27 ? ? O   A ASN 27 ? ? 2.222  1.229 0.993  0.019 N 
182 1 N   A GLY 28 ? ? CA  A GLY 28 ? ? 2.901  1.456 1.445  0.015 N 
183 1 CA  A GLY 28 ? ? C   A GLY 28 ? ? 3.067  1.514 1.553  0.016 N 
184 1 C   A GLY 28 ? ? O   A GLY 28 ? ? 2.150  1.232 0.918  0.016 N 
185 1 N   A ARG 29 ? ? CA  A ARG 29 ? ? 2.148  1.459 0.689  0.020 N 
186 1 CA  A ARG 29 ? ? CB  A ARG 29 ? ? 1.220  1.535 -0.315 0.022 N 
187 1 CB  A ARG 29 ? ? CG  A ARG 29 ? ? 6.871  1.521 5.350  0.027 N 
188 1 CG  A ARG 29 ? ? CD  A ARG 29 ? ? 2.099  1.515 0.584  0.025 N 
189 1 CD  A ARG 29 ? ? NE  A ARG 29 ? ? 2.717  1.460 1.257  0.017 N 
190 1 NE  A ARG 29 ? ? CZ  A ARG 29 ? ? 3.182  1.326 1.856  0.013 N 
191 1 CZ  A ARG 29 ? ? NH1 A ARG 29 ? ? 3.936  1.326 2.610  0.013 N 
192 1 CZ  A ARG 29 ? ? NH2 A ARG 29 ? ? 2.191  1.326 0.865  0.013 N 
193 1 CA  A ARG 29 ? ? C   A ARG 29 ? ? 10.119 1.525 8.594  0.026 N 
194 1 C   A ARG 29 ? ? O   A ARG 29 ? ? 2.164  1.229 0.935  0.019 N 
195 1 N   A VAL 30 ? ? CA  A VAL 30 ? ? 2.366  1.459 0.907  0.020 N 
196 1 CA  A VAL 30 ? ? CB  A VAL 30 ? ? 3.432  1.543 1.889  0.021 N 
197 1 CB  A VAL 30 ? ? CG1 A VAL 30 ? ? 1.077  1.524 -0.447 0.021 N 
198 1 CB  A VAL 30 ? ? CG2 A VAL 30 ? ? 3.893  1.524 2.369  0.021 N 
199 1 CA  A VAL 30 ? ? C   A VAL 30 ? ? 4.350  1.525 2.825  0.026 N 
200 1 C   A VAL 30 ? ? O   A VAL 30 ? ? 0.979  1.229 -0.250 0.019 N 
201 1 C   A VAL 30 ? ? N   A LEU 31 ? ? 1.485  1.336 0.149  0.023 Y 
202 1 CA  A LEU 31 ? ? CB  A LEU 31 ? ? 1.080  1.533 -0.453 0.023 N 
203 1 CB  A LEU 31 ? ? CG  A LEU 31 ? ? 2.716  1.521 1.195  0.029 N 
204 1 CG  A LEU 31 ? ? CD1 A LEU 31 ? ? 5.333  1.514 3.819  0.037 N 
205 1 CG  A LEU 31 ? ? CD2 A LEU 31 ? ? 4.369  1.514 2.855  0.037 N 
206 1 CA  A LEU 31 ? ? C   A LEU 31 ? ? 4.821  1.525 3.296  0.026 N 
207 1 C   A LEU 31 ? ? O   A LEU 31 ? ? 3.420  1.229 2.191  0.019 N 
208 1 N   A LYS 32 ? ? CA  A LYS 32 ? ? 3.103  1.459 1.644  0.020 N 
209 1 CA  A LYS 32 ? ? CB  A LYS 32 ? ? 2.760  1.535 1.225  0.022 N 
210 1 CB  A LYS 32 ? ? CG  A LYS 32 ? ? 2.535  1.521 1.014  0.027 N 
211 1 CG  A LYS 32 ? ? CD  A LYS 32 ? ? 2.507  1.520 0.987  0.034 N 
212 1 CD  A LYS 32 ? ? CE  A LYS 32 ? ? 2.127  1.508 0.619  0.025 N 
213 1 CE  A LYS 32 ? ? NZ  A LYS 32 ? ? 3.364  1.486 1.878  0.025 N 
214 1 CA  A LYS 32 ? ? C   A LYS 32 ? ? 4.280  1.525 2.755  0.026 N 
215 1 C   A LYS 32 ? ? O   A LYS 32 ? ? 2.217  1.229 0.988  0.019 N 
216 1 N   A GLU 33 ? ? CA  A GLU 33 ? ? 2.894  1.459 1.435  0.020 N 
217 1 CA  A GLU 33 ? ? CB  A GLU 33 ? ? 3.055  1.535 1.520  0.022 N 
218 1 CB  A GLU 33 ? ? CG  A GLU 33 ? ? 2.558  1.517 1.041  0.019 N 
219 1 CG  A GLU 33 ? ? CD  A GLU 33 ? ? 2.372  1.515 0.857  0.015 N 
220 1 CD  A GLU 33 ? ? OE1 A GLU 33 ? ? 3.438  1.252 2.186  0.011 N 
221 1 CD  A GLU 33 ? ? OE2 A GLU 33 ? ? 1.752  1.252 0.500  0.011 N 
222 1 CA  A GLU 33 ? ? C   A GLU 33 ? ? 4.828  1.525 3.303  0.026 N 
223 1 C   A GLU 33 ? ? O   A GLU 33 ? ? 1.757  1.229 0.528  0.019 N 
224 1 N   A ASP 34 ? ? CA  A ASP 34 ? ? 5.555  1.459 4.096  0.020 N 
225 1 CA  A ASP 34 ? ? CB  A ASP 34 ? ? 13.722 1.535 12.187 0.022 N 
226 1 CA  A ASP 34 ? ? C   A ASP 34 ? ? 11.672 1.525 10.147 0.026 N 
# 
loop_
_pdbx_validate_rmsd_angle.id 
_pdbx_validate_rmsd_angle.PDB_model_num 
_pdbx_validate_rmsd_angle.auth_atom_id_1 
_pdbx_validate_rmsd_angle.auth_asym_id_1 
_pdbx_validate_rmsd_angle.auth_comp_id_1 
_pdbx_validate_rmsd_angle.auth_seq_id_1 
_pdbx_validate_rmsd_angle.PDB_ins_code_1 
_pdbx_validate_rmsd_angle.label_alt_id_1 
_pdbx_validate_rmsd_angle.auth_atom_id_2 
_pdbx_validate_rmsd_angle.auth_asym_id_2 
_pdbx_validate_rmsd_angle.auth_comp_id_2 
_pdbx_validate_rmsd_angle.auth_seq_id_2 
_pdbx_validate_rmsd_angle.PDB_ins_code_2 
_pdbx_validate_rmsd_angle.label_alt_id_2 
_pdbx_validate_rmsd_angle.auth_atom_id_3 
_pdbx_validate_rmsd_angle.auth_asym_id_3 
_pdbx_validate_rmsd_angle.auth_comp_id_3 
_pdbx_validate_rmsd_angle.auth_seq_id_3 
_pdbx_validate_rmsd_angle.PDB_ins_code_3 
_pdbx_validate_rmsd_angle.label_alt_id_3 
_pdbx_validate_rmsd_angle.angle_value 
_pdbx_validate_rmsd_angle.angle_target_value 
_pdbx_validate_rmsd_angle.angle_deviation 
_pdbx_validate_rmsd_angle.angle_standard_deviation 
_pdbx_validate_rmsd_angle.linker_flag 
1   1 CB  A VAL 1  ? ? CA  A VAL 1  ? ? C   A VAL 1  ? ? 96.01  111.40 -15.39  1.90 N 
2   1 N   A VAL 1  ? ? CA  A VAL 1  ? ? CB  A VAL 1  ? ? 144.25 111.50 32.75   2.20 N 
3   1 CG1 A VAL 1  ? ? CB  A VAL 1  ? ? CG2 A VAL 1  ? ? 143.02 110.90 32.12   1.60 N 
4   1 CA  A VAL 1  ? ? CB  A VAL 1  ? ? CG1 A VAL 1  ? ? 49.16  110.90 -61.74  1.50 N 
5   1 N   A VAL 1  ? ? CA  A VAL 1  ? ? C   A VAL 1  ? ? 66.22  111.00 -44.78  2.70 N 
6   1 CA  A VAL 1  ? ? C   A VAL 1  ? ? O   A VAL 1  ? ? 67.60  120.10 -52.50  2.10 N 
7   1 CA  A VAL 1  ? ? C   A VAL 1  ? ? N   A ILE 2  ? ? 154.37 117.20 37.17   2.20 Y 
8   1 CB  A ILE 2  ? ? CA  A ILE 2  ? ? C   A ILE 2  ? ? 89.69  111.60 -21.91  2.00 N 
9   1 CG1 A ILE 2  ? ? CB  A ILE 2  ? ? CG2 A ILE 2  ? ? 63.19  111.40 -48.21  2.20 N 
10  1 CA  A ILE 2  ? ? CB  A ILE 2  ? ? CG1 A ILE 2  ? ? 59.98  111.00 -51.02  1.90 N 
11  1 CA  A ILE 2  ? ? CB  A ILE 2  ? ? CG2 A ILE 2  ? ? 59.89  110.90 -51.01  2.00 N 
12  1 N   A ILE 2  ? ? CA  A ILE 2  ? ? C   A ILE 2  ? ? 151.44 111.00 40.44   2.70 N 
13  1 CA  A ILE 2  ? ? C   A ILE 2  ? ? O   A ILE 2  ? ? 57.46  120.10 -62.64  2.10 N 
14  1 CA  A ILE 2  ? ? C   A ILE 2  ? ? N   A ALA 3  ? ? 158.81 117.20 41.61   2.20 Y 
15  1 C   A ILE 2  ? ? N   A ALA 3  ? ? CA  A ALA 3  ? ? 4.13   121.70 -117.57 2.50 Y 
16  1 CB  A ALA 3  ? ? CA  A ALA 3  ? ? C   A ALA 3  ? ? 48.12  110.10 -61.98  1.50 N 
17  1 N   A ALA 3  ? ? CA  A ALA 3  ? ? CB  A ALA 3  ? ? 84.37  110.10 -25.73  1.40 N 
18  1 CA  A ALA 3  ? ? C   A ALA 3  ? ? O   A ALA 3  ? ? 69.49  120.10 -50.61  2.10 N 
19  1 CB  A MET 4  ? ? CA  A MET 4  ? ? C   A MET 4  ? ? 82.94  110.40 -27.46  2.00 N 
20  1 N   A MET 4  ? ? CA  A MET 4  ? ? CB  A MET 4  ? ? 56.30  110.60 -54.30  1.80 N 
21  1 CA  A MET 4  ? ? CB  A MET 4  ? ? CG  A MET 4  ? ? 59.97  113.30 -53.33  1.70 N 
22  1 CG  A MET 4  ? ? SD  A MET 4  ? ? CE  A MET 4  ? ? 90.39  100.20 -9.81   1.60 N 
23  1 N   A MET 4  ? ? CA  A MET 4  ? ? C   A MET 4  ? ? 52.74  111.00 -58.26  2.70 N 
24  1 CA  A MET 4  ? ? C   A MET 4  ? ? O   A MET 4  ? ? 85.75  120.10 -34.35  2.10 N 
25  1 CA  A MET 4  ? ? C   A MET 4  ? ? N   A PRO 5  ? ? 146.79 117.10 29.69   2.80 Y 
26  1 C   A MET 4  ? ? N   A PRO 5  ? ? CA  A PRO 5  ? ? 109.39 127.00 -17.61  2.40 Y 
27  1 C   A MET 4  ? ? N   A PRO 5  ? ? CD  A PRO 5  ? ? 144.92 120.60 24.32   2.20 Y 
28  1 CA  A PRO 5  ? ? N   A PRO 5  ? ? CD  A PRO 5  ? ? 66.42  111.50 -45.08  1.40 N 
29  1 CB  A PRO 5  ? ? CA  A PRO 5  ? ? C   A PRO 5  ? ? 69.06  112.00 -42.94  2.50 N 
30  1 N   A PRO 5  ? ? CA  A PRO 5  ? ? CB  A PRO 5  ? ? 29.42  102.60 -73.18  1.10 N 
31  1 CA  A PRO 5  ? ? CB  A PRO 5  ? ? CG  A PRO 5  ? ? 87.77  104.00 -16.23  1.90 N 
32  1 CB  A PRO 5  ? ? CG  A PRO 5  ? ? CD  A PRO 5  ? ? 74.11  105.40 -31.29  2.30 N 
33  1 N   A PRO 5  ? ? CD  A PRO 5  ? ? CG  A PRO 5  ? ? 58.19  103.80 -45.61  1.20 N 
34  1 N   A PRO 5  ? ? CA  A PRO 5  ? ? C   A PRO 5  ? ? 82.87  112.10 -29.23  2.60 N 
35  1 C   A PRO 5  ? ? N   A SER 6  ? ? CA  A SER 6  ? ? 149.09 121.70 27.39   2.50 Y 
36  1 CB  A SER 6  ? ? CA  A SER 6  ? ? C   A SER 6  ? ? 36.25  110.10 -73.85  1.90 N 
37  1 N   A SER 6  ? ? CA  A SER 6  ? ? CB  A SER 6  ? ? 39.20  110.50 -71.30  1.50 N 
38  1 CA  A SER 6  ? ? CB  A SER 6  ? ? OG  A SER 6  ? ? 83.09  111.20 -28.11  2.70 N 
39  1 N   A SER 6  ? ? CA  A SER 6  ? ? C   A SER 6  ? ? 64.15  111.00 -46.85  2.70 N 
40  1 CA  A SER 6  ? ? C   A SER 6  ? ? O   A SER 6  ? ? 157.10 120.10 37.00   2.10 N 
41  1 CA  A SER 6  ? ? C   A SER 6  ? ? N   A VAL 7  ? ? 82.16  117.20 -35.04  2.20 Y 
42  1 O   A SER 6  ? ? C   A SER 6  ? ? N   A VAL 7  ? ? 108.93 122.70 -13.77  1.60 Y 
43  1 C   A SER 6  ? ? N   A VAL 7  ? ? CA  A VAL 7  ? ? 27.08  121.70 -94.62  2.50 Y 
44  1 CB  A VAL 7  ? ? CA  A VAL 7  ? ? C   A VAL 7  ? ? 16.99  111.40 -94.41  1.90 N 
45  1 CG1 A VAL 7  ? ? CB  A VAL 7  ? ? CG2 A VAL 7  ? ? 53.74  110.90 -57.16  1.60 N 
46  1 CA  A VAL 7  ? ? CB  A VAL 7  ? ? CG1 A VAL 7  ? ? 160.63 110.90 49.73   1.50 N 
47  1 N   A VAL 7  ? ? CA  A VAL 7  ? ? C   A VAL 7  ? ? 94.58  111.00 -16.42  2.70 N 
48  1 CA  A VAL 7  ? ? C   A VAL 7  ? ? O   A VAL 7  ? ? 103.21 120.10 -16.89  2.10 N 
49  1 O   A VAL 7  ? ? C   A VAL 7  ? ? N   A ARG 8  ? ? 109.24 122.70 -13.46  1.60 Y 
50  1 C   A VAL 7  ? ? N   A ARG 8  ? ? CA  A ARG 8  ? ? 31.95  121.70 -89.75  2.50 Y 
51  1 CB  A ARG 8  ? ? CA  A ARG 8  ? ? C   A ARG 8  ? ? 128.21 110.40 17.81   2.00 N 
52  1 N   A ARG 8  ? ? CA  A ARG 8  ? ? CB  A ARG 8  ? ? 50.63  110.60 -59.97  1.80 N 
53  1 CA  A ARG 8  ? ? CB  A ARG 8  ? ? CG  A ARG 8  ? ? 55.23  113.40 -58.17  2.20 N 
54  1 CD  A ARG 8  ? ? NE  A ARG 8  ? ? CZ  A ARG 8  ? ? 66.16  123.60 -57.44  1.40 N 
55  1 NH1 A ARG 8  ? ? CZ  A ARG 8  ? ? NH2 A ARG 8  ? ? 35.00  119.40 -84.40  1.10 N 
56  1 NE  A ARG 8  ? ? CZ  A ARG 8  ? ? NH1 A ARG 8  ? ? 59.33  120.30 -60.97  0.50 N 
57  1 NE  A ARG 8  ? ? CZ  A ARG 8  ? ? NH2 A ARG 8  ? ? 60.68  120.30 -59.62  0.50 N 
58  1 N   A ARG 8  ? ? CA  A ARG 8  ? ? C   A ARG 8  ? ? 90.14  111.00 -20.86  2.70 N 
59  1 CA  A ARG 8  ? ? C   A ARG 8  ? ? O   A ARG 8  ? ? 136.96 120.10 16.86   2.10 N 
60  1 CA  A ARG 8  ? ? C   A ARG 8  ? ? N   A LYS 9  ? ? 94.74  117.20 -22.46  2.20 Y 
61  1 C   A ARG 8  ? ? N   A LYS 9  ? ? CA  A LYS 9  ? ? 26.77  121.70 -94.93  2.50 Y 
62  1 CB  A LYS 9  ? ? CA  A LYS 9  ? ? C   A LYS 9  ? ? 82.97  110.40 -27.43  2.00 N 
63  1 N   A LYS 9  ? ? CA  A LYS 9  ? ? CB  A LYS 9  ? ? 76.87  110.60 -33.73  1.80 N 
64  1 CA  A LYS 9  ? ? CB  A LYS 9  ? ? CG  A LYS 9  ? ? 91.21  113.40 -22.19  2.20 N 
65  1 CB  A LYS 9  ? ? CG  A LYS 9  ? ? CD  A LYS 9  ? ? 88.18  111.60 -23.42  2.60 N 
66  1 CB  A TYR 10 ? ? CA  A TYR 10 ? ? C   A TYR 10 ? ? 70.53  110.40 -39.87  2.00 N 
67  1 N   A TYR 10 ? ? CA  A TYR 10 ? ? CB  A TYR 10 ? ? 93.67  110.60 -16.93  1.80 N 
68  1 CA  A TYR 10 ? ? CB  A TYR 10 ? ? CG  A TYR 10 ? ? 85.15  113.40 -28.25  1.90 N 
69  1 CB  A TYR 10 ? ? CG  A TYR 10 ? ? CD2 A TYR 10 ? ? 68.08  121.00 -52.92  0.60 N 
70  1 CD1 A TYR 10 ? ? CG  A TYR 10 ? ? CD2 A TYR 10 ? ? 22.34  117.90 -95.56  1.10 N 
71  1 CB  A TYR 10 ? ? CG  A TYR 10 ? ? CD1 A TYR 10 ? ? 86.22  121.00 -34.78  0.60 N 
72  1 CG  A TYR 10 ? ? CD1 A TYR 10 ? ? CE1 A TYR 10 ? ? 143.84 121.30 22.54   0.80 N 
73  1 CG  A TYR 10 ? ? CD2 A TYR 10 ? ? CE2 A TYR 10 ? ? 173.46 121.30 52.16   0.80 N 
74  1 CD1 A TYR 10 ? ? CE1 A TYR 10 ? ? CZ  A TYR 10 ? ? 164.92 119.80 45.12   0.90 N 
75  1 CE1 A TYR 10 ? ? CZ  A TYR 10 ? ? OH  A TYR 10 ? ? 143.53 120.10 23.43   2.70 N 
76  1 CE1 A TYR 10 ? ? CZ  A TYR 10 ? ? CE2 A TYR 10 ? ? 35.12  119.80 -84.68  1.60 N 
77  1 CZ  A TYR 10 ? ? CE2 A TYR 10 ? ? CD2 A TYR 10 ? ? 144.40 119.80 24.60   0.90 N 
78  1 CA  A TYR 10 ? ? C   A TYR 10 ? ? O   A TYR 10 ? ? 26.33  120.10 -93.77  2.10 N 
79  1 CB  A ALA 11 ? ? CA  A ALA 11 ? ? C   A ALA 11 ? ? 14.84  110.10 -95.26  1.50 N 
80  1 N   A ALA 11 ? ? CA  A ALA 11 ? ? CB  A ALA 11 ? ? 64.45  110.10 -45.65  1.40 N 
81  1 N   A ALA 11 ? ? CA  A ALA 11 ? ? C   A ALA 11 ? ? 72.36  111.00 -38.64  2.70 N 
82  1 CA  A ALA 11 ? ? C   A ALA 11 ? ? O   A ALA 11 ? ? 96.33  120.10 -23.77  2.10 N 
83  1 CB  A ARG 12 ? ? CA  A ARG 12 ? ? C   A ARG 12 ? ? 148.93 110.40 38.53   2.00 N 
84  1 CA  A ARG 12 ? ? CB  A ARG 12 ? ? CG  A ARG 12 ? ? 5.27   113.40 -108.13 2.20 N 
85  1 CB  A ARG 12 ? ? CG  A ARG 12 ? ? CD  A ARG 12 ? ? 145.83 111.60 34.23   2.60 N 
86  1 CD  A ARG 12 ? ? NE  A ARG 12 ? ? CZ  A ARG 12 ? ? 109.01 123.60 -14.59  1.40 N 
87  1 NH1 A ARG 12 ? ? CZ  A ARG 12 ? ? NH2 A ARG 12 ? ? 8.94   119.40 -110.46 1.10 N 
88  1 NE  A ARG 12 ? ? CZ  A ARG 12 ? ? NH1 A ARG 12 ? ? 73.39  120.30 -46.91  0.50 N 
89  1 NE  A ARG 12 ? ? CZ  A ARG 12 ? ? NH2 A ARG 12 ? ? 74.46  120.30 -45.84  0.50 N 
90  1 CA  A ARG 12 ? ? C   A ARG 12 ? ? O   A ARG 12 ? ? 47.35  120.10 -72.75  2.10 N 
91  1 CB  A GLU 13 ? ? CA  A GLU 13 ? ? C   A GLU 13 ? ? 45.44  110.40 -64.96  2.00 N 
92  1 CA  A GLU 13 ? ? CB  A GLU 13 ? ? CG  A GLU 13 ? ? 98.22  113.40 -15.18  2.20 N 
93  1 CB  A GLU 13 ? ? CG  A GLU 13 ? ? CD  A GLU 13 ? ? 58.06  114.20 -56.14  2.70 N 
94  1 OE1 A GLU 13 ? ? CD  A GLU 13 ? ? OE2 A GLU 13 ? ? 65.93  123.30 -57.37  1.20 N 
95  1 CG  A GLU 13 ? ? CD  A GLU 13 ? ? OE1 A GLU 13 ? ? 51.96  118.30 -66.34  2.00 N 
96  1 CG  A GLU 13 ? ? CD  A GLU 13 ? ? OE2 A GLU 13 ? ? 64.22  118.30 -54.08  2.00 N 
97  1 N   A GLU 13 ? ? CA  A GLU 13 ? ? C   A GLU 13 ? ? 162.96 111.00 51.96   2.70 N 
98  1 CA  A GLU 13 ? ? C   A GLU 13 ? ? O   A GLU 13 ? ? 73.29  120.10 -46.81  2.10 N 
99  1 N   A LYS 14 ? ? CA  A LYS 14 ? ? CB  A LYS 14 ? ? 92.89  110.60 -17.71  1.80 N 
100 1 CA  A LYS 14 ? ? CB  A LYS 14 ? ? CG  A LYS 14 ? ? 3.55   113.40 -109.85 2.20 N 
101 1 CB  A LYS 14 ? ? CG  A LYS 14 ? ? CD  A LYS 14 ? ? 72.96  111.60 -38.64  2.60 N 
102 1 CD  A LYS 14 ? ? CE  A LYS 14 ? ? NZ  A LYS 14 ? ? 167.80 111.70 56.10   2.30 N 
103 1 N   A LYS 14 ? ? CA  A LYS 14 ? ? C   A LYS 14 ? ? 19.98  111.00 -91.02  2.70 N 
104 1 CA  A LYS 14 ? ? C   A LYS 14 ? ? O   A LYS 14 ? ? 74.39  120.10 -45.71  2.10 N 
105 1 O   A LYS 14 ? ? C   A LYS 14 ? ? N   A GLY 15 ? ? 109.16 123.20 -14.04  1.70 Y 
106 1 C   A LYS 14 ? ? N   A GLY 15 ? ? CA  A GLY 15 ? ? 72.45  122.30 -49.85  2.10 Y 
107 1 N   A GLY 15 ? ? CA  A GLY 15 ? ? C   A GLY 15 ? ? 76.22  113.10 -36.88  2.50 N 
108 1 CA  A GLY 15 ? ? C   A GLY 15 ? ? O   A GLY 15 ? ? 8.07   120.60 -112.53 1.80 N 
109 1 CB  A VAL 16 ? ? CA  A VAL 16 ? ? C   A VAL 16 ? ? 54.32  111.40 -57.08  1.90 N 
110 1 N   A VAL 16 ? ? CA  A VAL 16 ? ? CB  A VAL 16 ? ? 54.98  111.50 -56.52  2.20 N 
111 1 CG1 A VAL 16 ? ? CB  A VAL 16 ? ? CG2 A VAL 16 ? ? 40.41  110.90 -70.49  1.60 N 
112 1 CA  A VAL 16 ? ? CB  A VAL 16 ? ? CG1 A VAL 16 ? ? 90.23  110.90 -20.67  1.50 N 
113 1 CA  A VAL 16 ? ? CB  A VAL 16 ? ? CG2 A VAL 16 ? ? 54.95  110.90 -55.95  1.50 N 
114 1 CA  A VAL 16 ? ? C   A VAL 16 ? ? O   A VAL 16 ? ? 50.99  120.10 -69.11  2.10 N 
115 1 CB  A ASP 17 ? ? CA  A ASP 17 ? ? C   A ASP 17 ? ? 31.66  110.40 -78.74  2.00 N 
116 1 N   A ASP 17 ? ? CA  A ASP 17 ? ? CB  A ASP 17 ? ? 45.48  110.60 -65.12  1.80 N 
117 1 CA  A ASP 17 ? ? CB  A ASP 17 ? ? CG  A ASP 17 ? ? 58.37  113.40 -55.03  2.20 N 
118 1 OD1 A ASP 17 ? ? CG  A ASP 17 ? ? OD2 A ASP 17 ? ? 26.41  123.30 -96.89  1.90 N 
119 1 CB  A ASP 17 ? ? CG  A ASP 17 ? ? OD1 A ASP 17 ? ? 62.68  118.30 -55.62  0.90 N 
120 1 CB  A ASP 17 ? ? CG  A ASP 17 ? ? OD2 A ASP 17 ? ? 57.65  118.30 -60.65  0.90 N 
121 1 N   A ASP 17 ? ? CA  A ASP 17 ? ? C   A ASP 17 ? ? 72.91  111.00 -38.09  2.70 N 
122 1 CA  A ASP 17 ? ? C   A ASP 17 ? ? O   A ASP 17 ? ? 94.81  120.10 -25.29  2.10 N 
123 1 CB  A ILE 18 ? ? CA  A ILE 18 ? ? C   A ILE 18 ? ? 17.76  111.60 -93.84  2.00 N 
124 1 N   A ILE 18 ? ? CA  A ILE 18 ? ? CB  A ILE 18 ? ? 71.85  110.80 -38.95  2.30 N 
125 1 CG1 A ILE 18 ? ? CB  A ILE 18 ? ? CG2 A ILE 18 ? ? 21.24  111.40 -90.16  2.20 N 
126 1 CA  A ILE 18 ? ? CB  A ILE 18 ? ? CG1 A ILE 18 ? ? 155.28 111.00 44.28   1.90 N 
127 1 CA  A ILE 18 ? ? CB  A ILE 18 ? ? CG2 A ILE 18 ? ? 171.54 110.90 60.64   2.00 N 
128 1 N   A ILE 18 ? ? CA  A ILE 18 ? ? C   A ILE 18 ? ? 57.61  111.00 -53.39  2.70 N 
129 1 CA  A ILE 18 ? ? C   A ILE 18 ? ? N   A ARG 19 ? ? 88.88  117.20 -28.32  2.20 Y 
130 1 O   A ILE 18 ? ? C   A ILE 18 ? ? N   A ARG 19 ? ? 110.74 122.70 -11.96  1.60 Y 
131 1 C   A ILE 18 ? ? N   A ARG 19 ? ? CA  A ARG 19 ? ? 39.56  121.70 -82.14  2.50 Y 
132 1 N   A ARG 19 ? ? CA  A ARG 19 ? ? CB  A ARG 19 ? ? 145.34 110.60 34.74   1.80 N 
133 1 CA  A ARG 19 ? ? CB  A ARG 19 ? ? CG  A ARG 19 ? ? 86.35  113.40 -27.05  2.20 N 
134 1 CG  A ARG 19 ? ? CD  A ARG 19 ? ? NE  A ARG 19 ? ? 151.17 111.80 39.37   2.10 N 
135 1 NH1 A ARG 19 ? ? CZ  A ARG 19 ? ? NH2 A ARG 19 ? ? 85.22  119.40 -34.18  1.10 N 
136 1 NE  A ARG 19 ? ? CZ  A ARG 19 ? ? NH2 A ARG 19 ? ? 152.83 120.30 32.53   0.50 N 
137 1 N   A ARG 19 ? ? CA  A ARG 19 ? ? C   A ARG 19 ? ? 44.39  111.00 -66.61  2.70 N 
138 1 CA  A ARG 19 ? ? C   A ARG 19 ? ? O   A ARG 19 ? ? 141.15 120.10 21.05   2.10 N 
139 1 CA  A ARG 19 ? ? C   A ARG 19 ? ? N   A LEU 20 ? ? 53.40  117.20 -63.80  2.20 Y 
140 1 O   A ARG 19 ? ? C   A ARG 19 ? ? N   A LEU 20 ? ? 108.96 122.70 -13.74  1.60 Y 
141 1 C   A ARG 19 ? ? N   A LEU 20 ? ? CA  A LEU 20 ? ? 65.83  121.70 -55.87  2.50 Y 
142 1 CB  A LEU 20 ? ? CA  A LEU 20 ? ? C   A LEU 20 ? ? 77.00  110.20 -33.20  1.90 N 
143 1 N   A LEU 20 ? ? CA  A LEU 20 ? ? CB  A LEU 20 ? ? 80.51  110.40 -29.89  2.00 N 
144 1 CA  A LEU 20 ? ? CB  A LEU 20 ? ? CG  A LEU 20 ? ? 98.39  115.30 -16.91  2.30 N 
145 1 CD1 A LEU 20 ? ? CG  A LEU 20 ? ? CD2 A LEU 20 ? ? 27.02  110.50 -83.48  3.00 N 
146 1 CB  A LEU 20 ? ? CG  A LEU 20 ? ? CD2 A LEU 20 ? ? 93.06  111.00 -17.94  1.70 N 
147 1 N   A LEU 20 ? ? CA  A LEU 20 ? ? C   A LEU 20 ? ? 3.50   111.00 -107.50 2.70 N 
148 1 CA  A LEU 20 ? ? C   A LEU 20 ? ? O   A LEU 20 ? ? 49.13  120.10 -70.97  2.10 N 
149 1 CA  A LEU 20 ? ? C   A LEU 20 ? ? N   A VAL 21 ? ? 157.20 117.20 40.00   2.20 Y 
150 1 O   A LEU 20 ? ? C   A LEU 20 ? ? N   A VAL 21 ? ? 109.29 122.70 -13.41  1.60 Y 
151 1 C   A LEU 20 ? ? N   A VAL 21 ? ? CA  A VAL 21 ? ? 43.10  121.70 -78.60  2.50 Y 
152 1 N   A VAL 21 ? ? CA  A VAL 21 ? ? CB  A VAL 21 ? ? 51.76  111.50 -59.74  2.20 N 
153 1 CG1 A VAL 21 ? ? CB  A VAL 21 ? ? CG2 A VAL 21 ? ? 23.56  110.90 -87.34  1.60 N 
154 1 CA  A VAL 21 ? ? CB  A VAL 21 ? ? CG1 A VAL 21 ? ? 50.57  110.90 -60.33  1.50 N 
155 1 CA  A VAL 21 ? ? CB  A VAL 21 ? ? CG2 A VAL 21 ? ? 37.16  110.90 -73.74  1.50 N 
156 1 N   A VAL 21 ? ? CA  A VAL 21 ? ? C   A VAL 21 ? ? 80.93  111.00 -30.07  2.70 N 
157 1 CA  A VAL 21 ? ? C   A VAL 21 ? ? O   A VAL 21 ? ? 5.65   120.10 -114.45 2.10 N 
158 1 CB  A GLN 22 ? ? CA  A GLN 22 ? ? C   A GLN 22 ? ? 52.83  110.40 -57.57  2.00 N 
159 1 N   A GLN 22 ? ? CA  A GLN 22 ? ? CB  A GLN 22 ? ? 86.09  110.60 -24.51  1.80 N 
160 1 CB  A GLN 22 ? ? CG  A GLN 22 ? ? CD  A GLN 22 ? ? 77.32  111.60 -34.28  2.60 N 
161 1 OE1 A GLN 22 ? ? CD  A GLN 22 ? ? NE2 A GLN 22 ? ? 65.96  121.90 -55.94  2.30 N 
162 1 CG  A GLN 22 ? ? CD  A GLN 22 ? ? OE1 A GLN 22 ? ? 60.78  121.60 -60.82  2.00 N 
163 1 CG  A GLN 22 ? ? CD  A GLN 22 ? ? NE2 A GLN 22 ? ? 56.11  116.70 -60.59  2.40 N 
164 1 CA  A GLN 22 ? ? C   A GLN 22 ? ? O   A GLN 22 ? ? 50.27  120.10 -69.83  2.10 N 
165 1 CA  A GLN 22 ? ? C   A GLN 22 ? ? N   A GLY 23 ? ? 140.00 116.20 23.80   2.00 Y 
166 1 C   A GLN 22 ? ? N   A GLY 23 ? ? CA  A GLY 23 ? ? 63.39  122.30 -58.91  2.10 Y 
167 1 N   A GLY 23 ? ? CA  A GLY 23 ? ? C   A GLY 23 ? ? 55.41  113.10 -57.69  2.50 N 
168 1 CA  A GLY 23 ? ? C   A GLY 23 ? ? O   A GLY 23 ? ? 89.81  120.60 -30.79  1.80 N 
169 1 CB  A THR 24 ? ? CA  A THR 24 ? ? C   A THR 24 ? ? 67.18  111.60 -44.42  2.70 N 
170 1 N   A THR 24 ? ? CA  A THR 24 ? ? CB  A THR 24 ? ? 43.14  110.30 -67.16  1.90 N 
171 1 OG1 A THR 24 ? ? CB  A THR 24 ? ? CG2 A THR 24 ? ? 41.00  110.00 -69.00  2.30 N 
172 1 CA  A THR 24 ? ? CB  A THR 24 ? ? OG1 A THR 24 ? ? 86.82  109.00 -22.18  2.10 N 
173 1 CA  A THR 24 ? ? CB  A THR 24 ? ? CG2 A THR 24 ? ? 84.51  112.40 -27.89  1.40 N 
174 1 CA  A THR 24 ? ? C   A THR 24 ? ? O   A THR 24 ? ? 28.60  120.10 -91.50  2.10 N 
175 1 N   A GLY 25 ? ? CA  A GLY 25 ? ? C   A GLY 25 ? ? 85.85  113.10 -27.25  2.50 N 
176 1 CA  A GLY 25 ? ? C   A GLY 25 ? ? O   A GLY 25 ? ? 133.14 120.60 12.54   1.80 N 
177 1 CA  A GLY 25 ? ? C   A GLY 25 ? ? N   A LYS 26 ? ? 57.38  117.20 -59.82  2.20 Y 
178 1 O   A GLY 25 ? ? C   A GLY 25 ? ? N   A LYS 26 ? ? 108.78 122.70 -13.92  1.60 Y 
179 1 C   A GLY 25 ? ? N   A LYS 26 ? ? CA  A LYS 26 ? ? 29.47  121.70 -92.23  2.50 Y 
180 1 N   A LYS 26 ? ? CA  A LYS 26 ? ? CB  A LYS 26 ? ? 59.35  110.60 -51.25  1.80 N 
181 1 CA  A LYS 26 ? ? CB  A LYS 26 ? ? CG  A LYS 26 ? ? 38.65  113.40 -74.75  2.20 N 
182 1 CB  A LYS 26 ? ? CG  A LYS 26 ? ? CD  A LYS 26 ? ? 135.17 111.60 23.57   2.60 N 
183 1 CD  A LYS 26 ? ? CE  A LYS 26 ? ? NZ  A LYS 26 ? ? 164.59 111.70 52.89   2.30 N 
184 1 N   A LYS 26 ? ? CA  A LYS 26 ? ? C   A LYS 26 ? ? 78.37  111.00 -32.63  2.70 N 
185 1 CA  A LYS 26 ? ? C   A LYS 26 ? ? O   A LYS 26 ? ? 105.03 120.10 -15.07  2.10 N 
186 1 O   A LYS 26 ? ? C   A LYS 26 ? ? N   A ASN 27 ? ? 109.04 122.70 -13.66  1.60 Y 
187 1 C   A LYS 26 ? ? N   A ASN 27 ? ? CA  A ASN 27 ? ? 61.55  121.70 -60.15  2.50 Y 
188 1 CB  A ASN 27 ? ? CA  A ASN 27 ? ? C   A ASN 27 ? ? 87.83  110.40 -22.57  2.00 N 
189 1 N   A ASN 27 ? ? CA  A ASN 27 ? ? CB  A ASN 27 ? ? 74.82  110.60 -35.78  1.80 N 
190 1 CA  A ASN 27 ? ? CB  A ASN 27 ? ? CG  A ASN 27 ? ? 82.53  113.40 -30.87  2.20 N 
191 1 CB  A ASN 27 ? ? CG  A ASN 27 ? ? OD1 A ASN 27 ? ? 109.45 121.60 -12.15  2.00 N 
192 1 N   A ASN 27 ? ? CA  A ASN 27 ? ? C   A ASN 27 ? ? 14.57  111.00 -96.43  2.70 N 
193 1 CA  A ASN 27 ? ? C   A ASN 27 ? ? O   A ASN 27 ? ? 78.99  120.10 -41.11  2.10 N 
194 1 N   A GLY 28 ? ? CA  A GLY 28 ? ? C   A GLY 28 ? ? 47.50  113.10 -65.60  2.50 N 
195 1 CA  A GLY 28 ? ? C   A GLY 28 ? ? O   A GLY 28 ? ? 59.63  120.60 -60.97  1.80 N 
196 1 CB  A ARG 29 ? ? CA  A ARG 29 ? ? C   A ARG 29 ? ? 148.09 110.40 37.69   2.00 N 
197 1 N   A ARG 29 ? ? CA  A ARG 29 ? ? CB  A ARG 29 ? ? 96.86  110.60 -13.74  1.80 N 
198 1 CA  A ARG 29 ? ? CB  A ARG 29 ? ? CG  A ARG 29 ? ? 26.45  113.40 -86.95  2.20 N 
199 1 CG  A ARG 29 ? ? CD  A ARG 29 ? ? NE  A ARG 29 ? ? 59.85  111.80 -51.95  2.10 N 
200 1 CD  A ARG 29 ? ? NE  A ARG 29 ? ? CZ  A ARG 29 ? ? 55.68  123.60 -67.92  1.40 N 
201 1 NH1 A ARG 29 ? ? CZ  A ARG 29 ? ? NH2 A ARG 29 ? ? 109.60 119.40 -9.80   1.10 N 
202 1 NE  A ARG 29 ? ? CZ  A ARG 29 ? ? NH1 A ARG 29 ? ? 61.71  120.30 -58.59  0.50 N 
203 1 NE  A ARG 29 ? ? CZ  A ARG 29 ? ? NH2 A ARG 29 ? ? 48.50  120.30 -71.80  0.50 N 
204 1 N   A ARG 29 ? ? CA  A ARG 29 ? ? C   A ARG 29 ? ? 55.69  111.00 -55.31  2.70 N 
205 1 CA  A ARG 29 ? ? C   A ARG 29 ? ? O   A ARG 29 ? ? 82.62  120.10 -37.48  2.10 N 
206 1 CB  A VAL 30 ? ? CA  A VAL 30 ? ? C   A VAL 30 ? ? 60.47  111.40 -50.93  1.90 N 
207 1 N   A VAL 30 ? ? CA  A VAL 30 ? ? CB  A VAL 30 ? ? 39.29  111.50 -72.21  2.20 N 
208 1 CG1 A VAL 30 ? ? CB  A VAL 30 ? ? CG2 A VAL 30 ? ? 80.62  110.90 -30.28  1.60 N 
209 1 CA  A VAL 30 ? ? CB  A VAL 30 ? ? CG1 A VAL 30 ? ? 94.33  110.90 -16.57  1.50 N 
210 1 CA  A VAL 30 ? ? CB  A VAL 30 ? ? CG2 A VAL 30 ? ? 37.23  110.90 -73.67  1.50 N 
211 1 N   A VAL 30 ? ? CA  A VAL 30 ? ? C   A VAL 30 ? ? 35.99  111.00 -75.01  2.70 N 
212 1 CA  A VAL 30 ? ? C   A VAL 30 ? ? O   A VAL 30 ? ? 52.83  120.10 -67.27  2.10 N 
213 1 CA  A VAL 30 ? ? C   A VAL 30 ? ? N   A LEU 31 ? ? 164.11 117.20 46.91   2.20 Y 
214 1 CB  A LEU 31 ? ? CA  A LEU 31 ? ? C   A LEU 31 ? ? 132.41 110.20 22.21   1.90 N 
215 1 CA  A LEU 31 ? ? CB  A LEU 31 ? ? CG  A LEU 31 ? ? 58.73  115.30 -56.57  2.30 N 
216 1 CD1 A LEU 31 ? ? CG  A LEU 31 ? ? CD2 A LEU 31 ? ? 28.86  110.50 -81.64  3.00 N 
217 1 CB  A LEU 31 ? ? CG  A LEU 31 ? ? CD1 A LEU 31 ? ? 80.00  111.00 -31.00  1.70 N 
218 1 CB  A LEU 31 ? ? CG  A LEU 31 ? ? CD2 A LEU 31 ? ? 69.45  111.00 -41.55  1.70 N 
219 1 N   A LEU 31 ? ? CA  A LEU 31 ? ? C   A LEU 31 ? ? 78.55  111.00 -32.45  2.70 N 
220 1 CA  A LEU 31 ? ? C   A LEU 31 ? ? O   A LEU 31 ? ? 79.97  120.10 -40.13  2.10 N 
221 1 CB  A LYS 32 ? ? CA  A LYS 32 ? ? C   A LYS 32 ? ? 33.91  110.40 -76.49  2.00 N 
222 1 N   A LYS 32 ? ? CA  A LYS 32 ? ? CB  A LYS 32 ? ? 60.90  110.60 -49.70  1.80 N 
223 1 CA  A LYS 32 ? ? CB  A LYS 32 ? ? CG  A LYS 32 ? ? 53.75  113.40 -59.65  2.20 N 
224 1 CB  A LYS 32 ? ? CG  A LYS 32 ? ? CD  A LYS 32 ? ? 62.35  111.60 -49.25  2.60 N 
225 1 N   A LYS 32 ? ? CA  A LYS 32 ? ? C   A LYS 32 ? ? 40.42  111.00 -70.58  2.70 N 
226 1 CA  A LYS 32 ? ? C   A LYS 32 ? ? O   A LYS 32 ? ? 57.77  120.10 -62.33  2.10 N 
227 1 CB  A GLU 33 ? ? CA  A GLU 33 ? ? C   A GLU 33 ? ? 49.45  110.40 -60.95  2.00 N 
228 1 N   A GLU 33 ? ? CA  A GLU 33 ? ? CB  A GLU 33 ? ? 51.51  110.60 -59.09  1.80 N 
229 1 CA  A GLU 33 ? ? CB  A GLU 33 ? ? CG  A GLU 33 ? ? 60.03  113.40 -53.37  2.20 N 
230 1 OE1 A GLU 33 ? ? CD  A GLU 33 ? ? OE2 A GLU 33 ? ? 47.90  123.30 -75.40  1.20 N 
231 1 CG  A GLU 33 ? ? CD  A GLU 33 ? ? OE1 A GLU 33 ? ? 38.36  118.30 -79.94  2.00 N 
232 1 CG  A GLU 33 ? ? CD  A GLU 33 ? ? OE2 A GLU 33 ? ? 78.02  118.30 -40.28  2.00 N 
233 1 CA  A GLU 33 ? ? C   A GLU 33 ? ? O   A GLU 33 ? ? 74.57  120.10 -45.53  2.10 N 
234 1 CB  A ASP 34 ? ? CA  A ASP 34 ? ? C   A ASP 34 ? ? 6.71   110.40 -103.69 2.00 N 
235 1 N   A ASP 34 ? ? CA  A ASP 34 ? ? CB  A ASP 34 ? ? 73.34  110.60 -37.26  1.80 N 
236 1 CA  A ASP 34 ? ? CB  A ASP 34 ? ? CG  A ASP 34 ? ? 88.04  113.40 -25.36  2.20 N 
237 1 N   A ASP 34 ? ? CA  A ASP 34 ? ? C   A ASP 34 ? ? 71.91  111.00 -39.09  2.70 N 
238 1 CA  A ASP 34 ? ? C   A ASP 34 ? ? O   A ASP 34 ? ? 41.57  120.10 -78.53  2.10 N 
239 1 CA  A ASP 34 ? ? C   A ASP 34 ? ? N   A ILE 35 ? ? 83.17  117.20 -34.03  2.20 Y 
# 
loop_
_pdbx_validate_torsion.id 
_pdbx_validate_torsion.PDB_model_num 
_pdbx_validate_torsion.auth_comp_id 
_pdbx_validate_torsion.auth_asym_id 
_pdbx_validate_torsion.auth_seq_id 
_pdbx_validate_torsion.PDB_ins_code 
_pdbx_validate_torsion.label_alt_id 
_pdbx_validate_torsion.phi 
_pdbx_validate_torsion.psi 
1 1 PRO A 5  ? ? 163.67  36.16   
2 1 SER A 6  ? ? -161.25 -75.87  
3 1 VAL A 7  ? ? 79.98   -19.21  
4 1 ARG A 8  ? ? -3.65   -73.96  
5 1 ARG A 19 ? ? 35.74   -114.73 
6 1 LEU A 20 ? ? -66.83  -173.35 
7 1 LYS A 26 ? ? -2.89   -43.19  
8 1 PHE A 38 ? ? -44.73  -71.24  
9 1 ALA A 40 ? ? -46.36  101.00  
# 
loop_
_pdbx_validate_peptide_omega.id 
_pdbx_validate_peptide_omega.PDB_model_num 
_pdbx_validate_peptide_omega.auth_comp_id_1 
_pdbx_validate_peptide_omega.auth_asym_id_1 
_pdbx_validate_peptide_omega.auth_seq_id_1 
_pdbx_validate_peptide_omega.PDB_ins_code_1 
_pdbx_validate_peptide_omega.label_alt_id_1 
_pdbx_validate_peptide_omega.auth_comp_id_2 
_pdbx_validate_peptide_omega.auth_asym_id_2 
_pdbx_validate_peptide_omega.auth_seq_id_2 
_pdbx_validate_peptide_omega.PDB_ins_code_2 
_pdbx_validate_peptide_omega.label_alt_id_2 
_pdbx_validate_peptide_omega.omega 
1  1 VAL A 1  ? ? ILE A 2  ? ? 101.70  
2  1 ILE A 2  ? ? ALA A 3  ? ? 144.75  
3  1 SER A 6  ? ? VAL A 7  ? ? 58.06   
4  1 VAL A 7  ? ? ARG A 8  ? ? -120.77 
5  1 ARG A 8  ? ? LYS A 9  ? ? -50.04  
6  1 ILE A 18 ? ? ARG A 19 ? ? -117.08 
7  1 ARG A 19 ? ? LEU A 20 ? ? -82.31  
8  1 GLN A 22 ? ? GLY A 23 ? ? 117.21  
9  1 GLY A 25 ? ? LYS A 26 ? ? -102.66 
10 1 LYS A 26 ? ? ASN A 27 ? ? -102.36 
11 1 VAL A 30 ? ? LEU A 31 ? ? 73.98   
# 
loop_
_pdbx_validate_chiral.id 
_pdbx_validate_chiral.PDB_model_num 
_pdbx_validate_chiral.auth_atom_id 
_pdbx_validate_chiral.label_alt_id 
_pdbx_validate_chiral.auth_asym_id 
_pdbx_validate_chiral.auth_comp_id 
_pdbx_validate_chiral.auth_seq_id 
_pdbx_validate_chiral.PDB_ins_code 
_pdbx_validate_chiral.details 
_pdbx_validate_chiral.omega 
1  1 CA ? A VAL 1  ? 'WRONG HAND' . 
2  1 CA ? A ILE 2  ? 'WRONG HAND' . 
3  1 CA ? A ALA 3  ? 'WRONG HAND' . 
4  1 CA ? A SER 6  ? 'WRONG HAND' . 
5  1 CA ? A VAL 7  ? 'WRONG HAND' . 
6  1 CA ? A LYS 9  ? 'WRONG HAND' . 
7  1 CA ? A TYR 10 ? 'WRONG HAND' . 
8  1 CA ? A GLU 13 ? 'WRONG HAND' . 
9  1 CA ? A LYS 14 ? 'WRONG HAND' . 
10 1 CA ? A ILE 18 ? 'WRONG HAND' . 
11 1 CA ? A LEU 20 ? PLANAR       . 
12 1 CA ? A VAL 21 ? 'WRONG HAND' . 
13 1 CA ? A GLN 22 ? 'WRONG HAND' . 
14 1 CA ? A THR 24 ? 'WRONG HAND' . 
15 1 CA ? A LYS 26 ? 'WRONG HAND' . 
16 1 CA ? A ARG 29 ? 'WRONG HAND' . 
17 1 CA ? A LYS 32 ? 'WRONG HAND' . 
18 1 CA ? A GLU 33 ? 'WRONG HAND' . 
19 1 CA ? A ASP 34 ? 'WRONG HAND' . 
# 
loop_
_pdbx_validate_planes.id 
_pdbx_validate_planes.PDB_model_num 
_pdbx_validate_planes.auth_comp_id 
_pdbx_validate_planes.auth_asym_id 
_pdbx_validate_planes.auth_seq_id 
_pdbx_validate_planes.PDB_ins_code 
_pdbx_validate_planes.label_alt_id 
_pdbx_validate_planes.rmsd 
_pdbx_validate_planes.type 
1 1 ARG A 8  ? ? 0.444 'SIDE CHAIN' 
2 1 TYR A 10 ? ? 0.220 'SIDE CHAIN' 
3 1 ARG A 12 ? ? 0.298 'SIDE CHAIN' 
4 1 GLU A 13 ? ? 0.554 'SIDE CHAIN' 
5 1 ASP A 17 ? ? 0.359 'SIDE CHAIN' 
6 1 GLN A 22 ? ? 0.592 'SIDE CHAIN' 
7 1 ASN A 27 ? ? 0.165 'SIDE CHAIN' 
8 1 ARG A 29 ? ? 0.840 'SIDE CHAIN' 
9 1 GLU A 33 ? ? 0.270 'SIDE CHAIN' 
# 
loop_
_pdbx_validate_main_chain_plane.id 
_pdbx_validate_main_chain_plane.PDB_model_num 
_pdbx_validate_main_chain_plane.auth_comp_id 
_pdbx_validate_main_chain_plane.auth_asym_id 
_pdbx_validate_main_chain_plane.auth_seq_id 
_pdbx_validate_main_chain_plane.PDB_ins_code 
_pdbx_validate_main_chain_plane.label_alt_id 
_pdbx_validate_main_chain_plane.improper_torsion_angle 
1  1 VAL A 1  ? ? -48.00  
2  1 ILE A 2  ? ? -72.64  
3  1 MET A 4  ? ? -21.91  
4  1 PRO A 5  ? ? -12.11  
5  1 SER A 6  ? ? -14.05  
6  1 VAL A 7  ? ? -32.76  
7  1 LYS A 14 ? ? -45.55  
8  1 ILE A 18 ? ? -25.26  
9  1 ARG A 19 ? ? -38.92  
10 1 LEU A 20 ? ? -145.18 
11 1 GLN A 22 ? ? 57.19   
12 1 GLY A 25 ? ? -31.32  
13 1 LYS A 26 ? ? -32.25  
14 1 VAL A 30 ? ? -89.52  
# 
loop_
_pdbx_validate_polymer_linkage.id 
_pdbx_validate_polymer_linkage.PDB_model_num 
_pdbx_validate_polymer_linkage.auth_atom_id_1 
_pdbx_validate_polymer_linkage.auth_asym_id_1 
_pdbx_validate_polymer_linkage.auth_comp_id_1 
_pdbx_validate_polymer_linkage.auth_seq_id_1 
_pdbx_validate_polymer_linkage.PDB_ins_code_1 
_pdbx_validate_polymer_linkage.label_alt_id_1 
_pdbx_validate_polymer_linkage.auth_atom_id_2 
_pdbx_validate_polymer_linkage.auth_asym_id_2 
_pdbx_validate_polymer_linkage.auth_comp_id_2 
_pdbx_validate_polymer_linkage.auth_seq_id_2 
_pdbx_validate_polymer_linkage.PDB_ins_code_2 
_pdbx_validate_polymer_linkage.label_alt_id_2 
_pdbx_validate_polymer_linkage.dist 
1  1 C A ILE 2  ? ? N A ALA 3  ? ? 1.00 
2  1 C A ALA 3  ? ? N A MET 4  ? ? 2.18 
3  1 C A SER 6  ? ? N A VAL 7  ? ? 1.08 
4  1 C A VAL 7  ? ? N A ARG 8  ? ? 1.08 
5  1 C A LYS 9  ? ? N A TYR 10 ? ? 1.70 
6  1 C A TYR 10 ? ? N A ALA 11 ? ? 4.27 
7  1 C A ALA 11 ? ? N A ARG 12 ? ? 3.06 
8  1 C A ARG 12 ? ? N A GLU 13 ? ? 5.21 
9  1 C A GLU 13 ? ? N A LYS 14 ? ? 2.12 
10 1 C A LYS 14 ? ? N A GLY 15 ? ? 1.08 
11 1 C A GLY 15 ? ? N A VAL 16 ? ? 5.73 
12 1 C A VAL 16 ? ? N A ASP 17 ? ? 4.96 
13 1 C A ASP 17 ? ? N A ILE 18 ? ? 2.52 
14 1 C A ARG 19 ? ? N A LEU 20 ? ? 1.08 
15 1 C A LEU 20 ? ? N A VAL 21 ? ? 1.08 
16 1 C A VAL 21 ? ? N A GLN 22 ? ? 3.10 
17 1 C A GLN 22 ? ? N A GLY 23 ? ? 1.00 
18 1 C A GLY 23 ? ? N A THR 24 ? ? 3.08 
19 1 C A THR 24 ? ? N A GLY 25 ? ? 4.92 
20 1 C A GLY 25 ? ? N A LYS 26 ? ? 1.08 
21 1 C A LYS 26 ? ? N A ASN 27 ? ? 1.08 
22 1 C A ASN 27 ? ? N A GLY 28 ? ? 3.09 
23 1 C A GLY 28 ? ? N A ARG 29 ? ? 2.44 
24 1 C A ARG 29 ? ? N A VAL 30 ? ? 3.04 
25 1 C A LEU 31 ? ? N A LYS 32 ? ? 4.21 
26 1 C A LYS 32 ? ? N A GLU 33 ? ? 3.09 
27 1 C A GLU 33 ? ? N A ASP 34 ? ? 1.76 
# 
_pdbx_nmr_ensemble.entry_id                                      2PDE 
_pdbx_nmr_ensemble.conformers_calculated_total_number            ? 
_pdbx_nmr_ensemble.conformers_submitted_total_number             1 
_pdbx_nmr_ensemble.conformer_selection_criteria                  ? 
_pdbx_nmr_ensemble.average_constraints_per_residue               ? 
_pdbx_nmr_ensemble.average_constraint_violations_per_residue     ? 
_pdbx_nmr_ensemble.maximum_distance_constraint_violation         ? 
_pdbx_nmr_ensemble.average_distance_constraint_violation         ? 
_pdbx_nmr_ensemble.maximum_upper_distance_constraint_violation   ? 
_pdbx_nmr_ensemble.maximum_lower_distance_constraint_violation   ? 
_pdbx_nmr_ensemble.distance_constraint_violation_method          ? 
_pdbx_nmr_ensemble.maximum_torsion_angle_constraint_violation    ? 
_pdbx_nmr_ensemble.average_torsion_angle_constraint_violation    ? 
_pdbx_nmr_ensemble.torsion_angle_constraint_violation_method     ? 
# 
loop_
_chem_comp_atom.comp_id 
_chem_comp_atom.atom_id 
_chem_comp_atom.type_symbol 
_chem_comp_atom.pdbx_aromatic_flag 
_chem_comp_atom.pdbx_stereo_config 
_chem_comp_atom.pdbx_ordinal 
ALA N    N N N 1   
ALA CA   C N S 2   
ALA C    C N N 3   
ALA O    O N N 4   
ALA CB   C N N 5   
ALA OXT  O N N 6   
ALA H    H N N 7   
ALA H2   H N N 8   
ALA HA   H N N 9   
ALA HB1  H N N 10  
ALA HB2  H N N 11  
ALA HB3  H N N 12  
ALA HXT  H N N 13  
ARG N    N N N 14  
ARG CA   C N S 15  
ARG C    C N N 16  
ARG O    O N N 17  
ARG CB   C N N 18  
ARG CG   C N N 19  
ARG CD   C N N 20  
ARG NE   N N N 21  
ARG CZ   C N N 22  
ARG NH1  N N N 23  
ARG NH2  N N N 24  
ARG OXT  O N N 25  
ARG H    H N N 26  
ARG H2   H N N 27  
ARG HA   H N N 28  
ARG HB2  H N N 29  
ARG HB3  H N N 30  
ARG HG2  H N N 31  
ARG HG3  H N N 32  
ARG HD2  H N N 33  
ARG HD3  H N N 34  
ARG HE   H N N 35  
ARG HH11 H N N 36  
ARG HH12 H N N 37  
ARG HH21 H N N 38  
ARG HH22 H N N 39  
ARG HXT  H N N 40  
ASN N    N N N 41  
ASN CA   C N S 42  
ASN C    C N N 43  
ASN O    O N N 44  
ASN CB   C N N 45  
ASN CG   C N N 46  
ASN OD1  O N N 47  
ASN ND2  N N N 48  
ASN OXT  O N N 49  
ASN H    H N N 50  
ASN H2   H N N 51  
ASN HA   H N N 52  
ASN HB2  H N N 53  
ASN HB3  H N N 54  
ASN HD21 H N N 55  
ASN HD22 H N N 56  
ASN HXT  H N N 57  
ASP N    N N N 58  
ASP CA   C N S 59  
ASP C    C N N 60  
ASP O    O N N 61  
ASP CB   C N N 62  
ASP CG   C N N 63  
ASP OD1  O N N 64  
ASP OD2  O N N 65  
ASP OXT  O N N 66  
ASP H    H N N 67  
ASP H2   H N N 68  
ASP HA   H N N 69  
ASP HB2  H N N 70  
ASP HB3  H N N 71  
ASP HD2  H N N 72  
ASP HXT  H N N 73  
GLN N    N N N 74  
GLN CA   C N S 75  
GLN C    C N N 76  
GLN O    O N N 77  
GLN CB   C N N 78  
GLN CG   C N N 79  
GLN CD   C N N 80  
GLN OE1  O N N 81  
GLN NE2  N N N 82  
GLN OXT  O N N 83  
GLN H    H N N 84  
GLN H2   H N N 85  
GLN HA   H N N 86  
GLN HB2  H N N 87  
GLN HB3  H N N 88  
GLN HG2  H N N 89  
GLN HG3  H N N 90  
GLN HE21 H N N 91  
GLN HE22 H N N 92  
GLN HXT  H N N 93  
GLU N    N N N 94  
GLU CA   C N S 95  
GLU C    C N N 96  
GLU O    O N N 97  
GLU CB   C N N 98  
GLU CG   C N N 99  
GLU CD   C N N 100 
GLU OE1  O N N 101 
GLU OE2  O N N 102 
GLU OXT  O N N 103 
GLU H    H N N 104 
GLU H2   H N N 105 
GLU HA   H N N 106 
GLU HB2  H N N 107 
GLU HB3  H N N 108 
GLU HG2  H N N 109 
GLU HG3  H N N 110 
GLU HE2  H N N 111 
GLU HXT  H N N 112 
GLY N    N N N 113 
GLY CA   C N N 114 
GLY C    C N N 115 
GLY O    O N N 116 
GLY OXT  O N N 117 
GLY H    H N N 118 
GLY H2   H N N 119 
GLY HA2  H N N 120 
GLY HA3  H N N 121 
GLY HXT  H N N 122 
ILE N    N N N 123 
ILE CA   C N S 124 
ILE C    C N N 125 
ILE O    O N N 126 
ILE CB   C N S 127 
ILE CG1  C N N 128 
ILE CG2  C N N 129 
ILE CD1  C N N 130 
ILE OXT  O N N 131 
ILE H    H N N 132 
ILE H2   H N N 133 
ILE HA   H N N 134 
ILE HB   H N N 135 
ILE HG12 H N N 136 
ILE HG13 H N N 137 
ILE HG21 H N N 138 
ILE HG22 H N N 139 
ILE HG23 H N N 140 
ILE HD11 H N N 141 
ILE HD12 H N N 142 
ILE HD13 H N N 143 
ILE HXT  H N N 144 
LEU N    N N N 145 
LEU CA   C N S 146 
LEU C    C N N 147 
LEU O    O N N 148 
LEU CB   C N N 149 
LEU CG   C N N 150 
LEU CD1  C N N 151 
LEU CD2  C N N 152 
LEU OXT  O N N 153 
LEU H    H N N 154 
LEU H2   H N N 155 
LEU HA   H N N 156 
LEU HB2  H N N 157 
LEU HB3  H N N 158 
LEU HG   H N N 159 
LEU HD11 H N N 160 
LEU HD12 H N N 161 
LEU HD13 H N N 162 
LEU HD21 H N N 163 
LEU HD22 H N N 164 
LEU HD23 H N N 165 
LEU HXT  H N N 166 
LYS N    N N N 167 
LYS CA   C N S 168 
LYS C    C N N 169 
LYS O    O N N 170 
LYS CB   C N N 171 
LYS CG   C N N 172 
LYS CD   C N N 173 
LYS CE   C N N 174 
LYS NZ   N N N 175 
LYS OXT  O N N 176 
LYS H    H N N 177 
LYS H2   H N N 178 
LYS HA   H N N 179 
LYS HB2  H N N 180 
LYS HB3  H N N 181 
LYS HG2  H N N 182 
LYS HG3  H N N 183 
LYS HD2  H N N 184 
LYS HD3  H N N 185 
LYS HE2  H N N 186 
LYS HE3  H N N 187 
LYS HZ1  H N N 188 
LYS HZ2  H N N 189 
LYS HZ3  H N N 190 
LYS HXT  H N N 191 
MET N    N N N 192 
MET CA   C N S 193 
MET C    C N N 194 
MET O    O N N 195 
MET CB   C N N 196 
MET CG   C N N 197 
MET SD   S N N 198 
MET CE   C N N 199 
MET OXT  O N N 200 
MET H    H N N 201 
MET H2   H N N 202 
MET HA   H N N 203 
MET HB2  H N N 204 
MET HB3  H N N 205 
MET HG2  H N N 206 
MET HG3  H N N 207 
MET HE1  H N N 208 
MET HE2  H N N 209 
MET HE3  H N N 210 
MET HXT  H N N 211 
PHE N    N N N 212 
PHE CA   C N S 213 
PHE C    C N N 214 
PHE O    O N N 215 
PHE CB   C N N 216 
PHE CG   C Y N 217 
PHE CD1  C Y N 218 
PHE CD2  C Y N 219 
PHE CE1  C Y N 220 
PHE CE2  C Y N 221 
PHE CZ   C Y N 222 
PHE OXT  O N N 223 
PHE H    H N N 224 
PHE H2   H N N 225 
PHE HA   H N N 226 
PHE HB2  H N N 227 
PHE HB3  H N N 228 
PHE HD1  H N N 229 
PHE HD2  H N N 230 
PHE HE1  H N N 231 
PHE HE2  H N N 232 
PHE HZ   H N N 233 
PHE HXT  H N N 234 
PRO N    N N N 235 
PRO CA   C N S 236 
PRO C    C N N 237 
PRO O    O N N 238 
PRO CB   C N N 239 
PRO CG   C N N 240 
PRO CD   C N N 241 
PRO OXT  O N N 242 
PRO H    H N N 243 
PRO HA   H N N 244 
PRO HB2  H N N 245 
PRO HB3  H N N 246 
PRO HG2  H N N 247 
PRO HG3  H N N 248 
PRO HD2  H N N 249 
PRO HD3  H N N 250 
PRO HXT  H N N 251 
SER N    N N N 252 
SER CA   C N S 253 
SER C    C N N 254 
SER O    O N N 255 
SER CB   C N N 256 
SER OG   O N N 257 
SER OXT  O N N 258 
SER H    H N N 259 
SER H2   H N N 260 
SER HA   H N N 261 
SER HB2  H N N 262 
SER HB3  H N N 263 
SER HG   H N N 264 
SER HXT  H N N 265 
THR N    N N N 266 
THR CA   C N S 267 
THR C    C N N 268 
THR O    O N N 269 
THR CB   C N R 270 
THR OG1  O N N 271 
THR CG2  C N N 272 
THR OXT  O N N 273 
THR H    H N N 274 
THR H2   H N N 275 
THR HA   H N N 276 
THR HB   H N N 277 
THR HG1  H N N 278 
THR HG21 H N N 279 
THR HG22 H N N 280 
THR HG23 H N N 281 
THR HXT  H N N 282 
TYR N    N N N 283 
TYR CA   C N S 284 
TYR C    C N N 285 
TYR O    O N N 286 
TYR CB   C N N 287 
TYR CG   C Y N 288 
TYR CD1  C Y N 289 
TYR CD2  C Y N 290 
TYR CE1  C Y N 291 
TYR CE2  C Y N 292 
TYR CZ   C Y N 293 
TYR OH   O N N 294 
TYR OXT  O N N 295 
TYR H    H N N 296 
TYR H2   H N N 297 
TYR HA   H N N 298 
TYR HB2  H N N 299 
TYR HB3  H N N 300 
TYR HD1  H N N 301 
TYR HD2  H N N 302 
TYR HE1  H N N 303 
TYR HE2  H N N 304 
TYR HH   H N N 305 
TYR HXT  H N N 306 
VAL N    N N N 307 
VAL CA   C N S 308 
VAL C    C N N 309 
VAL O    O N N 310 
VAL CB   C N N 311 
VAL CG1  C N N 312 
VAL CG2  C N N 313 
VAL OXT  O N N 314 
VAL H    H N N 315 
VAL H2   H N N 316 
VAL HA   H N N 317 
VAL HB   H N N 318 
VAL HG11 H N N 319 
VAL HG12 H N N 320 
VAL HG13 H N N 321 
VAL HG21 H N N 322 
VAL HG22 H N N 323 
VAL HG23 H N N 324 
VAL HXT  H N N 325 
# 
loop_
_chem_comp_bond.comp_id 
_chem_comp_bond.atom_id_1 
_chem_comp_bond.atom_id_2 
_chem_comp_bond.value_order 
_chem_comp_bond.pdbx_aromatic_flag 
_chem_comp_bond.pdbx_stereo_config 
_chem_comp_bond.pdbx_ordinal 
ALA N   CA   sing N N 1   
ALA N   H    sing N N 2   
ALA N   H2   sing N N 3   
ALA CA  C    sing N N 4   
ALA CA  CB   sing N N 5   
ALA CA  HA   sing N N 6   
ALA C   O    doub N N 7   
ALA C   OXT  sing N N 8   
ALA CB  HB1  sing N N 9   
ALA CB  HB2  sing N N 10  
ALA CB  HB3  sing N N 11  
ALA OXT HXT  sing N N 12  
ARG N   CA   sing N N 13  
ARG N   H    sing N N 14  
ARG N   H2   sing N N 15  
ARG CA  C    sing N N 16  
ARG CA  CB   sing N N 17  
ARG CA  HA   sing N N 18  
ARG C   O    doub N N 19  
ARG C   OXT  sing N N 20  
ARG CB  CG   sing N N 21  
ARG CB  HB2  sing N N 22  
ARG CB  HB3  sing N N 23  
ARG CG  CD   sing N N 24  
ARG CG  HG2  sing N N 25  
ARG CG  HG3  sing N N 26  
ARG CD  NE   sing N N 27  
ARG CD  HD2  sing N N 28  
ARG CD  HD3  sing N N 29  
ARG NE  CZ   sing N N 30  
ARG NE  HE   sing N N 31  
ARG CZ  NH1  sing N N 32  
ARG CZ  NH2  doub N N 33  
ARG NH1 HH11 sing N N 34  
ARG NH1 HH12 sing N N 35  
ARG NH2 HH21 sing N N 36  
ARG NH2 HH22 sing N N 37  
ARG OXT HXT  sing N N 38  
ASN N   CA   sing N N 39  
ASN N   H    sing N N 40  
ASN N   H2   sing N N 41  
ASN CA  C    sing N N 42  
ASN CA  CB   sing N N 43  
ASN CA  HA   sing N N 44  
ASN C   O    doub N N 45  
ASN C   OXT  sing N N 46  
ASN CB  CG   sing N N 47  
ASN CB  HB2  sing N N 48  
ASN CB  HB3  sing N N 49  
ASN CG  OD1  doub N N 50  
ASN CG  ND2  sing N N 51  
ASN ND2 HD21 sing N N 52  
ASN ND2 HD22 sing N N 53  
ASN OXT HXT  sing N N 54  
ASP N   CA   sing N N 55  
ASP N   H    sing N N 56  
ASP N   H2   sing N N 57  
ASP CA  C    sing N N 58  
ASP CA  CB   sing N N 59  
ASP CA  HA   sing N N 60  
ASP C   O    doub N N 61  
ASP C   OXT  sing N N 62  
ASP CB  CG   sing N N 63  
ASP CB  HB2  sing N N 64  
ASP CB  HB3  sing N N 65  
ASP CG  OD1  doub N N 66  
ASP CG  OD2  sing N N 67  
ASP OD2 HD2  sing N N 68  
ASP OXT HXT  sing N N 69  
GLN N   CA   sing N N 70  
GLN N   H    sing N N 71  
GLN N   H2   sing N N 72  
GLN CA  C    sing N N 73  
GLN CA  CB   sing N N 74  
GLN CA  HA   sing N N 75  
GLN C   O    doub N N 76  
GLN C   OXT  sing N N 77  
GLN CB  CG   sing N N 78  
GLN CB  HB2  sing N N 79  
GLN CB  HB3  sing N N 80  
GLN CG  CD   sing N N 81  
GLN CG  HG2  sing N N 82  
GLN CG  HG3  sing N N 83  
GLN CD  OE1  doub N N 84  
GLN CD  NE2  sing N N 85  
GLN NE2 HE21 sing N N 86  
GLN NE2 HE22 sing N N 87  
GLN OXT HXT  sing N N 88  
GLU N   CA   sing N N 89  
GLU N   H    sing N N 90  
GLU N   H2   sing N N 91  
GLU CA  C    sing N N 92  
GLU CA  CB   sing N N 93  
GLU CA  HA   sing N N 94  
GLU C   O    doub N N 95  
GLU C   OXT  sing N N 96  
GLU CB  CG   sing N N 97  
GLU CB  HB2  sing N N 98  
GLU CB  HB3  sing N N 99  
GLU CG  CD   sing N N 100 
GLU CG  HG2  sing N N 101 
GLU CG  HG3  sing N N 102 
GLU CD  OE1  doub N N 103 
GLU CD  OE2  sing N N 104 
GLU OE2 HE2  sing N N 105 
GLU OXT HXT  sing N N 106 
GLY N   CA   sing N N 107 
GLY N   H    sing N N 108 
GLY N   H2   sing N N 109 
GLY CA  C    sing N N 110 
GLY CA  HA2  sing N N 111 
GLY CA  HA3  sing N N 112 
GLY C   O    doub N N 113 
GLY C   OXT  sing N N 114 
GLY OXT HXT  sing N N 115 
ILE N   CA   sing N N 116 
ILE N   H    sing N N 117 
ILE N   H2   sing N N 118 
ILE CA  C    sing N N 119 
ILE CA  CB   sing N N 120 
ILE CA  HA   sing N N 121 
ILE C   O    doub N N 122 
ILE C   OXT  sing N N 123 
ILE CB  CG1  sing N N 124 
ILE CB  CG2  sing N N 125 
ILE CB  HB   sing N N 126 
ILE CG1 CD1  sing N N 127 
ILE CG1 HG12 sing N N 128 
ILE CG1 HG13 sing N N 129 
ILE CG2 HG21 sing N N 130 
ILE CG2 HG22 sing N N 131 
ILE CG2 HG23 sing N N 132 
ILE CD1 HD11 sing N N 133 
ILE CD1 HD12 sing N N 134 
ILE CD1 HD13 sing N N 135 
ILE OXT HXT  sing N N 136 
LEU N   CA   sing N N 137 
LEU N   H    sing N N 138 
LEU N   H2   sing N N 139 
LEU CA  C    sing N N 140 
LEU CA  CB   sing N N 141 
LEU CA  HA   sing N N 142 
LEU C   O    doub N N 143 
LEU C   OXT  sing N N 144 
LEU CB  CG   sing N N 145 
LEU CB  HB2  sing N N 146 
LEU CB  HB3  sing N N 147 
LEU CG  CD1  sing N N 148 
LEU CG  CD2  sing N N 149 
LEU CG  HG   sing N N 150 
LEU CD1 HD11 sing N N 151 
LEU CD1 HD12 sing N N 152 
LEU CD1 HD13 sing N N 153 
LEU CD2 HD21 sing N N 154 
LEU CD2 HD22 sing N N 155 
LEU CD2 HD23 sing N N 156 
LEU OXT HXT  sing N N 157 
LYS N   CA   sing N N 158 
LYS N   H    sing N N 159 
LYS N   H2   sing N N 160 
LYS CA  C    sing N N 161 
LYS CA  CB   sing N N 162 
LYS CA  HA   sing N N 163 
LYS C   O    doub N N 164 
LYS C   OXT  sing N N 165 
LYS CB  CG   sing N N 166 
LYS CB  HB2  sing N N 167 
LYS CB  HB3  sing N N 168 
LYS CG  CD   sing N N 169 
LYS CG  HG2  sing N N 170 
LYS CG  HG3  sing N N 171 
LYS CD  CE   sing N N 172 
LYS CD  HD2  sing N N 173 
LYS CD  HD3  sing N N 174 
LYS CE  NZ   sing N N 175 
LYS CE  HE2  sing N N 176 
LYS CE  HE3  sing N N 177 
LYS NZ  HZ1  sing N N 178 
LYS NZ  HZ2  sing N N 179 
LYS NZ  HZ3  sing N N 180 
LYS OXT HXT  sing N N 181 
MET N   CA   sing N N 182 
MET N   H    sing N N 183 
MET N   H2   sing N N 184 
MET CA  C    sing N N 185 
MET CA  CB   sing N N 186 
MET CA  HA   sing N N 187 
MET C   O    doub N N 188 
MET C   OXT  sing N N 189 
MET CB  CG   sing N N 190 
MET CB  HB2  sing N N 191 
MET CB  HB3  sing N N 192 
MET CG  SD   sing N N 193 
MET CG  HG2  sing N N 194 
MET CG  HG3  sing N N 195 
MET SD  CE   sing N N 196 
MET CE  HE1  sing N N 197 
MET CE  HE2  sing N N 198 
MET CE  HE3  sing N N 199 
MET OXT HXT  sing N N 200 
PHE N   CA   sing N N 201 
PHE N   H    sing N N 202 
PHE N   H2   sing N N 203 
PHE CA  C    sing N N 204 
PHE CA  CB   sing N N 205 
PHE CA  HA   sing N N 206 
PHE C   O    doub N N 207 
PHE C   OXT  sing N N 208 
PHE CB  CG   sing N N 209 
PHE CB  HB2  sing N N 210 
PHE CB  HB3  sing N N 211 
PHE CG  CD1  doub Y N 212 
PHE CG  CD2  sing Y N 213 
PHE CD1 CE1  sing Y N 214 
PHE CD1 HD1  sing N N 215 
PHE CD2 CE2  doub Y N 216 
PHE CD2 HD2  sing N N 217 
PHE CE1 CZ   doub Y N 218 
PHE CE1 HE1  sing N N 219 
PHE CE2 CZ   sing Y N 220 
PHE CE2 HE2  sing N N 221 
PHE CZ  HZ   sing N N 222 
PHE OXT HXT  sing N N 223 
PRO N   CA   sing N N 224 
PRO N   CD   sing N N 225 
PRO N   H    sing N N 226 
PRO CA  C    sing N N 227 
PRO CA  CB   sing N N 228 
PRO CA  HA   sing N N 229 
PRO C   O    doub N N 230 
PRO C   OXT  sing N N 231 
PRO CB  CG   sing N N 232 
PRO CB  HB2  sing N N 233 
PRO CB  HB3  sing N N 234 
PRO CG  CD   sing N N 235 
PRO CG  HG2  sing N N 236 
PRO CG  HG3  sing N N 237 
PRO CD  HD2  sing N N 238 
PRO CD  HD3  sing N N 239 
PRO OXT HXT  sing N N 240 
SER N   CA   sing N N 241 
SER N   H    sing N N 242 
SER N   H2   sing N N 243 
SER CA  C    sing N N 244 
SER CA  CB   sing N N 245 
SER CA  HA   sing N N 246 
SER C   O    doub N N 247 
SER C   OXT  sing N N 248 
SER CB  OG   sing N N 249 
SER CB  HB2  sing N N 250 
SER CB  HB3  sing N N 251 
SER OG  HG   sing N N 252 
SER OXT HXT  sing N N 253 
THR N   CA   sing N N 254 
THR N   H    sing N N 255 
THR N   H2   sing N N 256 
THR CA  C    sing N N 257 
THR CA  CB   sing N N 258 
THR CA  HA   sing N N 259 
THR C   O    doub N N 260 
THR C   OXT  sing N N 261 
THR CB  OG1  sing N N 262 
THR CB  CG2  sing N N 263 
THR CB  HB   sing N N 264 
THR OG1 HG1  sing N N 265 
THR CG2 HG21 sing N N 266 
THR CG2 HG22 sing N N 267 
THR CG2 HG23 sing N N 268 
THR OXT HXT  sing N N 269 
TYR N   CA   sing N N 270 
TYR N   H    sing N N 271 
TYR N   H2   sing N N 272 
TYR CA  C    sing N N 273 
TYR CA  CB   sing N N 274 
TYR CA  HA   sing N N 275 
TYR C   O    doub N N 276 
TYR C   OXT  sing N N 277 
TYR CB  CG   sing N N 278 
TYR CB  HB2  sing N N 279 
TYR CB  HB3  sing N N 280 
TYR CG  CD1  doub Y N 281 
TYR CG  CD2  sing Y N 282 
TYR CD1 CE1  sing Y N 283 
TYR CD1 HD1  sing N N 284 
TYR CD2 CE2  doub Y N 285 
TYR CD2 HD2  sing N N 286 
TYR CE1 CZ   doub Y N 287 
TYR CE1 HE1  sing N N 288 
TYR CE2 CZ   sing Y N 289 
TYR CE2 HE2  sing N N 290 
TYR CZ  OH   sing N N 291 
TYR OH  HH   sing N N 292 
TYR OXT HXT  sing N N 293 
VAL N   CA   sing N N 294 
VAL N   H    sing N N 295 
VAL N   H2   sing N N 296 
VAL CA  C    sing N N 297 
VAL CA  CB   sing N N 298 
VAL CA  HA   sing N N 299 
VAL C   O    doub N N 300 
VAL C   OXT  sing N N 301 
VAL CB  CG1  sing N N 302 
VAL CB  CG2  sing N N 303 
VAL CB  HB   sing N N 304 
VAL CG1 HG11 sing N N 305 
VAL CG1 HG12 sing N N 306 
VAL CG1 HG13 sing N N 307 
VAL CG2 HG21 sing N N 308 
VAL CG2 HG22 sing N N 309 
VAL CG2 HG23 sing N N 310 
VAL OXT HXT  sing N N 311 
# 
_atom_sites.entry_id                    2PDE 
_atom_sites.fract_transf_matrix[1][1]   1.000000 
_atom_sites.fract_transf_matrix[1][2]   0.000000 
_atom_sites.fract_transf_matrix[1][3]   0.000000 
_atom_sites.fract_transf_matrix[2][1]   0.000000 
_atom_sites.fract_transf_matrix[2][2]   1.000000 
_atom_sites.fract_transf_matrix[2][3]   0.000000 
_atom_sites.fract_transf_matrix[3][1]   0.000000 
_atom_sites.fract_transf_matrix[3][2]   0.000000 
_atom_sites.fract_transf_matrix[3][3]   1.000000 
_atom_sites.fract_transf_vector[1]      0.00000 
_atom_sites.fract_transf_vector[2]      0.00000 
_atom_sites.fract_transf_vector[3]      0.00000 
# 
_atom_sites_footnote.id     1 
_atom_sites_footnote.text   
'VAL       1  - ILE       2               OMEGA = 101.70 PEPTIDE BOND DEVIATES SIGNIFICANTLY FROM TRANS CONFORMATION' 
# 
loop_
_atom_type.symbol 
C 
H 
N 
O 
S 
# 
loop_
_atom_site.group_PDB 
_atom_site.id 
_atom_site.type_symbol 
_atom_site.label_atom_id 
_atom_site.label_alt_id 
_atom_site.label_comp_id 
_atom_site.label_asym_id 
_atom_site.label_entity_id 
_atom_site.label_seq_id 
_atom_site.pdbx_PDB_ins_code 
_atom_site.Cartn_x 
_atom_site.Cartn_y 
_atom_site.Cartn_z 
_atom_site.occupancy 
_atom_site.B_iso_or_equiv 
_atom_site.pdbx_formal_charge 
_atom_site.auth_seq_id 
_atom_site.auth_comp_id 
_atom_site.auth_asym_id 
_atom_site.auth_atom_id 
_atom_site.pdbx_PDB_model_num 
ATOM 1   N N    . VAL A 1 1  ? 2.585   2.310   7.977   1.00 0.00 ? 1  VAL A N    1 
ATOM 2   C CA   . VAL A 1 1  ? 0.947   3.240   6.408   1.00 0.00 ? 1  VAL A CA   1 
ATOM 3   C C    . VAL A 1 1  ? 3.693   3.585   5.568   1.00 0.00 ? 1  VAL A C    1 
ATOM 4   O O    . VAL A 1 1  ? 3.410   4.269   6.213   1.00 0.00 ? 1  VAL A O    1 
ATOM 5   C CB   . VAL A 1 1  ? 0.365   3.109   5.000   1.00 0.00 ? 1  VAL A CB   1 
ATOM 6   C CG1  . VAL A 1 1  ? -0.842  3.859   7.428   1.00 0.00 ? 1  VAL A CG1  1 
ATOM 7   C CG2  . VAL A 1 1  ? 1.100   3.416   4.270   1.00 0.00 ? 1  VAL A CG2  1 
ATOM 8   H H1   . VAL A 1 1  ? 2.588   3.184   8.421   1.00 0.00 ? 1  VAL A H1   1 
ATOM 9   H H2   . VAL A 1 1  ? 2.042   2.180   6.602   1.00 0.00 ? 1  VAL A H2   1 
ATOM 10  H H3   . VAL A 1 1  ? 1.637   1.177   6.474   1.00 0.00 ? 1  VAL A H3   1 
ATOM 11  H HA   . VAL A 1 1  ? 1.369   4.225   6.536   1.00 0.00 ? 1  VAL A HA   1 
ATOM 12  H HB   . VAL A 1 1  ? 0.086   2.082   4.813   1.00 0.00 ? 1  VAL A HB   1 
ATOM 13  H HG11 . VAL A 1 1  ? 0.262   2.912   8.420   1.00 0.00 ? 1  VAL A HG11 1 
ATOM 14  H HG12 . VAL A 1 1  ? 3.133   2.409   5.565   1.00 0.00 ? 1  VAL A HG12 1 
ATOM 15  H HG13 . VAL A 1 1  ? 3.446   1.534   4.787   1.00 0.00 ? 1  VAL A HG13 1 
ATOM 16  H HG21 . VAL A 1 1  ? -0.510  3.736   4.907   1.00 0.00 ? 1  VAL A HG21 1 
ATOM 17  H HG22 . VAL A 1 1  ? -0.166  3.016   7.435   1.00 0.00 ? 1  VAL A HG22 1 
ATOM 18  H HG23 . VAL A 1 1  ? -0.714  2.119   7.188   1.00 0.00 ? 1  VAL A HG23 1 
ATOM 19  N N    . ILE A 1 2  ? 4.764   3.876   4.584   1.00 0.00 ? 2  ILE A N    1 
ATOM 20  C CA   . ILE A 1 2  ? 5.247   5.316   4.798   1.00 0.00 ? 2  ILE A CA   1 
ATOM 21  C C    . ILE A 1 2  ? 8.336   9.374   3.558   1.00 0.00 ? 2  ILE A C    1 
ATOM 22  O O    . ILE A 1 2  ? 8.470   8.829   4.386   1.00 0.00 ? 2  ILE A O    1 
ATOM 23  C CB   . ILE A 1 2  ? 4.399   5.981   4.838   1.00 0.00 ? 2  ILE A CB   1 
ATOM 24  C CG1  . ILE A 1 2  ? 5.607   5.645   2.706   1.00 0.00 ? 2  ILE A CG1  1 
ATOM 25  C CG2  . ILE A 1 2  ? 7.364   7.169   4.657   1.00 0.00 ? 2  ILE A CG2  1 
ATOM 26  C CD1  . ILE A 1 2  ? 7.731   8.858   2.526   1.00 0.00 ? 2  ILE A CD1  1 
ATOM 27  H H    . ILE A 1 2  ? 4.365   3.749   3.578   1.00 0.00 ? 2  ILE A H    1 
ATOM 28  H HA   . ILE A 1 2  ? 5.796   5.381   5.725   1.00 0.00 ? 2  ILE A HA   1 
ATOM 29  H HB   . ILE A 1 2  ? 6.158   5.709   3.633   1.00 0.00 ? 2  ILE A HB   1 
ATOM 30  H HG12 . ILE A 1 2  ? 7.001   5.034   3.591   1.00 0.00 ? 2  ILE A HG12 1 
ATOM 31  H HG13 . ILE A 1 2  ? 6.650   7.143   3.846   1.00 0.00 ? 2  ILE A HG13 1 
ATOM 32  H HG21 . ILE A 1 2  ? 5.815   7.786   4.084   1.00 0.00 ? 2  ILE A HG21 1 
ATOM 33  H HG22 . ILE A 1 2  ? 7.306   7.624   2.595   1.00 0.00 ? 2  ILE A HG22 1 
ATOM 34  H HG23 . ILE A 1 2  ? 7.413   7.019   1.831   1.00 0.00 ? 2  ILE A HG23 1 
ATOM 35  H HD11 . ILE A 1 2  ? 7.534   9.533   1.427   1.00 0.00 ? 2  ILE A HD11 1 
ATOM 36  H HD12 . ILE A 1 2  ? 7.065   9.106   0.655   1.00 0.00 ? 2  ILE A HD12 1 
ATOM 37  H HD13 . ILE A 1 2  ? 7.854   10.479  1.358   1.00 0.00 ? 2  ILE A HD13 1 
ATOM 38  N N    . ALA A 1 3  ? 8.668   10.317  3.525   1.00 0.00 ? 3  ALA A N    1 
ATOM 39  C CA   . ALA A 1 3  ? 6.520   2.458   3.808   1.00 0.00 ? 3  ALA A CA   1 
ATOM 40  C C    . ALA A 1 3  ? 8.181   0.680   7.960   1.00 0.00 ? 3  ALA A C    1 
ATOM 41  O O    . ALA A 1 3  ? 6.563   1.340   8.175   1.00 0.00 ? 3  ALA A O    1 
ATOM 42  C CB   . ALA A 1 3  ? 5.803   3.075   6.751   1.00 0.00 ? 3  ALA A CB   1 
ATOM 43  H H    . ALA A 1 3  ? 5.947   2.933   4.768   1.00 0.00 ? 3  ALA A H    1 
ATOM 44  H HA   . ALA A 1 3  ? 6.295   2.676   6.000   1.00 0.00 ? 3  ALA A HA   1 
ATOM 45  H HB1  . ALA A 1 3  ? 7.436   1.767   6.251   1.00 0.00 ? 3  ALA A HB1  1 
ATOM 46  H HB2  . ALA A 1 3  ? 8.343   2.231   5.861   1.00 0.00 ? 3  ALA A HB2  1 
ATOM 47  H HB3  . ALA A 1 3  ? 7.549   1.535   7.771   1.00 0.00 ? 3  ALA A HB3  1 
ATOM 48  N N    . MET A 1 4  ? 8.165   2.803   8.443   1.00 0.00 ? 4  MET A N    1 
ATOM 49  C CA   . MET A 1 4  ? 9.236   2.677   8.537   1.00 0.00 ? 4  MET A CA   1 
ATOM 50  C C    . MET A 1 4  ? 6.027   -0.069  5.608   1.00 0.00 ? 4  MET A C    1 
ATOM 51  O O    . MET A 1 4  ? 5.310   0.396   6.086   1.00 0.00 ? 4  MET A O    1 
ATOM 52  C CB   . MET A 1 4  ? 7.569   2.071   10.380  1.00 0.00 ? 4  MET A CB   1 
ATOM 53  C CG   . MET A 1 4  ? 9.342   3.665   10.824  1.00 0.00 ? 4  MET A CG   1 
ATOM 54  S SD   . MET A 1 4  ? 9.524   5.455   9.576   1.00 0.00 ? 4  MET A SD   1 
ATOM 55  C CE   . MET A 1 4  ? 8.118   6.101   10.277  1.00 0.00 ? 4  MET A CE   1 
ATOM 56  H H    . MET A 1 4  ? 7.968   3.678   7.837   1.00 0.00 ? 4  MET A H    1 
ATOM 57  H HA   . MET A 1 4  ? 7.552   3.004   9.835   1.00 0.00 ? 4  MET A HA   1 
ATOM 58  H HB2  . MET A 1 4  ? 6.529   3.339   9.732   1.00 0.00 ? 4  MET A HB2  1 
ATOM 59  H HB3  . MET A 1 4  ? 8.361   4.059   10.593  1.00 0.00 ? 4  MET A HB3  1 
ATOM 60  H HG2  . MET A 1 4  ? 7.857   4.312   11.513  1.00 0.00 ? 4  MET A HG2  1 
ATOM 61  H HG3  . MET A 1 4  ? 8.515   5.288   9.766   1.00 0.00 ? 4  MET A HG3  1 
ATOM 62  H HE1  . MET A 1 4  ? 8.008   5.167   8.866   1.00 0.00 ? 4  MET A HE1  1 
ATOM 63  H HE2  . MET A 1 4  ? 7.226   0.439   5.546   1.00 0.00 ? 4  MET A HE2  1 
ATOM 64  H HE3  . MET A 1 4  ? 8.141   -0.105  4.963   1.00 0.00 ? 4  MET A HE3  1 
ATOM 65  N N    . PRO A 1 5  ? 5.764   -1.355  4.939   1.00 0.00 ? 5  PRO A N    1 
ATOM 66  C CA   . PRO A 1 5  ? 6.373   -2.124  5.389   1.00 0.00 ? 5  PRO A CA   1 
ATOM 67  C C    . PRO A 1 5  ? 3.441   -4.894  3.262   1.00 0.00 ? 5  PRO A C    1 
ATOM 68  O O    . PRO A 1 5  ? 3.461   -5.956  3.451   1.00 0.00 ? 5  PRO A O    1 
ATOM 69  C CB   . PRO A 1 5  ? 3.685   -0.768  5.002   1.00 0.00 ? 5  PRO A CB   1 
ATOM 70  C CG   . PRO A 1 5  ? 3.402   -2.192  2.792   1.00 0.00 ? 5  PRO A CG   1 
ATOM 71  C CD   . PRO A 1 5  ? 4.172   -4.386  5.204   1.00 0.00 ? 5  PRO A CD   1 
ATOM 72  H HA   . PRO A 1 5  ? 4.259   -1.673  5.095   1.00 0.00 ? 5  PRO A HA   1 
ATOM 73  H HB2  . PRO A 1 5  ? 4.080   -2.104  6.066   1.00 0.00 ? 5  PRO A HB2  1 
ATOM 74  H HB3  . PRO A 1 5  ? 3.816   -2.658  4.017   1.00 0.00 ? 5  PRO A HB3  1 
ATOM 75  H HG2  . PRO A 1 5  ? 3.834   -4.012  4.249   1.00 0.00 ? 5  PRO A HG2  1 
ATOM 76  H HG3  . PRO A 1 5  ? 3.386   -1.132  2.602   1.00 0.00 ? 5  PRO A HG3  1 
ATOM 77  H HD2  . PRO A 1 5  ? 3.012   -3.063  1.808   1.00 0.00 ? 5  PRO A HD2  1 
ATOM 78  H HD3  . PRO A 1 5  ? 2.702   -2.679  0.853   1.00 0.00 ? 5  PRO A HD3  1 
ATOM 79  N N    . SER A 1 6  ? 3.026   -4.425  2.032   1.00 0.00 ? 6  SER A N    1 
ATOM 80  C CA   . SER A 1 6  ? 2.326   -4.786  0.293   1.00 0.00 ? 6  SER A CA   1 
ATOM 81  C C    . SER A 1 6  ? 5.532   1.492   1.096   1.00 0.00 ? 6  SER A C    1 
ATOM 82  O O    . SER A 1 6  ? 6.300   2.187   1.414   1.00 0.00 ? 6  SER A O    1 
ATOM 83  C CB   . SER A 1 6  ? 6.809   -2.072  2.907   1.00 0.00 ? 6  SER A CB   1 
ATOM 84  O OG   . SER A 1 6  ? 5.953   0.049   1.439   1.00 0.00 ? 6  SER A OG   1 
ATOM 85  H H    . SER A 1 6  ? 2.631   -5.302  1.043   1.00 0.00 ? 6  SER A H    1 
ATOM 86  H HA   . SER A 1 6  ? 6.131   -1.231  3.463   1.00 0.00 ? 6  SER A HA   1 
ATOM 87  H HB2  . SER A 1 6  ? 5.664   -0.180  2.868   1.00 0.00 ? 6  SER A HB2  1 
ATOM 88  H HB3  . SER A 1 6  ? 5.121   0.450   3.360   1.00 0.00 ? 6  SER A HB3  1 
ATOM 89  H HG   . SER A 1 6  ? 5.407   -0.665  0.849   1.00 0.00 ? 6  SER A HG   1 
ATOM 90  N N    . VAL A 1 7  ? 4.612   1.730   1.603   1.00 0.00 ? 7  VAL A N    1 
ATOM 91  C CA   . VAL A 1 7  ? 7.434   -0.103  1.165   1.00 0.00 ? 7  VAL A CA   1 
ATOM 92  C C    . VAL A 1 7  ? 10.761  3.591   3.681   1.00 0.00 ? 7  VAL A C    1 
ATOM 93  O O    . VAL A 1 7  ? 10.872  3.185   4.676   1.00 0.00 ? 7  VAL A O    1 
ATOM 94  C CB   . VAL A 1 7  ? 8.207   0.481   2.016   1.00 0.00 ? 7  VAL A CB   1 
ATOM 95  C CG1  . VAL A 1 7  ? 10.027  0.835   3.929   1.00 0.00 ? 7  VAL A CG1  1 
ATOM 96  C CG2  . VAL A 1 7  ? 9.668   0.403   1.853   1.00 0.00 ? 7  VAL A CG2  1 
ATOM 97  H H    . VAL A 1 7  ? 5.384   1.587   0.030   1.00 0.00 ? 7  VAL A H    1 
ATOM 98  H HA   . VAL A 1 7  ? 7.840   -0.732  0.208   1.00 0.00 ? 7  VAL A HA   1 
ATOM 99  H HB   . VAL A 1 7  ? 7.820   0.976   2.764   1.00 0.00 ? 7  VAL A HB   1 
ATOM 100 H HG11 . VAL A 1 7  ? 9.840   2.689   2.854   1.00 0.00 ? 7  VAL A HG11 1 
ATOM 101 H HG12 . VAL A 1 7  ? 8.827   2.770   3.222   1.00 0.00 ? 7  VAL A HG12 1 
ATOM 102 H HG13 . VAL A 1 7  ? 9.865   2.999   1.820   1.00 0.00 ? 7  VAL A HG13 1 
ATOM 103 H HG21 . VAL A 1 7  ? 9.932   0.795   0.878   1.00 0.00 ? 7  VAL A HG21 1 
ATOM 104 H HG22 . VAL A 1 7  ? 10.316  1.234   2.969   1.00 0.00 ? 7  VAL A HG22 1 
ATOM 105 H HG23 . VAL A 1 7  ? 11.390  1.193   2.876   1.00 0.00 ? 7  VAL A HG23 1 
ATOM 106 N N    . ARG A 1 8  ? 10.336  4.587   3.747   1.00 0.00 ? 8  ARG A N    1 
ATOM 107 C CA   . ARG A 1 8  ? 12.568  2.820   2.764   1.00 0.00 ? 8  ARG A CA   1 
ATOM 108 C C    . ARG A 1 8  ? 9.015   -3.907  6.719   1.00 0.00 ? 8  ARG A C    1 
ATOM 109 O O    . ARG A 1 8  ? 8.252   -4.815  6.425   1.00 0.00 ? 8  ARG A O    1 
ATOM 110 C CB   . ARG A 1 8  ? 12.666  5.726   3.699   1.00 0.00 ? 8  ARG A CB   1 
ATOM 111 C CG   . ARG A 1 8  ? 13.220  5.014   1.603   1.00 0.00 ? 8  ARG A CG   1 
ATOM 112 C CD   . ARG A 1 8  ? 10.154  -1.038  1.963   1.00 0.00 ? 8  ARG A CD   1 
ATOM 113 N NE   . ARG A 1 8  ? 8.965   -1.356  3.524   1.00 0.00 ? 8  ARG A NE   1 
ATOM 114 C CZ   . ARG A 1 8  ? 11.117  -3.184  3.334   1.00 0.00 ? 8  ARG A CZ   1 
ATOM 115 N NH1  . ARG A 1 8  ? 9.227   -3.784  4.230   1.00 0.00 ? 8  ARG A NH1  1 
ATOM 116 N NH2  . ARG A 1 8  ? 9.638   -3.134  5.554   1.00 0.00 ? 8  ARG A NH2  1 
ATOM 117 H H    . ARG A 1 8  ? 12.111  3.649   3.016   1.00 0.00 ? 8  ARG A H    1 
ATOM 118 H HA   . ARG A 1 8  ? 12.673  4.811   2.769   1.00 0.00 ? 8  ARG A HA   1 
ATOM 119 H HB2  . ARG A 1 8  ? 12.237  5.538   4.582   1.00 0.00 ? 8  ARG A HB2  1 
ATOM 120 H HB3  . ARG A 1 8  ? 13.089  6.617   3.528   1.00 0.00 ? 8  ARG A HB3  1 
ATOM 121 H HG2  . ARG A 1 8  ? 13.650  5.892   1.399   1.00 0.00 ? 8  ARG A HG2  1 
ATOM 122 H HG3  . ARG A 1 8  ? 13.208  4.290   0.913   1.00 0.00 ? 8  ARG A HG3  1 
ATOM 123 H HD2  . ARG A 1 8  ? 10.981  -1.476  1.188   1.00 0.00 ? 8  ARG A HD2  1 
ATOM 124 H HD3  . ARG A 1 8  ? 9.631   -1.750  2.922   1.00 0.00 ? 8  ARG A HD3  1 
ATOM 125 H HE   . ARG A 1 8  ? 10.055  -3.162  3.093   1.00 0.00 ? 8  ARG A HE   1 
ATOM 126 H HH11 . ARG A 1 8  ? 8.176   -3.610  4.052   1.00 0.00 ? 8  ARG A HH11 1 
ATOM 127 H HH12 . ARG A 1 8  ? 9.410   -4.847  4.275   1.00 0.00 ? 8  ARG A HH12 1 
ATOM 128 H HH21 . ARG A 1 8  ? 9.293   -2.112  5.580   1.00 0.00 ? 8  ARG A HH21 1 
ATOM 129 H HH22 . ARG A 1 8  ? 10.713  -3.150  5.649   1.00 0.00 ? 8  ARG A HH22 1 
ATOM 130 N N    . LYS A 1 9  ? 9.340   -3.548  7.839   1.00 0.00 ? 9  LYS A N    1 
ATOM 131 C CA   . LYS A 1 9  ? 10.561  -4.877  1.513   1.00 0.00 ? 9  LYS A CA   1 
ATOM 132 C C    . LYS A 1 9  ? 5.949   -9.091  0.442   1.00 0.00 ? 9  LYS A C    1 
ATOM 133 O O    . LYS A 1 9  ? 4.845   -9.308  1.714   1.00 0.00 ? 9  LYS A O    1 
ATOM 134 C CB   . LYS A 1 9  ? 8.226   -2.853  1.368   1.00 0.00 ? 9  LYS A CB   1 
ATOM 135 C CG   . LYS A 1 9  ? 6.974   -4.340  -0.391  1.00 0.00 ? 9  LYS A CG   1 
ATOM 136 C CD   . LYS A 1 9  ? 6.300   -5.071  0.779   1.00 0.00 ? 9  LYS A CD   1 
ATOM 137 C CE   . LYS A 1 9  ? 6.559   -6.592  0.678   1.00 0.00 ? 9  LYS A CE   1 
ATOM 138 N NZ   . LYS A 1 9  ? 5.471   -7.341  1.461   1.00 0.00 ? 9  LYS A NZ   1 
ATOM 139 H H    . LYS A 1 9  ? 9.822   -3.961  1.815   1.00 0.00 ? 9  LYS A H    1 
ATOM 140 H HA   . LYS A 1 9  ? 8.794   -3.600  1.084   1.00 0.00 ? 9  LYS A HA   1 
ATOM 141 H HB2  . LYS A 1 9  ? 8.494   -4.329  -0.186  1.00 0.00 ? 9  LYS A HB2  1 
ATOM 142 H HB3  . LYS A 1 9  ? 8.885   -5.350  -0.124  1.00 0.00 ? 9  LYS A HB3  1 
ATOM 143 H HG2  . LYS A 1 9  ? 6.613   -3.324  -0.434  1.00 0.00 ? 9  LYS A HG2  1 
ATOM 144 H HG3  . LYS A 1 9  ? 6.737   -4.833  -1.321  1.00 0.00 ? 9  LYS A HG3  1 
ATOM 145 H HD2  . LYS A 1 9  ? 6.698   -4.700  1.712   1.00 0.00 ? 9  LYS A HD2  1 
ATOM 146 H HD3  . LYS A 1 9  ? 5.238   -4.880  0.750   1.00 0.00 ? 9  LYS A HD3  1 
ATOM 147 H HE2  . LYS A 1 9  ? 6.538   -6.906  -0.354  1.00 0.00 ? 9  LYS A HE2  1 
ATOM 148 H HE3  . LYS A 1 9  ? 7.530   -6.825  1.095   1.00 0.00 ? 9  LYS A HE3  1 
ATOM 149 H HZ1  . LYS A 1 9  ? 4.503   -7.127  1.028   1.00 0.00 ? 9  LYS A HZ1  1 
ATOM 150 H HZ2  . LYS A 1 9  ? 5.475   -7.016  2.491   1.00 0.00 ? 9  LYS A HZ2  1 
ATOM 151 H HZ3  . LYS A 1 9  ? 5.707   -8.809  1.413   1.00 0.00 ? 9  LYS A HZ3  1 
ATOM 152 N N    . TYR A 1 10 ? 6.490   -9.055  2.052   1.00 0.00 ? 10 TYR A N    1 
ATOM 153 C CA   . TYR A 1 10 ? 9.204   -4.171  -2.459  1.00 0.00 ? 10 TYR A CA   1 
ATOM 154 C C    . TYR A 1 10 ? 4.164   0.593   -3.184  1.00 0.00 ? 10 TYR A C    1 
ATOM 155 O O    . TYR A 1 10 ? 5.535   -2.524  -3.612  1.00 0.00 ? 10 TYR A O    1 
ATOM 156 C CB   . TYR A 1 10 ? 9.500   -2.017  -0.264  1.00 0.00 ? 10 TYR A CB   1 
ATOM 157 C CG   . TYR A 1 10 ? 10.835  -0.869  -1.853  1.00 0.00 ? 10 TYR A CG   1 
ATOM 158 C CD1  . TYR A 1 10 ? 9.154   -1.036  -3.176  1.00 0.00 ? 10 TYR A CD1  1 
ATOM 159 C CD2  . TYR A 1 10 ? 7.942   -0.971  -2.681  1.00 0.00 ? 10 TYR A CD2  1 
ATOM 160 C CE1  . TYR A 1 10 ? 6.835   -0.384  -3.495  1.00 0.00 ? 10 TYR A CE1  1 
ATOM 161 C CE2  . TYR A 1 10 ? 5.517   -1.086  -3.085  1.00 0.00 ? 10 TYR A CE2  1 
ATOM 162 C CZ   . TYR A 1 10 ? 4.314   -0.346  -3.695  1.00 0.00 ? 10 TYR A CZ   1 
ATOM 163 O OH   . TYR A 1 10 ? 3.426   -0.950  -3.589  1.00 0.00 ? 10 TYR A OH   1 
ATOM 164 H H    . TYR A 1 10 ? 9.133   -3.625  -1.376  1.00 0.00 ? 10 TYR A H    1 
ATOM 165 H HA   . TYR A 1 10 ? 9.582   -2.419  -1.154  1.00 0.00 ? 10 TYR A HA   1 
ATOM 166 H HB2  . TYR A 1 10 ? 10.222  -1.655  -2.266  1.00 0.00 ? 10 TYR A HB2  1 
ATOM 167 H HB3  . TYR A 1 10 ? 10.843  -2.322  -2.848  1.00 0.00 ? 10 TYR A HB3  1 
ATOM 168 H HD1  . TYR A 1 10 ? 9.437   -0.640  -4.289  1.00 0.00 ? 10 TYR A HD1  1 
ATOM 169 H HD2  . TYR A 1 10 ? 7.762   -1.307  -1.778  1.00 0.00 ? 10 TYR A HD2  1 
ATOM 170 H HE1  . TYR A 1 10 ? 7.041   -0.537  -4.557  1.00 0.00 ? 10 TYR A HE1  1 
ATOM 171 H HE2  . TYR A 1 10 ? 5.431   -1.096  -2.009  1.00 0.00 ? 10 TYR A HE2  1 
ATOM 172 H HH   . TYR A 1 10 ? 4.492   -0.158  -4.742  1.00 0.00 ? 10 TYR A HH   1 
ATOM 173 N N    . ALA A 1 11 ? 6.372   -3.057  -3.188  1.00 0.00 ? 11 ALA A N    1 
ATOM 174 C CA   . ALA A 1 11 ? 4.619   -3.024  -3.336  1.00 0.00 ? 11 ALA A CA   1 
ATOM 175 C C    . ALA A 1 11 ? 6.891   3.676   -3.254  1.00 0.00 ? 11 ALA A C    1 
ATOM 176 O O    . ALA A 1 11 ? 6.668   4.032   -5.391  1.00 0.00 ? 11 ALA A O    1 
ATOM 177 C CB   . ALA A 1 11 ? 6.878   1.562   -2.107  1.00 0.00 ? 11 ALA A CB   1 
ATOM 178 H H    . ALA A 1 11 ? 5.625   -2.516  -4.689  1.00 0.00 ? 11 ALA A H    1 
ATOM 179 H HA   . ALA A 1 11 ? 6.706   1.115   -3.222  1.00 0.00 ? 11 ALA A HA   1 
ATOM 180 H HB1  . ALA A 1 11 ? 6.405   1.867   -4.257  1.00 0.00 ? 11 ALA A HB1  1 
ATOM 181 H HB2  . ALA A 1 11 ? 6.284   1.462   -5.141  1.00 0.00 ? 11 ALA A HB2  1 
ATOM 182 H HB3  . ALA A 1 11 ? 6.258   3.342   -4.082  1.00 0.00 ? 11 ALA A HB3  1 
ATOM 183 N N    . ARG A 1 12 ? 5.914   3.865   -6.144  1.00 0.00 ? 12 ARG A N    1 
ATOM 184 C CA   . ARG A 1 12 ? 6.816   5.538   -5.146  1.00 0.00 ? 12 ARG A CA   1 
ATOM 185 C C    . ARG A 1 12 ? 1.085   5.646   1.825   1.00 0.00 ? 12 ARG A C    1 
ATOM 186 O O    . ARG A 1 12 ? 2.573   6.519   1.494   1.00 0.00 ? 12 ARG A O    1 
ATOM 187 C CB   . ARG A 1 12 ? 7.485   6.155   -5.958  1.00 0.00 ? 12 ARG A CB   1 
ATOM 188 C CG   . ARG A 1 12 ? 4.555   4.036   -2.537  1.00 0.00 ? 12 ARG A CG   1 
ATOM 189 C CD   . ARG A 1 12 ? 2.582   3.506   -2.018  1.00 0.00 ? 12 ARG A CD   1 
ATOM 190 N NE   . ARG A 1 12 ? 1.890   5.295   -0.140  1.00 0.00 ? 12 ARG A NE   1 
ATOM 191 C CZ   . ARG A 1 12 ? 1.337   6.097   -0.606  1.00 0.00 ? 12 ARG A CZ   1 
ATOM 192 N NH1  . ARG A 1 12 ? 3.866   6.584   -1.040  1.00 0.00 ? 12 ARG A NH1  1 
ATOM 193 N NH2  . ARG A 1 12 ? 4.723   6.511   -1.691  1.00 0.00 ? 12 ARG A NH2  1 
ATOM 194 H H    . ARG A 1 12 ? 7.610   3.632   -5.735  1.00 0.00 ? 12 ARG A H    1 
ATOM 195 H HA   . ARG A 1 12 ? 6.251   5.984   -4.161  1.00 0.00 ? 12 ARG A HA   1 
ATOM 196 H HB2  . ARG A 1 12 ? 4.808   3.710   -3.774  1.00 0.00 ? 12 ARG A HB2  1 
ATOM 197 H HB3  . ARG A 1 12 ? 3.960   3.692   -4.644  1.00 0.00 ? 12 ARG A HB3  1 
ATOM 198 H HG2  . ARG A 1 12 ? 5.278   4.035   -1.874  1.00 0.00 ? 12 ARG A HG2  1 
ATOM 199 H HG3  . ARG A 1 12 ? 3.171   4.412   -2.131  1.00 0.00 ? 12 ARG A HG3  1 
ATOM 200 H HD2  . ARG A 1 12 ? 3.277   5.164   -0.794  1.00 0.00 ? 12 ARG A HD2  1 
ATOM 201 H HD3  . ARG A 1 12 ? 3.926   4.598   -0.140  1.00 0.00 ? 12 ARG A HD3  1 
ATOM 202 H HE   . ARG A 1 12 ? 1.341   4.374   -0.268  1.00 0.00 ? 12 ARG A HE   1 
ATOM 203 H HH11 . ARG A 1 12 ? 4.178   7.017   -0.103  1.00 0.00 ? 12 ARG A HH11 1 
ATOM 204 H HH12 . ARG A 1 12 ? 3.126   7.223   -1.496  1.00 0.00 ? 12 ARG A HH12 1 
ATOM 205 H HH21 . ARG A 1 12 ? 2.055   5.585   1.356   1.00 0.00 ? 12 ARG A HH21 1 
ATOM 206 H HH22 . ARG A 1 12 ? 2.624   4.790   1.820   1.00 0.00 ? 12 ARG A HH22 1 
ATOM 207 N N    . GLU A 1 13 ? 2.510   5.314   -3.174  1.00 0.00 ? 13 GLU A N    1 
ATOM 208 C CA   . GLU A 1 13 ? 3.272   6.236   -3.661  1.00 0.00 ? 13 GLU A CA   1 
ATOM 209 C C    . GLU A 1 13 ? 5.398   9.667   -6.792  1.00 0.00 ? 13 GLU A C    1 
ATOM 210 O O    . GLU A 1 13 ? 4.943   10.532  -5.327  1.00 0.00 ? 13 GLU A O    1 
ATOM 211 C CB   . GLU A 1 13 ? 2.747   7.184   -4.686  1.00 0.00 ? 13 GLU A CB   1 
ATOM 212 C CG   . GLU A 1 13 ? 4.525   7.341   -5.901  1.00 0.00 ? 13 GLU A CG   1 
ATOM 213 C CD   . GLU A 1 13 ? 2.640   9.683   -5.508  1.00 0.00 ? 13 GLU A CD   1 
ATOM 214 O OE1  . GLU A 1 13 ? 3.045   8.856   -7.010  1.00 0.00 ? 13 GLU A OE1  1 
ATOM 215 O OE2  . GLU A 1 13 ? 4.590   10.170  -6.280  1.00 0.00 ? 13 GLU A OE2  1 
ATOM 216 H H    . GLU A 1 13 ? 1.350   5.156   -3.503  1.00 0.00 ? 13 GLU A H    1 
ATOM 217 H HA   . GLU A 1 13 ? 4.196   6.314   -3.343  1.00 0.00 ? 13 GLU A HA   1 
ATOM 218 H HB2  . GLU A 1 13 ? 2.029   7.851   -4.212  1.00 0.00 ? 13 GLU A HB2  1 
ATOM 219 H HB3  . GLU A 1 13 ? 3.942   7.980   -5.254  1.00 0.00 ? 13 GLU A HB3  1 
ATOM 220 H HG2  . GLU A 1 13 ? 4.567   8.323   -4.444  1.00 0.00 ? 13 GLU A HG2  1 
ATOM 221 H HG3  . GLU A 1 13 ? 3.429   9.188   -6.056  1.00 0.00 ? 13 GLU A HG3  1 
ATOM 222 N N    . LYS A 1 14 ? 4.104   11.317  -7.127  1.00 0.00 ? 14 LYS A N    1 
ATOM 223 C CA   . LYS A 1 14 ? 4.414   12.563  -6.816  1.00 0.00 ? 14 LYS A CA   1 
ATOM 224 C C    . LYS A 1 14 ? 5.477   3.305   -8.991  1.00 0.00 ? 14 LYS A C    1 
ATOM 225 O O    . LYS A 1 14 ? 6.444   3.756   -9.158  1.00 0.00 ? 14 LYS A O    1 
ATOM 226 C CB   . LYS A 1 14 ? 3.063   13.323  -8.080  1.00 0.00 ? 14 LYS A CB   1 
ATOM 227 C CG   . LYS A 1 14 ? 5.850   12.033  -5.518  1.00 0.00 ? 14 LYS A CG   1 
ATOM 228 C CD   . LYS A 1 14 ? 0.917   6.721   -6.155  1.00 0.00 ? 14 LYS A CD   1 
ATOM 229 C CE   . LYS A 1 14 ? 2.180   4.770   -7.577  1.00 0.00 ? 14 LYS A CE   1 
ATOM 230 N NZ   . LYS A 1 14 ? 2.755   3.069   -8.774  1.00 0.00 ? 14 LYS A NZ   1 
ATOM 231 H H    . LYS A 1 14 ? 3.555   11.137  -7.917  1.00 0.00 ? 14 LYS A H    1 
ATOM 232 H HA   . LYS A 1 14 ? 3.770   13.531  -7.406  1.00 0.00 ? 14 LYS A HA   1 
ATOM 233 H HB2  . LYS A 1 14 ? 3.986   14.481  -7.186  1.00 0.00 ? 14 LYS A HB2  1 
ATOM 234 H HB3  . LYS A 1 14 ? 5.362   12.795  -5.941  1.00 0.00 ? 14 LYS A HB3  1 
ATOM 235 H HG2  . LYS A 1 14 ? 2.059   6.451   -5.840  1.00 0.00 ? 14 LYS A HG2  1 
ATOM 236 H HG3  . LYS A 1 14 ? 5.595   13.736  -5.696  1.00 0.00 ? 14 LYS A HG3  1 
ATOM 237 H HD2  . LYS A 1 14 ? 2.766   5.535   -6.441  1.00 0.00 ? 14 LYS A HD2  1 
ATOM 238 H HD3  . LYS A 1 14 ? 3.674   5.346   -6.146  1.00 0.00 ? 14 LYS A HD3  1 
ATOM 239 H HE2  . LYS A 1 14 ? 1.960   5.458   -8.376  1.00 0.00 ? 14 LYS A HE2  1 
ATOM 240 H HE3  . LYS A 1 14 ? 3.205   3.709   -8.030  1.00 0.00 ? 14 LYS A HE3  1 
ATOM 241 H HZ1  . LYS A 1 14 ? 3.498   3.107   -7.180  1.00 0.00 ? 14 LYS A HZ1  1 
ATOM 242 H HZ2  . LYS A 1 14 ? 4.453   4.393   -8.627  1.00 0.00 ? 14 LYS A HZ2  1 
ATOM 243 H HZ3  . LYS A 1 14 ? 4.882   5.067   -7.898  1.00 0.00 ? 14 LYS A HZ3  1 
ATOM 244 N N    . GLY A 1 15 ? 5.162   2.797   -9.893  1.00 0.00 ? 15 GLY A N    1 
ATOM 245 C CA   . GLY A 1 15 ? 4.071   5.176   -9.905  1.00 0.00 ? 15 GLY A CA   1 
ATOM 246 C C    . GLY A 1 15 ? 4.940   5.287   -10.543 1.00 0.00 ? 15 GLY A C    1 
ATOM 247 O O    . GLY A 1 15 ? 0.893   4.050   -7.188  1.00 0.00 ? 15 GLY A O    1 
ATOM 248 H H    . GLY A 1 15 ? 5.553   2.587   -8.188  1.00 0.00 ? 15 GLY A H    1 
ATOM 249 H HA2  . GLY A 1 15 ? 3.302   4.641   -10.446 1.00 0.00 ? 15 GLY A HA2  1 
ATOM 250 H HA3  . GLY A 1 15 ? 3.708   6.157   -9.641  1.00 0.00 ? 15 GLY A HA3  1 
ATOM 251 N N    . VAL A 1 16 ? -0.006  3.908   -7.991  1.00 0.00 ? 16 VAL A N    1 
ATOM 252 C CA   . VAL A 1 16 ? 1.566   3.768   -5.358  1.00 0.00 ? 16 VAL A CA   1 
ATOM 253 C C    . VAL A 1 16 ? 1.248   1.069   -4.414  1.00 0.00 ? 16 VAL A C    1 
ATOM 254 O O    . VAL A 1 16 ? -1.655  3.743   -5.728  1.00 0.00 ? 16 VAL A O    1 
ATOM 255 C CB   . VAL A 1 16 ? -0.495  1.995   -6.108  1.00 0.00 ? 16 VAL A CB   1 
ATOM 256 C CG1  . VAL A 1 16 ? -1.387  1.508   -2.567  1.00 0.00 ? 16 VAL A CG1  1 
ATOM 257 C CG2  . VAL A 1 16 ? -0.347  3.478   -3.459  1.00 0.00 ? 16 VAL A CG2  1 
ATOM 258 H H    . VAL A 1 16 ? 0.824   3.619   -5.975  1.00 0.00 ? 16 VAL A H    1 
ATOM 259 H HA   . VAL A 1 16 ? -0.396  2.906   -5.529  1.00 0.00 ? 16 VAL A HA   1 
ATOM 260 H HB   . VAL A 1 16 ? -0.244  2.578   -4.044  1.00 0.00 ? 16 VAL A HB   1 
ATOM 261 H HG11 . VAL A 1 16 ? 1.138   1.956   -3.806  1.00 0.00 ? 16 VAL A HG11 1 
ATOM 262 H HG12 . VAL A 1 16 ? 1.240   1.692   -2.772  1.00 0.00 ? 16 VAL A HG12 1 
ATOM 263 H HG13 . VAL A 1 16 ? 1.908   2.660   -4.067  1.00 0.00 ? 16 VAL A HG13 1 
ATOM 264 H HG21 . VAL A 1 16 ? -1.322  1.567   -3.646  1.00 0.00 ? 16 VAL A HG21 1 
ATOM 265 H HG22 . VAL A 1 16 ? -1.075  0.596   -4.045  1.00 0.00 ? 16 VAL A HG22 1 
ATOM 266 H HG23 . VAL A 1 16 ? -2.277  1.878   -4.041  1.00 0.00 ? 16 VAL A HG23 1 
ATOM 267 N N    . ASP A 1 17 ? -1.653  4.939   -5.526  1.00 0.00 ? 17 ASP A N    1 
ATOM 268 C CA   . ASP A 1 17 ? -2.661  2.117   -6.299  1.00 0.00 ? 17 ASP A CA   1 
ATOM 269 C C    . ASP A 1 17 ? -5.925  5.161   -7.664  1.00 0.00 ? 17 ASP A C    1 
ATOM 270 O O    . ASP A 1 17 ? -5.405  5.062   -9.743  1.00 0.00 ? 17 ASP A O    1 
ATOM 271 C CB   . ASP A 1 17 ? -3.966  4.783   -5.936  1.00 0.00 ? 17 ASP A CB   1 
ATOM 272 C CG   . ASP A 1 17 ? -3.277  3.859   -8.392  1.00 0.00 ? 17 ASP A CG   1 
ATOM 273 O OD1  . ASP A 1 17 ? -5.026  5.105   -8.261  1.00 0.00 ? 17 ASP A OD1  1 
ATOM 274 O OD2  . ASP A 1 17 ? -4.420  5.982   -8.074  1.00 0.00 ? 17 ASP A OD2  1 
ATOM 275 H H    . ASP A 1 17 ? -2.722  3.076   -6.131  1.00 0.00 ? 17 ASP A H    1 
ATOM 276 H HA   . ASP A 1 17 ? -4.015  3.782   -6.363  1.00 0.00 ? 17 ASP A HA   1 
ATOM 277 H HB2  . ASP A 1 17 ? -4.237  3.841   -7.897  1.00 0.00 ? 17 ASP A HB2  1 
ATOM 278 H HB3  . ASP A 1 17 ? -4.779  2.964   -8.230  1.00 0.00 ? 17 ASP A HB3  1 
ATOM 279 N N    . ILE A 1 18 ? -6.544  5.260   -10.108 1.00 0.00 ? 18 ILE A N    1 
ATOM 280 C CA   . ILE A 1 18 ? -3.554  4.644   -10.340 1.00 0.00 ? 18 ILE A CA   1 
ATOM 281 C C    . ILE A 1 18 ? -9.205  3.905   -0.434  1.00 0.00 ? 18 ILE A C    1 
ATOM 282 O O    . ILE A 1 18 ? -9.617  4.802   0.009   1.00 0.00 ? 18 ILE A O    1 
ATOM 283 C CB   . ILE A 1 18 ? -5.179  3.023   -5.701  1.00 0.00 ? 18 ILE A CB   1 
ATOM 284 C CG1  . ILE A 1 18 ? -5.080  2.815   -4.410  1.00 0.00 ? 18 ILE A CG1  1 
ATOM 285 C CG2  . ILE A 1 18 ? -5.810  1.721   -2.754  1.00 0.00 ? 18 ILE A CG2  1 
ATOM 286 C CD1  . ILE A 1 18 ? -7.697  3.219   -2.214  1.00 0.00 ? 18 ILE A CD1  1 
ATOM 287 H H    . ILE A 1 18 ? -4.478  4.804   -10.629 1.00 0.00 ? 18 ILE A H    1 
ATOM 288 H HA   . ILE A 1 18 ? -4.706  4.772   -11.583 1.00 0.00 ? 18 ILE A HA   1 
ATOM 289 H HB   . ILE A 1 18 ? -6.131  2.646   -6.355  1.00 0.00 ? 18 ILE A HB   1 
ATOM 290 H HG12 . ILE A 1 18 ? -6.175  2.083   -3.701  1.00 0.00 ? 18 ILE A HG12 1 
ATOM 291 H HG13 . ILE A 1 18 ? -4.297  3.140   -3.912  1.00 0.00 ? 18 ILE A HG13 1 
ATOM 292 H HG21 . ILE A 1 18 ? -6.489  1.242   -4.304  1.00 0.00 ? 18 ILE A HG21 1 
ATOM 293 H HG22 . ILE A 1 18 ? -7.367  3.008   -3.462  1.00 0.00 ? 18 ILE A HG22 1 
ATOM 294 H HG23 . ILE A 1 18 ? -7.961  3.510   -4.395  1.00 0.00 ? 18 ILE A HG23 1 
ATOM 295 H HD11 . ILE A 1 18 ? -7.192  2.802   -1.487  1.00 0.00 ? 18 ILE A HD11 1 
ATOM 296 H HD12 . ILE A 1 18 ? -8.840  4.103   -1.910  1.00 0.00 ? 18 ILE A HD12 1 
ATOM 297 H HD13 . ILE A 1 18 ? -9.676  3.839   -2.557  1.00 0.00 ? 18 ILE A HD13 1 
ATOM 298 N N    . ARG A 1 19 ? -7.996  3.545   0.197   1.00 0.00 ? 19 ARG A N    1 
ATOM 299 C CA   . ARG A 1 19 ? -10.118 2.679   -0.256  1.00 0.00 ? 19 ARG A CA   1 
ATOM 300 C C    . ARG A 1 19 ? -3.320  8.905   -5.289  1.00 0.00 ? 19 ARG A C    1 
ATOM 301 O O    . ARG A 1 19 ? -2.633  9.721   -5.110  1.00 0.00 ? 19 ARG A O    1 
ATOM 302 C CB   . ARG A 1 19 ? -11.103 2.897   -0.645  1.00 0.00 ? 19 ARG A CB   1 
ATOM 303 C CG   . ARG A 1 19 ? -9.205  6.308   -2.753  1.00 0.00 ? 19 ARG A CG   1 
ATOM 304 C CD   . ARG A 1 19 ? -6.836  7.329   -1.863  1.00 0.00 ? 19 ARG A CD   1 
ATOM 305 N NE   . ARG A 1 19 ? -5.310  7.366   -1.866  1.00 0.00 ? 19 ARG A NE   1 
ATOM 306 C CZ   . ARG A 1 19 ? -4.735  7.646   -3.007  1.00 0.00 ? 19 ARG A CZ   1 
ATOM 307 N NH1  . ARG A 1 19 ? -5.275  7.818   -3.806  1.00 0.00 ? 19 ARG A NH1  1 
ATOM 308 N NH2  . ARG A 1 19 ? -2.823  7.640   -4.551  1.00 0.00 ? 19 ARG A NH2  1 
ATOM 309 H H    . ARG A 1 19 ? -7.297  4.092   -0.166  1.00 0.00 ? 19 ARG A H    1 
ATOM 310 H HA   . ARG A 1 19 ? -9.705  1.836   -0.787  1.00 0.00 ? 19 ARG A HA   1 
ATOM 311 H HB2  . ARG A 1 19 ? -8.459  5.557   -2.154  1.00 0.00 ? 19 ARG A HB2  1 
ATOM 312 H HB3  . ARG A 1 19 ? -10.199 2.434   0.793   1.00 0.00 ? 19 ARG A HB3  1 
ATOM 313 H HG2  . ARG A 1 19 ? -7.304  5.926   -1.678  1.00 0.00 ? 19 ARG A HG2  1 
ATOM 314 H HG3  . ARG A 1 19 ? -6.749  5.287   -1.189  1.00 0.00 ? 19 ARG A HG3  1 
ATOM 315 H HD2  . ARG A 1 19 ? -7.206  7.717   -2.803  1.00 0.00 ? 19 ARG A HD2  1 
ATOM 316 H HD3  . ARG A 1 19 ? -7.206  7.935   -1.054  1.00 0.00 ? 19 ARG A HD3  1 
ATOM 317 H HE   . ARG A 1 19 ? -4.687  7.138   -0.854  1.00 0.00 ? 19 ARG A HE   1 
ATOM 318 H HH11 . ARG A 1 19 ? -2.848  6.843   -2.518  1.00 0.00 ? 19 ARG A HH11 1 
ATOM 319 H HH12 . ARG A 1 19 ? -3.252  7.696   -3.074  1.00 0.00 ? 19 ARG A HH12 1 
ATOM 320 H HH21 . ARG A 1 19 ? -1.747  7.586   -4.613  1.00 0.00 ? 19 ARG A HH21 1 
ATOM 321 H HH22 . ARG A 1 19 ? -3.245  6.765   -5.009  1.00 0.00 ? 19 ARG A HH22 1 
ATOM 322 N N    . LEU A 1 20 ? -4.298  9.182   -4.923  1.00 0.00 ? 20 LEU A N    1 
ATOM 323 C CA   . LEU A 1 20 ? -4.324  8.096   -7.022  1.00 0.00 ? 20 LEU A CA   1 
ATOM 324 C C    . LEU A 1 20 ? -4.043  11.716  -0.867  1.00 0.00 ? 20 LEU A C    1 
ATOM 325 O O    . LEU A 1 20 ? -4.077  12.062  -1.890  1.00 0.00 ? 20 LEU A O    1 
ATOM 326 C CB   . LEU A 1 20 ? -3.363  9.935   -7.586  1.00 0.00 ? 20 LEU A CB   1 
ATOM 327 C CG   . LEU A 1 20 ? -4.388  10.883  -7.070  1.00 0.00 ? 20 LEU A CG   1 
ATOM 328 C CD1  . LEU A 1 20 ? -4.691  10.585  -6.120  1.00 0.00 ? 20 LEU A CD1  1 
ATOM 329 C CD2  . LEU A 1 20 ? -3.357  9.411   -1.402  1.00 0.00 ? 20 LEU A CD2  1 
ATOM 330 H H    . LEU A 1 20 ? -3.402  8.617   -6.805  1.00 0.00 ? 20 LEU A H    1 
ATOM 331 H HA   . LEU A 1 20 ? -2.568  7.998   -7.103  1.00 0.00 ? 20 LEU A HA   1 
ATOM 332 H HB2  . LEU A 1 20 ? -2.386  10.385  -7.488  1.00 0.00 ? 20 LEU A HB2  1 
ATOM 333 H HB3  . LEU A 1 20 ? -3.560  9.739   -8.629  1.00 0.00 ? 20 LEU A HB3  1 
ATOM 334 H HG   . LEU A 1 20 ? -3.982  11.840  -7.019  1.00 0.00 ? 20 LEU A HG   1 
ATOM 335 H HD11 . LEU A 1 20 ? -5.207  10.889  -7.708  1.00 0.00 ? 20 LEU A HD11 1 
ATOM 336 H HD12 . LEU A 1 20 ? -2.720  8.983   -2.459  1.00 0.00 ? 20 LEU A HD12 1 
ATOM 337 H HD13 . LEU A 1 20 ? -1.760  9.554   -2.936  1.00 0.00 ? 20 LEU A HD13 1 
ATOM 338 H HD21 . LEU A 1 20 ? -4.118  8.900   -1.057  1.00 0.00 ? 20 LEU A HD21 1 
ATOM 339 H HD22 . LEU A 1 20 ? -2.925  10.670  -0.708  1.00 0.00 ? 20 LEU A HD22 1 
ATOM 340 H HD23 . LEU A 1 20 ? -1.987  11.034  -1.140  1.00 0.00 ? 20 LEU A HD23 1 
ATOM 341 N N    . VAL A 1 21 ? -3.854  12.554  -0.213  1.00 0.00 ? 21 VAL A N    1 
ATOM 342 C CA   . VAL A 1 21 ? -5.459  9.943   -0.101  1.00 0.00 ? 21 VAL A CA   1 
ATOM 343 C C    . VAL A 1 21 ? -3.380  9.837   4.681   1.00 0.00 ? 21 VAL A C    1 
ATOM 344 O O    . VAL A 1 21 ? -4.454  9.952   2.731   1.00 0.00 ? 21 VAL A O    1 
ATOM 345 C CB   . VAL A 1 21 ? -6.415  12.717  -0.963  1.00 0.00 ? 21 VAL A CB   1 
ATOM 346 C CG1  . VAL A 1 21 ? -2.432  11.255  3.004   1.00 0.00 ? 21 VAL A CG1  1 
ATOM 347 C CG2  . VAL A 1 21 ? -2.711  10.405  0.772   1.00 0.00 ? 21 VAL A CG2  1 
ATOM 348 H H    . VAL A 1 21 ? -5.385  11.085  -0.505  1.00 0.00 ? 21 VAL A H    1 
ATOM 349 H HA   . VAL A 1 21 ? -6.470  11.795  -0.637  1.00 0.00 ? 21 VAL A HA   1 
ATOM 350 H HB   . VAL A 1 21 ? -7.339  11.406  -0.411  1.00 0.00 ? 21 VAL A HB   1 
ATOM 351 H HG11 . VAL A 1 21 ? -2.530  12.205  3.511   1.00 0.00 ? 21 VAL A HG11 1 
ATOM 352 H HG12 . VAL A 1 21 ? -1.441  10.858  3.174   1.00 0.00 ? 21 VAL A HG12 1 
ATOM 353 H HG13 . VAL A 1 21 ? -3.472  10.275  3.553   1.00 0.00 ? 21 VAL A HG13 1 
ATOM 354 H HG21 . VAL A 1 21 ? -2.613  9.271   1.191   1.00 0.00 ? 21 VAL A HG21 1 
ATOM 355 H HG22 . VAL A 1 21 ? -2.639  11.449  1.542   1.00 0.00 ? 21 VAL A HG22 1 
ATOM 356 H HG23 . VAL A 1 21 ? -2.721  12.348  1.168   1.00 0.00 ? 21 VAL A HG23 1 
ATOM 357 N N    . GLN A 1 22 ? -4.488  10.340  1.830   1.00 0.00 ? 22 GLN A N    1 
ATOM 358 C CA   . GLN A 1 22 ? -5.523  8.949   4.265   1.00 0.00 ? 22 GLN A CA   1 
ATOM 359 C C    . GLN A 1 22 ? -9.302  11.817  5.357   1.00 0.00 ? 22 GLN A C    1 
ATOM 360 O O    . GLN A 1 22 ? -9.217  11.113  4.652   1.00 0.00 ? 22 GLN A O    1 
ATOM 361 C CB   . GLN A 1 22 ? -7.677  9.000   3.177   1.00 0.00 ? 22 GLN A CB   1 
ATOM 362 C CG   . GLN A 1 22 ? -7.981  11.352  2.634   1.00 0.00 ? 22 GLN A CG   1 
ATOM 363 C CD   . GLN A 1 22 ? -5.625  11.406  4.515   1.00 0.00 ? 22 GLN A CD   1 
ATOM 364 O OE1  . GLN A 1 22 ? -7.099  10.564  5.003   1.00 0.00 ? 22 GLN A OE1  1 
ATOM 365 N NE2  . GLN A 1 22 ? -7.321  12.669  4.706   1.00 0.00 ? 22 GLN A NE2  1 
ATOM 366 H H    . GLN A 1 22 ? -5.521  8.999   3.179   1.00 0.00 ? 22 GLN A H    1 
ATOM 367 H HA   . GLN A 1 22 ? -6.877  9.504   2.655   1.00 0.00 ? 22 GLN A HA   1 
ATOM 368 H HB2  . GLN A 1 22 ? -6.959  9.293   1.597   1.00 0.00 ? 22 GLN A HB2  1 
ATOM 369 H HB3  . GLN A 1 22 ? -6.984  11.018  2.887   1.00 0.00 ? 22 GLN A HB3  1 
ATOM 370 H HG2  . GLN A 1 22 ? -6.274  11.531  2.259   1.00 0.00 ? 22 GLN A HG2  1 
ATOM 371 H HG3  . GLN A 1 22 ? -6.693  11.341  4.363   1.00 0.00 ? 22 GLN A HG3  1 
ATOM 372 H HE21 . GLN A 1 22 ? -6.949  13.498  4.336   1.00 0.00 ? 22 GLN A HE21 1 
ATOM 373 H HE22 . GLN A 1 22 ? -8.366  12.713  5.501   1.00 0.00 ? 22 GLN A HE22 1 
ATOM 374 N N    . GLY A 1 23 ? -10.104 11.833  5.954   1.00 0.00 ? 23 GLY A N    1 
ATOM 375 C CA   . GLY A 1 23 ? -7.699  14.319  6.493   1.00 0.00 ? 23 GLY A CA   1 
ATOM 376 C C    . GLY A 1 23 ? -6.218  6.866   2.362   1.00 0.00 ? 23 GLY A C    1 
ATOM 377 O O    . GLY A 1 23 ? -4.044  7.239   2.483   1.00 0.00 ? 23 GLY A O    1 
ATOM 378 H H    . GLY A 1 23 ? -8.435  13.649  6.409   1.00 0.00 ? 23 GLY A H    1 
ATOM 379 H HA2  . GLY A 1 23 ? -9.225  13.692  7.024   1.00 0.00 ? 23 GLY A HA2  1 
ATOM 380 H HA3  . GLY A 1 23 ? -5.283  7.593   2.635   1.00 0.00 ? 23 GLY A HA3  1 
ATOM 381 N N    . THR A 1 24 ? -3.325  7.862   2.713   1.00 0.00 ? 24 THR A N    1 
ATOM 382 C CA   . THR A 1 24 ? -4.394  5.666   1.117   1.00 0.00 ? 24 THR A CA   1 
ATOM 383 C C    . THR A 1 24 ? -2.756  5.622   -0.557  1.00 0.00 ? 24 THR A C    1 
ATOM 384 O O    . THR A 1 24 ? -3.969  4.839   3.050   1.00 0.00 ? 24 THR A O    1 
ATOM 385 C CB   . THR A 1 24 ? -1.663  6.561   2.115   1.00 0.00 ? 24 THR A CB   1 
ATOM 386 O OG1  . THR A 1 24 ? -0.723  4.369   1.064   1.00 0.00 ? 24 THR A OG1  1 
ATOM 387 C CG2  . THR A 1 24 ? -1.377  4.266   2.694   1.00 0.00 ? 24 THR A CG2  1 
ATOM 388 H H    . THR A 1 24 ? -3.730  5.881   1.957   1.00 0.00 ? 24 THR A H    1 
ATOM 389 H HA   . THR A 1 24 ? -2.225  5.865   1.511   1.00 0.00 ? 24 THR A HA   1 
ATOM 390 H HB   . THR A 1 24 ? -1.621  4.452   1.657   1.00 0.00 ? 24 THR A HB   1 
ATOM 391 H HG1  . THR A 1 24 ? -2.333  3.718   1.324   1.00 0.00 ? 24 THR A HG1  1 
ATOM 392 H HG21 . THR A 1 24 ? -2.143  6.284   0.043   1.00 0.00 ? 24 THR A HG21 1 
ATOM 393 H HG22 . THR A 1 24 ? -1.119  6.229   -0.297  1.00 0.00 ? 24 THR A HG22 1 
ATOM 394 H HG23 . THR A 1 24 ? -2.498  7.295   -0.064  1.00 0.00 ? 24 THR A HG23 1 
ATOM 395 N N    . GLY A 1 25 ? -3.825  5.129   4.221   1.00 0.00 ? 25 GLY A N    1 
ATOM 396 C CA   . GLY A 1 25 ? -4.429  3.439   1.673   1.00 0.00 ? 25 GLY A CA   1 
ATOM 397 C C    . GLY A 1 25 ? -5.959  1.865   3.323   1.00 0.00 ? 25 GLY A C    1 
ATOM 398 O O    . GLY A 1 25 ? -5.926  0.814   3.586   1.00 0.00 ? 25 GLY A O    1 
ATOM 399 H H    . GLY A 1 25 ? -4.335  3.632   2.643   1.00 0.00 ? 25 GLY A H    1 
ATOM 400 H HA2  . GLY A 1 25 ? -4.591  2.549   3.668   1.00 0.00 ? 25 GLY A HA2  1 
ATOM 401 H HA3  . GLY A 1 25 ? -4.612  2.986   4.667   1.00 0.00 ? 25 GLY A HA3  1 
ATOM 402 N N    . LYS A 1 26 ? -6.148  1.954   2.263   1.00 0.00 ? 26 LYS A N    1 
ATOM 403 C CA   . LYS A 1 26 ? -6.828  2.661   5.143   1.00 0.00 ? 26 LYS A CA   1 
ATOM 404 C C    . LYS A 1 26 ? -1.317  -2.129  6.053   1.00 0.00 ? 26 LYS A C    1 
ATOM 405 O O    . LYS A 1 26 ? -0.426  -1.585  5.777   1.00 0.00 ? 26 LYS A O    1 
ATOM 406 C CB   . LYS A 1 26 ? -6.507  4.483   3.404   1.00 0.00 ? 26 LYS A CB   1 
ATOM 407 C CG   . LYS A 1 26 ? -8.356  1.661   4.016   1.00 0.00 ? 26 LYS A CG   1 
ATOM 408 C CD   . LYS A 1 26 ? -8.180  0.725   4.526   1.00 0.00 ? 26 LYS A CD   1 
ATOM 409 C CE   . LYS A 1 26 ? -3.526  0.580   4.564   1.00 0.00 ? 26 LYS A CE   1 
ATOM 410 N NZ   . LYS A 1 26 ? -1.511  -0.019  4.417   1.00 0.00 ? 26 LYS A NZ   1 
ATOM 411 H H    . LYS A 1 26 ? -7.106  2.541   4.107   1.00 0.00 ? 26 LYS A H    1 
ATOM 412 H HA   . LYS A 1 26 ? -7.413  3.911   3.491   1.00 0.00 ? 26 LYS A HA   1 
ATOM 413 H HB2  . LYS A 1 26 ? -8.110  4.445   4.119   1.00 0.00 ? 26 LYS A HB2  1 
ATOM 414 H HB3  . LYS A 1 26 ? -7.845  3.781   2.513   1.00 0.00 ? 26 LYS A HB3  1 
ATOM 415 H HG2  . LYS A 1 26 ? -9.191  2.164   4.477   1.00 0.00 ? 26 LYS A HG2  1 
ATOM 416 H HG3  . LYS A 1 26 ? -8.587  1.461   2.979   1.00 0.00 ? 26 LYS A HG3  1 
ATOM 417 H HD2  . LYS A 1 26 ? -3.485  1.493   3.626   1.00 0.00 ? 26 LYS A HD2  1 
ATOM 418 H HD3  . LYS A 1 26 ? -2.619  1.526   2.775   1.00 0.00 ? 26 LYS A HD3  1 
ATOM 419 H HE2  . LYS A 1 26 ? -4.233  0.597   5.242   1.00 0.00 ? 26 LYS A HE2  1 
ATOM 420 H HE3  . LYS A 1 26 ? -2.490  -0.474  4.583   1.00 0.00 ? 26 LYS A HE3  1 
ATOM 421 H HZ1  . LYS A 1 26 ? -2.539  -1.207  5.937   1.00 0.00 ? 26 LYS A HZ1  1 
ATOM 422 H HZ2  . LYS A 1 26 ? -3.445  -1.793  6.000   1.00 0.00 ? 26 LYS A HZ2  1 
ATOM 423 H HZ3  . LYS A 1 26 ? -2.527  -0.485  6.740   1.00 0.00 ? 26 LYS A HZ3  1 
ATOM 424 N N    . ASN A 1 27 ? -1.437  -2.971  5.387   1.00 0.00 ? 27 ASN A N    1 
ATOM 425 C CA   . ASN A 1 27 ? -2.036  -3.252  7.744   1.00 0.00 ? 27 ASN A CA   1 
ATOM 426 C C    . ASN A 1 27 ? -1.870  -1.965  2.830   1.00 0.00 ? 27 ASN A C    1 
ATOM 427 O O    . ASN A 1 27 ? -4.037  -1.725  3.259   1.00 0.00 ? 27 ASN A O    1 
ATOM 428 C CB   . ASN A 1 27 ? 0.123   -3.452  7.680   1.00 0.00 ? 27 ASN A CB   1 
ATOM 429 C CG   . ASN A 1 27 ? -0.199  -4.893  7.877   1.00 0.00 ? 27 ASN A CG   1 
ATOM 430 O OD1  . ASN A 1 27 ? 0.556   -5.344  8.433   1.00 0.00 ? 27 ASN A OD1  1 
ATOM 431 N ND2  . ASN A 1 27 ? -0.276  -5.362  6.953   1.00 0.00 ? 27 ASN A ND2  1 
ATOM 432 H H    . ASN A 1 27 ? -1.188  -2.628  7.505   1.00 0.00 ? 27 ASN A H    1 
ATOM 433 H HA   . ASN A 1 27 ? -1.180  -1.778  8.175   1.00 0.00 ? 27 ASN A HA   1 
ATOM 434 H HB2  . ASN A 1 27 ? 0.756   -3.352  6.805   1.00 0.00 ? 27 ASN A HB2  1 
ATOM 435 H HB3  . ASN A 1 27 ? 0.668   -3.095  8.546   1.00 0.00 ? 27 ASN A HB3  1 
ATOM 436 H HD21 . ASN A 1 27 ? -2.773  -1.462  3.471   1.00 0.00 ? 27 ASN A HD21 1 
ATOM 437 H HD22 . ASN A 1 27 ? -1.102  -4.980  8.385   1.00 0.00 ? 27 ASN A HD22 1 
ATOM 438 N N    . GLY A 1 28 ? -4.729  -1.296  3.804   1.00 0.00 ? 28 GLY A N    1 
ATOM 439 C CA   . GLY A 1 28 ? -3.785  -3.561  2.257   1.00 0.00 ? 28 GLY A CA   1 
ATOM 440 C C    . GLY A 1 28 ? -6.489  -2.121  2.382   1.00 0.00 ? 28 GLY A C    1 
ATOM 441 O O    . GLY A 1 28 ? -6.103  -3.818  3.643   1.00 0.00 ? 28 GLY A O    1 
ATOM 442 H H    . GLY A 1 28 ? -4.414  -2.673  2.191   1.00 0.00 ? 28 GLY A H    1 
ATOM 443 H HA2  . GLY A 1 28 ? -5.902  -3.027  2.347   1.00 0.00 ? 28 GLY A HA2  1 
ATOM 444 H HA3  . GLY A 1 28 ? -6.223  -3.625  1.506   1.00 0.00 ? 28 GLY A HA3  1 
ATOM 445 N N    . ARG A 1 29 ? -5.886  -3.188  4.494   1.00 0.00 ? 29 ARG A N    1 
ATOM 446 C CA   . ARG A 1 29 ? -7.556  -4.298  3.727   1.00 0.00 ? 29 ARG A CA   1 
ATOM 447 C C    . ARG A 1 29 ? -0.064  -0.593  -1.978  1.00 0.00 ? 29 ARG A C    1 
ATOM 448 O O    . ARG A 1 29 ? 0.993   -0.583  -0.090  1.00 0.00 ? 29 ARG A O    1 
ATOM 449 C CB   . ARG A 1 29 ? -7.904  -4.791  4.788   1.00 0.00 ? 29 ARG A CB   1 
ATOM 450 C CG   . ARG A 1 29 ? -3.974  -0.721  0.889   1.00 0.00 ? 29 ARG A CG   1 
ATOM 451 C CD   . ARG A 1 29 ? -4.632  -0.065  -0.993  1.00 0.00 ? 29 ARG A CD   1 
ATOM 452 N NE   . ARG A 1 29 ? -4.044  1.739   0.952   1.00 0.00 ? 29 ARG A NE   1 
ATOM 453 C CZ   . ARG A 1 29 ? -3.605  2.247   -2.158  1.00 0.00 ? 29 ARG A CZ   1 
ATOM 454 N NH1  . ARG A 1 29 ? -1.412  -0.502  -0.389  1.00 0.00 ? 29 ARG A NH1  1 
ATOM 455 N NH2  . ARG A 1 29 ? -4.749  3.355   -0.654  1.00 0.00 ? 29 ARG A NH2  1 
ATOM 456 H H    . ARG A 1 29 ? -5.443  -4.674  3.657   1.00 0.00 ? 29 ARG A H    1 
ATOM 457 H HA   . ARG A 1 29 ? -8.237  -4.146  2.723   1.00 0.00 ? 29 ARG A HA   1 
ATOM 458 H HB2  . ARG A 1 29 ? -4.207  -2.007  0.845   1.00 0.00 ? 29 ARG A HB2  1 
ATOM 459 H HB3  . ARG A 1 29 ? -4.258  -2.644  -0.190  1.00 0.00 ? 29 ARG A HB3  1 
ATOM 460 H HG2  . ARG A 1 29 ? -3.932  -0.257  1.752   1.00 0.00 ? 29 ARG A HG2  1 
ATOM 461 H HG3  . ARG A 1 29 ? -3.756  0.032   -0.354  1.00 0.00 ? 29 ARG A HG3  1 
ATOM 462 H HD2  . ARG A 1 29 ? -3.509  1.515   0.053   1.00 0.00 ? 29 ARG A HD2  1 
ATOM 463 H HD3  . ARG A 1 29 ? -2.460  1.677   0.223   1.00 0.00 ? 29 ARG A HD3  1 
ATOM 464 H HE   . ARG A 1 29 ? -4.000  2.460   -1.029  1.00 0.00 ? 29 ARG A HE   1 
ATOM 465 H HH11 . ARG A 1 29 ? -1.405  -0.140  0.513   1.00 0.00 ? 29 ARG A HH11 1 
ATOM 466 H HH12 . ARG A 1 29 ? -0.168  -1.012  -0.986  1.00 0.00 ? 29 ARG A HH12 1 
ATOM 467 H HH21 . ARG A 1 29 ? -2.523  -0.524  -1.078  1.00 0.00 ? 29 ARG A HH21 1 
ATOM 468 H HH22 . ARG A 1 29 ? -2.597  -0.966  -2.211  1.00 0.00 ? 29 ARG A HH22 1 
ATOM 469 N N    . VAL A 1 30 ? 0.994   -1.194  0.813   1.00 0.00 ? 30 VAL A N    1 
ATOM 470 C CA   . VAL A 1 30 ? 0.021   0.952   1.029   1.00 0.00 ? 30 VAL A CA   1 
ATOM 471 C C    . VAL A 1 30 ? -0.770  -3.173  -0.101  1.00 0.00 ? 30 VAL A C    1 
ATOM 472 O O    . VAL A 1 30 ? -1.158  -2.681  0.652   1.00 0.00 ? 30 VAL A O    1 
ATOM 473 C CB   . VAL A 1 30 ? 2.309   -0.747  -0.883  1.00 0.00 ? 30 VAL A CB   1 
ATOM 474 C CG1  . VAL A 1 30 ? 2.384   0.028   -1.628  1.00 0.00 ? 30 VAL A CG1  1 
ATOM 475 C CG2  . VAL A 1 30 ? 1.890   2.375   1.405   1.00 0.00 ? 30 VAL A CG2  1 
ATOM 476 H H    . VAL A 1 30 ? 0.808   0.882   0.303   1.00 0.00 ? 30 VAL A H    1 
ATOM 477 H HA   . VAL A 1 30 ? 0.537   1.456   -0.565  1.00 0.00 ? 30 VAL A HA   1 
ATOM 478 H HB   . VAL A 1 30 ? 3.152   -0.673  -0.213  1.00 0.00 ? 30 VAL A HB   1 
ATOM 479 H HG11 . VAL A 1 30 ? 2.323   -1.710  -1.371  1.00 0.00 ? 30 VAL A HG11 1 
ATOM 480 H HG12 . VAL A 1 30 ? 2.097   1.443   0.901   1.00 0.00 ? 30 VAL A HG12 1 
ATOM 481 H HG13 . VAL A 1 30 ? 2.500   0.743   1.608   1.00 0.00 ? 30 VAL A HG13 1 
ATOM 482 H HG21 . VAL A 1 30 ? 2.818   1.615   0.117   1.00 0.00 ? 30 VAL A HG21 1 
ATOM 483 H HG22 . VAL A 1 30 ? -0.194  -2.535  -1.085  1.00 0.00 ? 30 VAL A HG22 1 
ATOM 484 H HG23 . VAL A 1 30 ? 0.298   -3.108  -2.035  1.00 0.00 ? 30 VAL A HG23 1 
ATOM 485 N N    . LEU A 1 31 ? -0.827  -4.657  -0.143  1.00 0.00 ? 31 LEU A N    1 
ATOM 486 C CA   . LEU A 1 31 ? -1.818  -5.141  0.924   1.00 0.00 ? 31 LEU A CA   1 
ATOM 487 C C    . LEU A 1 31 ? -4.780  -4.114  -2.739  1.00 0.00 ? 31 LEU A C    1 
ATOM 488 O O    . LEU A 1 31 ? -1.837  -4.489  -4.440  1.00 0.00 ? 31 LEU A O    1 
ATOM 489 C CB   . LEU A 1 31 ? -1.619  -4.643  1.861   1.00 0.00 ? 31 LEU A CB   1 
ATOM 490 C CG   . LEU A 1 31 ? -2.517  -7.206  1.788   1.00 0.00 ? 31 LEU A CG   1 
ATOM 491 C CD1  . LEU A 1 31 ? -3.036  -5.895  -3.355  1.00 0.00 ? 31 LEU A CD1  1 
ATOM 492 C CD2  . LEU A 1 31 ? -0.796  -6.073  -2.065  1.00 0.00 ? 31 LEU A CD2  1 
ATOM 493 H H    . LEU A 1 31 ? 0.171   -5.057  0.039   1.00 0.00 ? 31 LEU A H    1 
ATOM 494 H HA   . LEU A 1 31 ? -2.827  -4.921  0.609   1.00 0.00 ? 31 LEU A HA   1 
ATOM 495 H HB2  . LEU A 1 31 ? -1.666  -6.657  1.110   1.00 0.00 ? 31 LEU A HB2  1 
ATOM 496 H HB3  . LEU A 1 31 ? -0.705  -7.177  0.565   1.00 0.00 ? 31 LEU A HB3  1 
ATOM 497 H HG   . LEU A 1 31 ? -1.311  -5.126  -1.508  1.00 0.00 ? 31 LEU A HG   1 
ATOM 498 H HD11 . LEU A 1 31 ? -4.125  -4.024  -3.592  1.00 0.00 ? 31 LEU A HD11 1 
ATOM 499 H HD12 . LEU A 1 31 ? -4.627  -4.406  -4.468  1.00 0.00 ? 31 LEU A HD12 1 
ATOM 500 H HD13 . LEU A 1 31 ? -3.883  -2.983  -3.747  1.00 0.00 ? 31 LEU A HD13 1 
ATOM 501 H HD21 . LEU A 1 31 ? -2.301  -4.444  -2.020  1.00 0.00 ? 31 LEU A HD21 1 
ATOM 502 H HD22 . LEU A 1 31 ? -2.688  -3.692  -1.526  1.00 0.00 ? 31 LEU A HD22 1 
ATOM 503 H HD23 . LEU A 1 31 ? -2.838  -4.823  -3.344  1.00 0.00 ? 31 LEU A HD23 1 
ATOM 504 N N    . LYS A 1 32 ? -1.722  -5.205  -5.415  1.00 0.00 ? 32 LYS A N    1 
ATOM 505 C CA   . LYS A 1 32 ? -1.259  -2.838  -3.463  1.00 0.00 ? 32 LYS A CA   1 
ATOM 506 C C    . LYS A 1 32 ? 0.536   -4.607  -6.923  1.00 0.00 ? 32 LYS A C    1 
ATOM 507 O O    . LYS A 1 32 ? 1.463   -4.737  -4.913  1.00 0.00 ? 32 LYS A O    1 
ATOM 508 C CB   . LYS A 1 32 ? -0.626  -2.521  -6.131  1.00 0.00 ? 32 LYS A CB   1 
ATOM 509 C CG   . LYS A 1 32 ? 0.366   -1.226  -4.191  1.00 0.00 ? 32 LYS A CG   1 
ATOM 510 C CD   . LYS A 1 32 ? 0.362   -0.126  -6.444  1.00 0.00 ? 32 LYS A CD   1 
ATOM 511 C CE   . LYS A 1 32 ? 2.193   0.029   -7.515  1.00 0.00 ? 32 LYS A CE   1 
ATOM 512 N NZ   . LYS A 1 32 ? 4.886   -1.927  -7.023  1.00 0.00 ? 32 LYS A NZ   1 
ATOM 513 H H    . LYS A 1 32 ? -1.124  -3.397  -4.263  1.00 0.00 ? 32 LYS A H    1 
ATOM 514 H HA   . LYS A 1 32 ? -0.120  -3.001  -5.291  1.00 0.00 ? 32 LYS A HA   1 
ATOM 515 H HB2  . LYS A 1 32 ? 0.881   -2.045  -4.656  1.00 0.00 ? 32 LYS A HB2  1 
ATOM 516 H HB3  . LYS A 1 32 ? 1.474   -2.559  -3.923  1.00 0.00 ? 32 LYS A HB3  1 
ATOM 517 H HG2  . LYS A 1 32 ? 1.792   -1.518  -5.746  1.00 0.00 ? 32 LYS A HG2  1 
ATOM 518 H HG3  . LYS A 1 32 ? 1.367   -0.494  -6.548  1.00 0.00 ? 32 LYS A HG3  1 
ATOM 519 H HD2  . LYS A 1 32 ? 3.064   -2.038  -5.923  1.00 0.00 ? 32 LYS A HD2  1 
ATOM 520 H HD3  . LYS A 1 32 ? 3.397   -2.871  -5.310  1.00 0.00 ? 32 LYS A HD3  1 
ATOM 521 H HE2  . LYS A 1 32 ? 1.852   0.849   -8.127  1.00 0.00 ? 32 LYS A HE2  1 
ATOM 522 H HE3  . LYS A 1 32 ? 3.896   -1.519  -6.891  1.00 0.00 ? 32 LYS A HE3  1 
ATOM 523 H HZ1  . LYS A 1 32 ? 3.461   -0.486  -7.689  1.00 0.00 ? 32 LYS A HZ1  1 
ATOM 524 H HZ2  . LYS A 1 32 ? 4.113   -0.076  -8.446  1.00 0.00 ? 32 LYS A HZ2  1 
ATOM 525 H HZ3  . LYS A 1 32 ? 0.663   -4.197  -5.787  1.00 0.00 ? 32 LYS A HZ3  1 
ATOM 526 N N    . GLU A 1 33 ? 1.519   -4.367  -3.998  1.00 0.00 ? 33 GLU A N    1 
ATOM 527 C CA   . GLU A 1 33 ? 2.739   -5.709  -6.253  1.00 0.00 ? 33 GLU A CA   1 
ATOM 528 C C    . GLU A 1 33 ? 6.120   -8.086  -3.758  1.00 0.00 ? 33 GLU A C    1 
ATOM 529 O O    . GLU A 1 33 ? 4.654   -8.213  -2.798  1.00 0.00 ? 33 GLU A O    1 
ATOM 530 C CB   . GLU A 1 33 ? 2.859   -6.469  -3.297  1.00 0.00 ? 33 GLU A CB   1 
ATOM 531 C CG   . GLU A 1 33 ? 3.880   -8.019  -5.057  1.00 0.00 ? 33 GLU A CG   1 
ATOM 532 C CD   . GLU A 1 33 ? 4.813   -6.598  -6.711  1.00 0.00 ? 33 GLU A CD   1 
ATOM 533 O OE1  . GLU A 1 33 ? 5.232   -7.563  -3.437  1.00 0.00 ? 33 GLU A OE1  1 
ATOM 534 O OE2  . GLU A 1 33 ? 6.231   -7.075  -5.799  1.00 0.00 ? 33 GLU A OE2  1 
ATOM 535 H H    . GLU A 1 33 ? 2.275   -5.907  -5.291  1.00 0.00 ? 33 GLU A H    1 
ATOM 536 H HA   . GLU A 1 33 ? 3.338   -6.113  -4.198  1.00 0.00 ? 33 GLU A HA   1 
ATOM 537 H HB2  . GLU A 1 33 ? 3.824   -5.172  -3.985  1.00 0.00 ? 33 GLU A HB2  1 
ATOM 538 H HB3  . GLU A 1 33 ? 4.385   -7.151  -4.660  1.00 0.00 ? 33 GLU A HB3  1 
ATOM 539 H HG2  . GLU A 1 33 ? 5.300   -6.537  -5.751  1.00 0.00 ? 33 GLU A HG2  1 
ATOM 540 H HG3  . GLU A 1 33 ? 5.504   -5.502  -5.524  1.00 0.00 ? 33 GLU A HG3  1 
ATOM 541 N N    . ASP A 1 34 ? 5.519   -6.683  -2.880  1.00 0.00 ? 34 ASP A N    1 
ATOM 542 C CA   . ASP A 1 34 ? 1.377   -7.847  -6.395  1.00 0.00 ? 34 ASP A CA   1 
ATOM 543 C C    . ASP A 1 34 ? -2.377  0.318   1.054   1.00 0.00 ? 34 ASP A C    1 
ATOM 544 O O    . ASP A 1 34 ? -2.844  -0.577  0.371   1.00 0.00 ? 34 ASP A O    1 
ATOM 545 C CB   . ASP A 1 34 ? -2.773  2.811   1.186   1.00 0.00 ? 34 ASP A CB   1 
ATOM 546 C CG   . ASP A 1 34 ? -3.570  3.291   -0.019  1.00 0.00 ? 34 ASP A CG   1 
ATOM 547 O OD1  . ASP A 1 34 ? -3.578  2.562   -0.991  1.00 0.00 ? 34 ASP A OD1  1 
ATOM 548 O OD2  . ASP A 1 34 ? -4.126  4.377   0.106   1.00 0.00 ? 34 ASP A OD2  1 
ATOM 549 H H    . ASP A 1 34 ? 1.411   -7.159  -5.394  1.00 0.00 ? 34 ASP A H    1 
ATOM 550 H HA   . ASP A 1 34 ? -4.300  1.273   1.388   1.00 0.00 ? 34 ASP A HA   1 
ATOM 551 H HB2  . ASP A 1 34 ? -1.734  2.741   0.902   1.00 0.00 ? 34 ASP A HB2  1 
ATOM 552 H HB3  . ASP A 1 34 ? -2.910  3.518   1.990   1.00 0.00 ? 34 ASP A HB3  1 
ATOM 553 N N    . ILE A 1 35 ? -1.109  0.421   1.337   1.00 0.00 ? 35 ILE A N    1 
ATOM 554 C CA   . ILE A 1 35 ? -0.159  -0.572  0.820   1.00 0.00 ? 35 ILE A CA   1 
ATOM 555 C C    . ILE A 1 35 ? -0.348  -1.912  1.517   1.00 0.00 ? 35 ILE A C    1 
ATOM 556 O O    . ILE A 1 35 ? -0.120  -2.959  0.939   1.00 0.00 ? 35 ILE A O    1 
ATOM 557 C CB   . ILE A 1 35 ? 1.250   -0.055  1.089   1.00 0.00 ? 35 ILE A CB   1 
ATOM 558 C CG1  . ILE A 1 35 ? 1.326   1.415   0.699   1.00 0.00 ? 35 ILE A CG1  1 
ATOM 559 C CG2  . ILE A 1 35 ? 2.243   -0.868  0.232   1.00 0.00 ? 35 ILE A CG2  1 
ATOM 560 C CD1  . ILE A 1 35 ? 2.780   1.889   0.704   1.00 0.00 ? 35 ILE A CD1  1 
ATOM 561 H H    . ILE A 1 35 ? -0.790  1.161   1.895   1.00 0.00 ? 35 ILE A H    1 
ATOM 562 H HA   . ILE A 1 35 ? -0.306  -0.686  -0.243  1.00 0.00 ? 35 ILE A HA   1 
ATOM 563 H HB   . ILE A 1 35 ? 1.468   -0.152  2.144   1.00 0.00 ? 35 ILE A HB   1 
ATOM 564 H HG12 . ILE A 1 35 ? 0.923   1.533   -0.295  1.00 0.00 ? 35 ILE A HG12 1 
ATOM 565 H HG13 . ILE A 1 35 ? 0.766   1.997   1.415   1.00 0.00 ? 35 ILE A HG13 1 
ATOM 566 H HG21 . ILE A 1 35 ? 3.222   -0.424  0.343   1.00 0.00 ? 35 ILE A HG21 1 
ATOM 567 H HG22 . ILE A 1 35 ? 1.946   -0.821  -0.805  1.00 0.00 ? 35 ILE A HG22 1 
ATOM 568 H HG23 . ILE A 1 35 ? 2.274   -1.888  0.582   1.00 0.00 ? 35 ILE A HG23 1 
ATOM 569 H HD11 . ILE A 1 35 ? 3.416   1.017   0.758   1.00 0.00 ? 35 ILE A HD11 1 
ATOM 570 H HD12 . ILE A 1 35 ? 2.953   2.511   1.568   1.00 0.00 ? 35 ILE A HD12 1 
ATOM 571 H HD13 . ILE A 1 35 ? 2.988   2.423   -0.210  1.00 0.00 ? 35 ILE A HD13 1 
ATOM 572 N N    . ASP A 1 36 ? -0.756  -1.862  2.761   1.00 0.00 ? 36 ASP A N    1 
ATOM 573 C CA   . ASP A 1 36 ? -0.958  -3.126  3.499   1.00 0.00 ? 36 ASP A CA   1 
ATOM 574 C C    . ASP A 1 36 ? -1.851  -4.060  2.701   1.00 0.00 ? 36 ASP A C    1 
ATOM 575 O O    . ASP A 1 36 ? -1.613  -5.251  2.629   1.00 0.00 ? 36 ASP A O    1 
ATOM 576 C CB   . ASP A 1 36 ? -1.650  -2.805  4.832   1.00 0.00 ? 36 ASP A CB   1 
ATOM 577 C CG   . ASP A 1 36 ? -1.662  -4.059  5.706   1.00 0.00 ? 36 ASP A CG   1 
ATOM 578 O OD1  . ASP A 1 36 ? -2.605  -4.819  5.550   1.00 0.00 ? 36 ASP A OD1  1 
ATOM 579 O OD2  . ASP A 1 36 ? -0.730  -4.188  6.485   1.00 0.00 ? 36 ASP A OD2  1 
ATOM 580 H H    . ASP A 1 36 ? -0.925  -0.999  3.193   1.00 0.00 ? 36 ASP A H    1 
ATOM 581 H HA   . ASP A 1 36 ? 0.002   -3.579  3.694   1.00 0.00 ? 36 ASP A HA   1 
ATOM 582 H HB2  . ASP A 1 36 ? -1.100  -2.029  5.342   1.00 0.00 ? 36 ASP A HB2  1 
ATOM 583 H HB3  . ASP A 1 36 ? -2.669  -2.501  4.641   1.00 0.00 ? 36 ASP A HB3  1 
ATOM 584 N N    . ALA A 1 37 ? -2.867  -3.496  2.107   1.00 0.00 ? 37 ALA A N    1 
ATOM 585 C CA   . ALA A 1 37 ? -3.795  -4.322  1.301   1.00 0.00 ? 37 ALA A CA   1 
ATOM 586 C C    . ALA A 1 37 ? -3.143  -4.738  -0.011  1.00 0.00 ? 37 ALA A C    1 
ATOM 587 O O    . ALA A 1 37 ? -3.401  -5.814  -0.519  1.00 0.00 ? 37 ALA A O    1 
ATOM 588 C CB   . ALA A 1 37 ? -5.042  -3.478  0.985   1.00 0.00 ? 37 ALA A CB   1 
ATOM 589 H H    . ALA A 1 37 ? -3.015  -2.532  2.194   1.00 0.00 ? 37 ALA A H    1 
ATOM 590 H HA   . ALA A 1 37 ? -4.083  -5.190  1.874   1.00 0.00 ? 37 ALA A HA   1 
ATOM 591 H HB1  . ALA A 1 37 ? -5.485  -3.865  0.078   1.00 0.00 ? 37 ALA A HB1  1 
ATOM 592 H HB2  . ALA A 1 37 ? -4.754  -2.450  0.829   1.00 0.00 ? 37 ALA A HB2  1 
ATOM 593 H HB3  . ALA A 1 37 ? -5.753  -3.568  1.793   1.00 0.00 ? 37 ALA A HB3  1 
ATOM 594 N N    . PHE A 1 38 ? -2.308  -3.881  -0.541  1.00 0.00 ? 38 PHE A N    1 
ATOM 595 C CA   . PHE A 1 38 ? -1.633  -4.217  -1.817  1.00 0.00 ? 38 PHE A CA   1 
ATOM 596 C C    . PHE A 1 38 ? -1.106  -5.640  -1.818  1.00 0.00 ? 38 PHE A C    1 
ATOM 597 O O    . PHE A 1 38 ? -1.628  -6.503  -2.497  1.00 0.00 ? 38 PHE A O    1 
ATOM 598 C CB   . PHE A 1 38 ? -0.438  -3.293  -2.001  1.00 0.00 ? 38 PHE A CB   1 
ATOM 599 C CG   . PHE A 1 38 ? 0.136   -3.532  -3.384  1.00 0.00 ? 38 PHE A CG   1 
ATOM 600 C CD1  . PHE A 1 38 ? -0.462  -2.956  -4.473  1.00 0.00 ? 38 PHE A CD1  1 
ATOM 601 C CD2  . PHE A 1 38 ? 1.266   -4.319  -3.561  1.00 0.00 ? 38 PHE A CD2  1 
ATOM 602 C CE1  . PHE A 1 38 ? 0.056   -3.140  -5.733  1.00 0.00 ? 38 PHE A CE1  1 
ATOM 603 C CE2  . PHE A 1 38 ? 1.785   -4.505  -4.823  1.00 0.00 ? 38 PHE A CE2  1 
ATOM 604 C CZ   . PHE A 1 38 ? 1.178   -3.915  -5.913  1.00 0.00 ? 38 PHE A CZ   1 
ATOM 605 H H    . PHE A 1 38 ? -2.131  -3.027  -0.097  1.00 0.00 ? 38 PHE A H    1 
ATOM 606 H HA   . PHE A 1 38 ? -2.327  -4.071  -2.630  1.00 0.00 ? 38 PHE A HA   1 
ATOM 607 H HB2  . PHE A 1 38 ? -0.758  -2.266  -1.924  1.00 0.00 ? 38 PHE A HB2  1 
ATOM 608 H HB3  . PHE A 1 38 ? 0.314   -3.524  -1.261  1.00 0.00 ? 38 PHE A HB3  1 
ATOM 609 H HD1  . PHE A 1 38 ? -1.346  -2.352  -4.340  1.00 0.00 ? 38 PHE A HD1  1 
ATOM 610 H HD2  . PHE A 1 38 ? 1.738   -4.783  -2.709  1.00 0.00 ? 38 PHE A HD2  1 
ATOM 611 H HE1  . PHE A 1 38 ? -0.420  -2.673  -6.583  1.00 0.00 ? 38 PHE A HE1  1 
ATOM 612 H HE2  . PHE A 1 38 ? 2.667   -5.111  -4.960  1.00 0.00 ? 38 PHE A HE2  1 
ATOM 613 H HZ   . PHE A 1 38 ? 1.583   -4.062  -6.903  1.00 0.00 ? 38 PHE A HZ   1 
ATOM 614 N N    . LEU A 1 39 ? -0.078  -5.856  -1.051  1.00 0.00 ? 39 LEU A N    1 
ATOM 615 C CA   . LEU A 1 39 ? 0.516   -7.208  -0.983  1.00 0.00 ? 39 LEU A CA   1 
ATOM 616 C C    . LEU A 1 39 ? -0.440  -8.207  -0.335  1.00 0.00 ? 39 LEU A C    1 
ATOM 617 O O    . LEU A 1 39 ? -0.797  -9.200  -0.932  1.00 0.00 ? 39 LEU A O    1 
ATOM 618 C CB   . LEU A 1 39 ? 1.803   -7.109  -0.152  1.00 0.00 ? 39 LEU A CB   1 
ATOM 619 C CG   . LEU A 1 39 ? 2.417   -8.507  0.052   1.00 0.00 ? 39 LEU A CG   1 
ATOM 620 C CD1  . LEU A 1 39 ? 2.605   -9.203  -1.307  1.00 0.00 ? 39 LEU A CD1  1 
ATOM 621 C CD2  . LEU A 1 39 ? 3.783   -8.352  0.733   1.00 0.00 ? 39 LEU A CD2  1 
ATOM 622 H H    . LEU A 1 39 ? 0.301   -5.124  -0.521  1.00 0.00 ? 39 LEU A H    1 
ATOM 623 H HA   . LEU A 1 39 ? 0.752   -7.544  -1.981  1.00 0.00 ? 39 LEU A HA   1 
ATOM 624 H HB2  . LEU A 1 39 ? 2.513   -6.490  -0.680  1.00 0.00 ? 39 LEU A HB2  1 
ATOM 625 H HB3  . LEU A 1 39 ? 1.565   -6.687  0.813   1.00 0.00 ? 39 LEU A HB3  1 
ATOM 626 H HG   . LEU A 1 39 ? 1.747   -9.098  0.660   1.00 0.00 ? 39 LEU A HG   1 
ATOM 627 H HD11 . LEU A 1 39 ? 3.626   -9.052  -1.622  1.00 0.00 ? 39 LEU A HD11 1 
ATOM 628 H HD12 . LEU A 1 39 ? 1.940   -8.761  -2.035  1.00 0.00 ? 39 LEU A HD12 1 
ATOM 629 H HD13 . LEU A 1 39 ? 2.418   -10.261 -1.202  1.00 0.00 ? 39 LEU A HD13 1 
ATOM 630 H HD21 . LEU A 1 39 ? 3.787   -8.966  1.620   1.00 0.00 ? 39 LEU A HD21 1 
ATOM 631 H HD22 . LEU A 1 39 ? 3.930   -7.319  1.015   1.00 0.00 ? 39 LEU A HD22 1 
ATOM 632 H HD23 . LEU A 1 39 ? 4.561   -8.688  0.065   1.00 0.00 ? 39 LEU A HD23 1 
ATOM 633 N N    . ALA A 1 40 ? -0.842  -7.927  0.879   1.00 0.00 ? 40 ALA A N    1 
ATOM 634 C CA   . ALA A 1 40 ? -1.771  -8.854  1.567   1.00 0.00 ? 40 ALA A CA   1 
ATOM 635 C C    . ALA A 1 40 ? -2.919  -9.266  0.647   1.00 0.00 ? 40 ALA A C    1 
ATOM 636 O O    . ALA A 1 40 ? -3.861  -8.523  0.460   1.00 0.00 ? 40 ALA A O    1 
ATOM 637 C CB   . ALA A 1 40 ? -2.352  -8.136  2.793   1.00 0.00 ? 40 ALA A CB   1 
ATOM 638 H H    . ALA A 1 40 ? -0.533  -7.113  1.328   1.00 0.00 ? 40 ALA A H    1 
ATOM 639 H HA   . ALA A 1 40 ? -1.226  -9.728  1.888   1.00 0.00 ? 40 ALA A HA   1 
ATOM 640 H HB1  . ALA A 1 40 ? -2.056  -8.686  3.675   1.00 0.00 ? 40 ALA A HB1  1 
ATOM 641 H HB2  . ALA A 1 40 ? -3.430  -8.124  2.729   1.00 0.00 ? 40 ALA A HB2  1 
ATOM 642 H HB3  . ALA A 1 40 ? -1.952  -7.135  2.849   1.00 0.00 ? 40 ALA A HB3  1 
ATOM 643 N N    . GLY A 1 41 ? -2.816  -10.445 0.093   1.00 0.00 ? 41 GLY A N    1 
ATOM 644 C CA   . GLY A 1 41 ? -3.894  -10.926 -0.822  1.00 0.00 ? 41 GLY A CA   1 
ATOM 645 C C    . GLY A 1 41 ? -5.063  -11.504 -0.018  1.00 0.00 ? 41 GLY A C    1 
ATOM 646 O O    . GLY A 1 41 ? -5.866  -12.254 -0.538  1.00 0.00 ? 41 GLY A O    1 
ATOM 647 H H    . GLY A 1 41 ? -2.036  -11.011 0.277   1.00 0.00 ? 41 GLY A H    1 
ATOM 648 H HA2  . GLY A 1 41 ? -4.252  -10.089 -1.405  1.00 0.00 ? 41 GLY A HA2  1 
ATOM 649 H HA3  . GLY A 1 41 ? -3.491  -11.702 -1.454  1.00 0.00 ? 41 GLY A HA3  1 
ATOM 650 N N    . GLY A 1 42 ? -5.139  -11.139 1.235   1.00 0.00 ? 42 GLY A N    1 
ATOM 651 C CA   . GLY A 1 42 ? -6.252  -11.657 2.088   1.00 0.00 ? 42 GLY A CA   1 
ATOM 652 C C    . GLY A 1 42 ? -7.525  -10.841 1.853   1.00 0.00 ? 42 GLY A C    1 
ATOM 653 O O    . GLY A 1 42 ? -7.482  -9.766  1.290   1.00 0.00 ? 42 GLY A O    1 
ATOM 654 H H    . GLY A 1 42 ? -4.471  -10.531 1.613   1.00 0.00 ? 42 GLY A H    1 
ATOM 655 H HA2  . GLY A 1 42 ? -6.444  -12.686 1.822   1.00 0.00 ? 42 GLY A HA2  1 
ATOM 656 H HA3  . GLY A 1 42 ? -5.965  -11.565 3.124   1.00 0.00 ? 42 GLY A HA3  1 
ATOM 657 N N    . ALA A 1 43 ? -8.638  -11.370 2.298   1.00 0.00 ? 43 ALA A N    1 
ATOM 658 C CA   . ALA A 1 43 ? -9.921  -10.641 2.109   1.00 0.00 ? 43 ALA A CA   1 
ATOM 659 C C    . ALA A 1 43 ? -10.074 -9.533  3.147   1.00 0.00 ? 43 ALA A C    1 
ATOM 660 C CB   . ALA A 1 43 ? -11.071 -11.645 2.284   1.00 0.00 ? 43 ALA A CB   1 
ATOM 661 H H    . ALA A 1 43 ? -8.625  -12.240 2.751   1.00 0.00 ? 43 ALA A H    1 
ATOM 662 H HA   . ALA A 1 43 ? -9.952  -10.227 1.112   1.00 0.00 ? 43 ALA A HA   1 
ATOM 663 H HB1  . ALA A 1 43 ? -10.654 -12.574 2.643   1.00 0.00 ? 43 ALA A HB1  1 
ATOM 664 H HB2  . ALA A 1 43 ? -11.552 -11.816 1.332   1.00 0.00 ? 43 ALA A HB2  1 
ATOM 665 H HB3  . ALA A 1 43 ? -11.773 -11.267 3.012   1.00 0.00 ? 43 ALA A HB3  1 
# 
